data_6PBE
#
_entry.id   6PBE
#
_cell.length_a   1.00
_cell.length_b   1.00
_cell.length_c   1.00
_cell.angle_alpha   90.00
_cell.angle_beta   90.00
_cell.angle_gamma   90.00
#
_symmetry.space_group_name_H-M   'P 1'
#
loop_
_entity.id
_entity.type
_entity.pdbx_description
1 polymer 'Transient receptor potential cation channel subfamily V member 5'
2 non-polymer '(4-oxo-5-phenyl-3,4-dihydrothieno[2,3-d]pyrimidin-2-yl)methyl 3-(3-oxo-2,3-dihydro-4H-1,4-benzoxazin-4-yl)propanoate'
#
_entity_poly.entity_id   1
_entity_poly.type   'polypeptide(L)'
_entity_poly.pdbx_seq_one_letter_code
;MGACPPKAKGPWAQLQKLLISWPVGEQDWEQYRDRVNMLQQERIRDSPLLQAAKENDLRLLKILLLNQSCDFQQRGAVGE
TALHVAALYDNLEAATLLMEAAPELAKEPALCEPFVGQTALHIAVMNQNLNLVRALLARGASVSARATGAAFRRSPHNLI
YYGEHPLSFAACVGSEEIVRLLIEHGADIRAQDSLGNTVLHILILQPNKTFACQMYNLLLSYDEHSDHLQSLELVPNHQG
LTPFKLAGVEGNTVMFQHLMQKRKHVQWTCGPLTSTLYDLTEIDSWGEELSFLELVVSSKKREARQILEQTPVKELVSFK
WKKYGRPYFCVLASLYILYMICFTTCCIYRPLKLRDDNRTDPRDITILQQKLLQEAYVTHQDNIRLVGELVTVTGAVIIL
LLEIPDIFRVGASRYFGQTILGGPFHVIIITYASLVLLTMVMRLTNMNGEVVPLSFALVLGWCSVMYFARGFQMLGPFTI
MIQKMIFGDLMRFCWLMAVVILGFASAFHITFQTEDPNNLGEFSDYPTALFSTFELFLTIIDGPANYSVDLPFMYCITYA
AFAIIATLLMLNLFIAMMGDTHWRVAQERDELWRAQVVATTVMLERKMPRFLWPRSGICGYEYGLGDRWFLRVENHHDQN
PLRVLRYVEAFKCSDKEDGQEQLSEKRPSTVESGMLSRASVAFQTPSLSRTTSQSSNSHRGWEILRRNTLGHLNLGLDLG
EGDGEEVYHF
;
_entity_poly.pdbx_strand_id   A,B,C,D
#
loop_
_chem_comp.id
_chem_comp.type
_chem_comp.name
_chem_comp.formula
O6S non-polymer '(4-oxo-5-phenyl-3,4-dihydrothieno[2,3-d]pyrimidin-2-yl)methyl 3-(3-oxo-2,3-dihydro-4H-1,4-benzoxazin-4-yl)propanoate' 'C24 H19 N3 O5 S'
#
# COMPACT_ATOMS: atom_id res chain seq x y z
N TRP A 29 -20.69 -29.08 -30.18
CA TRP A 29 -19.80 -28.95 -29.03
C TRP A 29 -20.35 -27.84 -28.13
N GLU A 30 -20.48 -26.64 -28.69
CA GLU A 30 -21.19 -25.54 -28.05
C GLU A 30 -22.32 -25.04 -28.92
N GLN A 31 -22.08 -24.79 -30.21
CA GLN A 31 -23.12 -24.31 -31.11
C GLN A 31 -24.14 -25.39 -31.43
N TYR A 32 -23.77 -26.66 -31.24
CA TYR A 32 -24.72 -27.76 -31.40
C TYR A 32 -25.84 -27.70 -30.37
N ARG A 33 -25.55 -27.16 -29.19
CA ARG A 33 -26.58 -26.99 -28.17
C ARG A 33 -27.63 -25.98 -28.60
N ASP A 34 -27.20 -24.86 -29.18
CA ASP A 34 -28.15 -23.88 -29.70
C ASP A 34 -28.92 -24.46 -30.89
N ARG A 35 -28.22 -25.24 -31.72
CA ARG A 35 -28.85 -25.88 -32.88
C ARG A 35 -29.93 -26.88 -32.48
N VAL A 36 -29.77 -27.54 -31.33
CA VAL A 36 -30.82 -28.47 -30.91
C VAL A 36 -31.90 -27.77 -30.09
N ASN A 37 -31.57 -26.71 -29.34
CA ASN A 37 -32.60 -26.05 -28.54
C ASN A 37 -33.53 -25.22 -29.39
N MET A 38 -33.00 -24.58 -30.45
CA MET A 38 -33.88 -23.88 -31.36
C MET A 38 -34.77 -24.83 -32.14
N LEU A 39 -34.27 -26.03 -32.45
CA LEU A 39 -35.10 -27.02 -33.15
C LEU A 39 -36.21 -27.52 -32.25
N GLN A 40 -35.91 -27.75 -30.98
CA GLN A 40 -36.95 -28.18 -30.03
C GLN A 40 -38.00 -27.09 -29.83
N GLN A 41 -37.56 -25.83 -29.72
CA GLN A 41 -38.52 -24.74 -29.53
C GLN A 41 -39.34 -24.48 -30.79
N GLU A 42 -38.76 -24.68 -31.97
CA GLU A 42 -39.50 -24.53 -33.21
C GLU A 42 -40.55 -25.63 -33.37
N ARG A 43 -40.20 -26.86 -32.97
CA ARG A 43 -41.18 -27.94 -33.05
C ARG A 43 -42.31 -27.72 -32.05
N ILE A 44 -41.99 -27.19 -30.86
CA ILE A 44 -43.02 -26.87 -29.87
C ILE A 44 -43.93 -25.76 -30.39
N ARG A 45 -43.35 -24.75 -31.04
CA ARG A 45 -44.15 -23.66 -31.61
C ARG A 45 -45.00 -24.16 -32.78
N ASP A 46 -44.54 -25.17 -33.51
CA ASP A 46 -45.28 -25.61 -34.68
C ASP A 46 -46.40 -26.58 -34.33
N SER A 47 -46.19 -27.49 -33.37
CA SER A 47 -47.20 -28.50 -33.11
C SER A 47 -48.32 -27.93 -32.26
N PRO A 48 -49.59 -28.15 -32.64
CA PRO A 48 -50.69 -27.43 -31.97
C PRO A 48 -51.01 -27.95 -30.58
N LEU A 49 -50.96 -29.26 -30.37
CA LEU A 49 -51.25 -29.82 -29.06
C LEU A 49 -50.17 -29.44 -28.05
N LEU A 50 -48.90 -29.48 -28.47
CA LEU A 50 -47.82 -29.04 -27.60
C LEU A 50 -47.86 -27.54 -27.37
N GLN A 51 -48.32 -26.77 -28.35
CA GLN A 51 -48.47 -25.33 -28.15
C GLN A 51 -49.58 -25.02 -27.15
N ALA A 52 -50.68 -25.79 -27.20
CA ALA A 52 -51.75 -25.61 -26.22
C ALA A 52 -51.30 -26.03 -24.83
N ALA A 53 -50.50 -27.09 -24.74
CA ALA A 53 -49.96 -27.51 -23.45
C ALA A 53 -48.94 -26.51 -22.92
N LYS A 54 -48.27 -25.78 -23.81
CA LYS A 54 -47.38 -24.71 -23.38
C LYS A 54 -48.18 -23.51 -22.87
N GLU A 55 -49.24 -23.14 -23.58
CA GLU A 55 -50.01 -21.95 -23.24
C GLU A 55 -51.00 -22.17 -22.11
N ASN A 56 -51.21 -23.42 -21.69
CA ASN A 56 -52.13 -23.81 -20.59
C ASN A 56 -53.56 -23.41 -20.93
N ASP A 57 -54.06 -23.98 -22.01
CA ASP A 57 -55.45 -23.82 -22.41
C ASP A 57 -56.29 -24.88 -21.69
N LEU A 58 -57.60 -24.71 -21.75
CA LEU A 58 -58.52 -25.73 -21.26
C LEU A 58 -59.45 -26.27 -22.33
N ARG A 59 -60.05 -25.40 -23.14
CA ARG A 59 -60.99 -25.87 -24.14
C ARG A 59 -60.28 -26.56 -25.30
N LEU A 60 -59.04 -26.16 -25.59
CA LEU A 60 -58.30 -26.80 -26.67
C LEU A 60 -57.86 -28.21 -26.27
N LEU A 61 -57.43 -28.39 -25.03
CA LEU A 61 -57.13 -29.74 -24.56
C LEU A 61 -58.38 -30.59 -24.44
N LYS A 62 -59.52 -29.97 -24.09
CA LYS A 62 -60.77 -30.71 -24.02
C LYS A 62 -61.23 -31.19 -25.39
N ILE A 63 -61.10 -30.35 -26.43
CA ILE A 63 -61.55 -30.78 -27.75
C ILE A 63 -60.53 -31.75 -28.36
N LEU A 64 -59.23 -31.60 -28.07
CA LEU A 64 -58.25 -32.55 -28.57
C LEU A 64 -58.28 -33.87 -27.83
N LEU A 65 -58.82 -33.90 -26.62
CA LEU A 65 -59.05 -35.17 -25.94
C LEU A 65 -60.36 -35.81 -26.33
N LEU A 66 -61.38 -35.01 -26.64
CA LEU A 66 -62.66 -35.56 -27.06
C LEU A 66 -62.57 -36.13 -28.47
N ASN A 67 -61.94 -35.41 -29.39
CA ASN A 67 -61.70 -35.92 -30.73
C ASN A 67 -60.60 -36.97 -30.65
N GLN A 68 -60.99 -38.24 -30.56
CA GLN A 68 -60.05 -39.33 -30.32
C GLN A 68 -59.21 -39.69 -31.54
N SER A 69 -59.44 -39.07 -32.70
CA SER A 69 -58.64 -39.37 -33.88
C SER A 69 -57.23 -38.80 -33.78
N CYS A 70 -57.03 -37.77 -32.97
CA CYS A 70 -55.71 -37.17 -32.82
C CYS A 70 -54.80 -38.08 -32.00
N ASP A 71 -53.54 -38.15 -32.41
CA ASP A 71 -52.55 -38.99 -31.74
C ASP A 71 -51.97 -38.25 -30.56
N PHE A 72 -51.73 -38.98 -29.47
CA PHE A 72 -51.22 -38.40 -28.23
C PHE A 72 -49.79 -38.81 -27.92
N GLN A 73 -49.26 -39.83 -28.60
CA GLN A 73 -47.89 -40.28 -28.38
C GLN A 73 -46.90 -39.63 -29.35
N GLN A 74 -47.29 -38.53 -29.98
CA GLN A 74 -46.45 -37.91 -31.00
C GLN A 74 -45.22 -37.26 -30.38
N ARG A 75 -44.09 -37.39 -31.09
CA ARG A 75 -42.80 -36.94 -30.59
C ARG A 75 -42.39 -35.64 -31.28
N GLY A 76 -41.72 -34.78 -30.51
CA GLY A 76 -41.20 -33.53 -31.05
C GLY A 76 -39.82 -33.69 -31.67
N ALA A 77 -38.92 -32.74 -31.37
CA ALA A 77 -37.58 -32.80 -31.93
C ALA A 77 -36.69 -33.75 -31.12
N VAL A 78 -36.44 -33.42 -29.85
CA VAL A 78 -35.68 -34.31 -28.99
C VAL A 78 -36.63 -35.00 -28.01
N GLY A 79 -37.13 -36.16 -28.43
CA GLY A 79 -38.03 -37.03 -27.68
C GLY A 79 -39.20 -36.37 -26.97
N GLU A 80 -39.71 -35.28 -27.54
CA GLU A 80 -40.54 -34.34 -26.79
C GLU A 80 -41.95 -34.90 -26.67
N THR A 81 -42.25 -35.40 -25.48
CA THR A 81 -43.59 -35.88 -25.15
C THR A 81 -44.41 -34.70 -24.62
N ALA A 82 -45.73 -34.81 -24.77
CA ALA A 82 -46.62 -33.76 -24.28
C ALA A 82 -46.57 -33.64 -22.76
N LEU A 83 -46.35 -34.75 -22.05
CA LEU A 83 -46.14 -34.68 -20.62
C LEU A 83 -44.84 -33.98 -20.26
N HIS A 84 -43.80 -34.17 -21.09
CA HIS A 84 -42.54 -33.46 -20.89
C HIS A 84 -42.70 -31.96 -21.07
N VAL A 85 -43.41 -31.54 -22.13
CA VAL A 85 -43.55 -30.10 -22.35
C VAL A 85 -44.57 -29.50 -21.37
N ALA A 86 -45.45 -30.31 -20.79
CA ALA A 86 -46.28 -29.80 -19.70
C ALA A 86 -45.46 -29.59 -18.43
N ALA A 87 -44.60 -30.57 -18.09
CA ALA A 87 -43.85 -30.47 -16.85
C ALA A 87 -42.72 -29.45 -16.95
N LEU A 88 -42.24 -29.16 -18.15
CA LEU A 88 -41.15 -28.20 -18.29
C LEU A 88 -41.62 -26.77 -18.04
N TYR A 89 -42.86 -26.45 -18.41
CA TYR A 89 -43.43 -25.13 -18.18
C TYR A 89 -44.45 -25.13 -17.04
N ASP A 90 -44.55 -26.24 -16.29
CA ASP A 90 -45.27 -26.32 -15.01
C ASP A 90 -46.77 -26.05 -15.20
N ASN A 91 -47.40 -26.94 -15.97
CA ASN A 91 -48.84 -26.87 -16.24
C ASN A 91 -49.49 -28.08 -15.55
N LEU A 92 -49.91 -27.85 -14.30
CA LEU A 92 -50.46 -28.93 -13.48
C LEU A 92 -51.80 -29.42 -14.03
N GLU A 93 -52.68 -28.50 -14.42
CA GLU A 93 -53.98 -28.88 -14.95
C GLU A 93 -53.85 -29.64 -16.27
N ALA A 94 -52.94 -29.18 -17.14
CA ALA A 94 -52.72 -29.87 -18.41
C ALA A 94 -52.13 -31.26 -18.19
N ALA A 95 -51.22 -31.40 -17.21
CA ALA A 95 -50.62 -32.70 -16.94
C ALA A 95 -51.63 -33.67 -16.35
N THR A 96 -52.49 -33.21 -15.43
CA THR A 96 -53.51 -34.09 -14.88
C THR A 96 -54.55 -34.48 -15.91
N LEU A 97 -54.96 -33.54 -16.77
CA LEU A 97 -55.90 -33.88 -17.84
C LEU A 97 -55.27 -34.82 -18.85
N LEU A 98 -53.96 -34.70 -19.08
CA LEU A 98 -53.27 -35.58 -20.00
C LEU A 98 -53.18 -37.00 -19.45
N MET A 99 -52.88 -37.15 -18.16
CA MET A 99 -52.80 -38.50 -17.61
C MET A 99 -54.18 -39.13 -17.42
N GLU A 100 -55.22 -38.33 -17.14
CA GLU A 100 -56.56 -38.91 -17.13
C GLU A 100 -57.14 -39.12 -18.53
N ALA A 101 -56.54 -38.54 -19.57
CA ALA A 101 -56.96 -38.86 -20.93
C ALA A 101 -56.25 -40.11 -21.45
N ALA A 102 -54.93 -40.18 -21.28
CA ALA A 102 -54.15 -41.34 -21.68
C ALA A 102 -52.96 -41.48 -20.75
N PRO A 103 -52.98 -42.43 -19.82
CA PRO A 103 -51.92 -42.54 -18.81
C PRO A 103 -50.71 -43.36 -19.23
N GLU A 104 -50.53 -43.63 -20.53
CA GLU A 104 -49.44 -44.47 -21.02
C GLU A 104 -48.28 -43.64 -21.56
N LEU A 105 -48.00 -42.49 -20.94
CA LEU A 105 -46.99 -41.56 -21.43
C LEU A 105 -45.92 -41.25 -20.39
N ALA A 106 -45.93 -41.94 -19.25
CA ALA A 106 -44.99 -41.68 -18.18
C ALA A 106 -43.77 -42.60 -18.19
N LYS A 107 -43.92 -43.82 -18.69
CA LYS A 107 -42.85 -44.80 -18.69
C LYS A 107 -42.04 -44.82 -19.98
N GLU A 108 -42.19 -43.80 -20.83
CA GLU A 108 -41.49 -43.74 -22.09
C GLU A 108 -40.51 -42.57 -22.08
N PRO A 109 -39.21 -42.81 -22.13
CA PRO A 109 -38.25 -41.71 -22.13
C PRO A 109 -38.00 -41.15 -23.52
N ALA A 110 -37.08 -40.20 -23.62
CA ALA A 110 -36.69 -39.65 -24.92
C ALA A 110 -35.70 -40.58 -25.60
N LEU A 111 -35.28 -40.23 -26.81
CA LEU A 111 -34.33 -41.07 -27.54
C LEU A 111 -33.27 -40.31 -28.33
N CYS A 112 -33.28 -38.98 -28.35
CA CYS A 112 -32.32 -38.24 -29.16
C CYS A 112 -31.09 -37.88 -28.34
N GLU A 113 -30.19 -37.09 -28.92
CA GLU A 113 -28.80 -37.07 -28.45
C GLU A 113 -28.55 -36.26 -27.16
N PRO A 114 -28.94 -34.98 -27.01
CA PRO A 114 -28.51 -34.27 -25.80
C PRO A 114 -29.27 -34.65 -24.54
N PHE A 115 -30.48 -35.17 -24.67
CA PHE A 115 -31.33 -35.53 -23.53
C PHE A 115 -31.83 -36.95 -23.78
N VAL A 116 -31.04 -37.93 -23.37
CA VAL A 116 -31.32 -39.31 -23.76
C VAL A 116 -32.40 -39.92 -22.88
N GLY A 117 -32.13 -40.05 -21.58
CA GLY A 117 -33.04 -40.78 -20.73
C GLY A 117 -33.87 -39.89 -19.82
N GLN A 118 -34.25 -38.72 -20.31
CA GLN A 118 -35.02 -37.80 -19.50
C GLN A 118 -36.46 -38.27 -19.36
N THR A 119 -37.05 -37.99 -18.19
CA THR A 119 -38.42 -38.39 -17.91
C THR A 119 -39.18 -37.20 -17.34
N ALA A 120 -40.51 -37.33 -17.37
CA ALA A 120 -41.38 -36.34 -16.74
C ALA A 120 -41.16 -36.30 -15.24
N LEU A 121 -40.82 -37.44 -14.64
CA LEU A 121 -40.47 -37.48 -13.22
C LEU A 121 -39.18 -36.72 -12.96
N HIS A 122 -38.20 -36.84 -13.87
CA HIS A 122 -36.93 -36.13 -13.74
C HIS A 122 -37.13 -34.62 -13.78
N ILE A 123 -37.85 -34.12 -14.79
CA ILE A 123 -38.03 -32.69 -14.87
C ILE A 123 -39.01 -32.18 -13.80
N ALA A 124 -39.92 -33.01 -13.31
CA ALA A 124 -40.78 -32.59 -12.22
C ALA A 124 -40.02 -32.47 -10.90
N VAL A 125 -39.14 -33.42 -10.61
CA VAL A 125 -38.40 -33.33 -9.35
C VAL A 125 -37.32 -32.27 -9.46
N MET A 126 -36.86 -31.92 -10.67
CA MET A 126 -36.00 -30.75 -10.78
C MET A 126 -36.79 -29.46 -10.62
N ASN A 127 -38.01 -29.38 -11.15
CA ASN A 127 -38.81 -28.17 -11.07
C ASN A 127 -39.45 -27.95 -9.70
N GLN A 128 -39.42 -28.98 -8.84
CA GLN A 128 -39.76 -28.89 -7.41
C GLN A 128 -41.22 -28.47 -7.20
N ASN A 129 -42.12 -29.38 -7.60
CA ASN A 129 -43.52 -29.31 -7.20
C ASN A 129 -43.95 -30.67 -6.69
N LEU A 130 -44.50 -30.69 -5.47
CA LEU A 130 -44.83 -31.96 -4.83
C LEU A 130 -46.05 -32.62 -5.47
N ASN A 131 -47.02 -31.82 -5.92
CA ASN A 131 -48.28 -32.36 -6.39
C ASN A 131 -48.13 -33.13 -7.70
N LEU A 132 -47.31 -32.62 -8.61
CA LEU A 132 -47.10 -33.30 -9.89
C LEU A 132 -46.30 -34.58 -9.70
N VAL A 133 -45.36 -34.59 -8.75
CA VAL A 133 -44.61 -35.81 -8.46
C VAL A 133 -45.51 -36.85 -7.80
N ARG A 134 -46.43 -36.40 -6.93
CA ARG A 134 -47.40 -37.31 -6.34
C ARG A 134 -48.35 -37.87 -7.39
N ALA A 135 -48.75 -37.05 -8.35
CA ALA A 135 -49.62 -37.51 -9.42
C ALA A 135 -48.91 -38.50 -10.34
N LEU A 136 -47.63 -38.25 -10.64
CA LEU A 136 -46.87 -39.18 -11.48
C LEU A 136 -46.61 -40.49 -10.77
N LEU A 137 -46.35 -40.46 -9.45
CA LEU A 137 -46.16 -41.69 -8.72
C LEU A 137 -47.47 -42.43 -8.50
N ALA A 138 -48.60 -41.74 -8.48
CA ALA A 138 -49.89 -42.42 -8.44
C ALA A 138 -50.26 -43.00 -9.81
N ARG A 139 -49.78 -42.40 -10.89
CA ARG A 139 -50.07 -42.88 -12.23
C ARG A 139 -49.09 -43.93 -12.73
N GLY A 140 -48.31 -44.53 -11.84
CA GLY A 140 -47.43 -45.62 -12.21
C GLY A 140 -46.22 -45.21 -13.01
N ALA A 141 -45.32 -44.43 -12.40
CA ALA A 141 -44.07 -44.03 -13.03
C ALA A 141 -42.91 -44.67 -12.30
N SER A 142 -41.98 -45.26 -13.05
CA SER A 142 -40.83 -45.91 -12.45
C SER A 142 -39.83 -44.87 -11.96
N VAL A 143 -39.08 -45.23 -10.92
CA VAL A 143 -38.17 -44.31 -10.25
C VAL A 143 -36.71 -44.66 -10.48
N SER A 144 -36.42 -45.67 -11.31
CA SER A 144 -35.05 -46.05 -11.60
C SER A 144 -34.73 -45.87 -13.08
N ALA A 145 -35.38 -44.90 -13.72
CA ALA A 145 -35.06 -44.58 -15.11
C ALA A 145 -33.77 -43.77 -15.16
N ARG A 146 -32.81 -44.23 -15.96
CA ARG A 146 -31.51 -43.59 -16.02
C ARG A 146 -31.44 -42.62 -17.18
N ALA A 147 -30.65 -41.56 -16.99
CA ALA A 147 -30.48 -40.50 -17.99
C ALA A 147 -29.00 -40.35 -18.30
N THR A 148 -28.60 -40.83 -19.48
CA THR A 148 -27.20 -40.85 -19.89
C THR A 148 -27.02 -40.16 -21.25
N GLY A 149 -26.84 -38.84 -21.22
CA GLY A 149 -26.61 -38.06 -22.40
C GLY A 149 -25.49 -37.06 -22.19
N ALA A 150 -25.62 -35.91 -22.83
CA ALA A 150 -24.67 -34.82 -22.65
C ALA A 150 -25.19 -33.75 -21.71
N ALA A 151 -26.45 -33.83 -21.29
CA ALA A 151 -27.00 -32.87 -20.34
C ALA A 151 -26.54 -33.18 -18.93
N PHE A 152 -26.85 -34.37 -18.44
CA PHE A 152 -26.55 -34.77 -17.06
C PHE A 152 -25.26 -35.59 -17.03
N ARG A 153 -24.14 -34.88 -17.18
CA ARG A 153 -22.85 -35.52 -17.25
C ARG A 153 -21.79 -34.54 -16.78
N ARG A 154 -20.87 -35.02 -15.96
CA ARG A 154 -19.81 -34.19 -15.38
C ARG A 154 -18.89 -33.70 -16.48
N SER A 155 -19.00 -32.41 -16.80
CA SER A 155 -18.20 -31.79 -17.86
C SER A 155 -18.19 -30.30 -17.62
N PRO A 156 -17.13 -29.59 -17.99
CA PRO A 156 -17.08 -28.14 -17.74
C PRO A 156 -18.00 -27.31 -18.64
N HIS A 157 -18.56 -27.89 -19.70
CA HIS A 157 -19.44 -27.11 -20.57
C HIS A 157 -20.83 -26.98 -19.96
N ASN A 158 -21.36 -28.05 -19.37
CA ASN A 158 -22.63 -27.96 -18.67
C ASN A 158 -22.44 -27.24 -17.34
N LEU A 159 -23.45 -26.46 -16.96
CA LEU A 159 -23.31 -25.62 -15.77
C LEU A 159 -23.41 -26.43 -14.48
N ILE A 160 -24.34 -27.37 -14.41
CA ILE A 160 -24.60 -28.09 -13.17
C ILE A 160 -24.41 -29.59 -13.41
N TYR A 161 -24.06 -30.28 -12.33
CA TYR A 161 -24.03 -31.74 -12.27
C TYR A 161 -24.95 -32.16 -11.14
N TYR A 162 -26.09 -32.77 -11.48
CA TYR A 162 -27.05 -33.19 -10.49
C TYR A 162 -27.10 -34.69 -10.29
N GLY A 163 -26.59 -35.47 -11.22
CA GLY A 163 -26.62 -36.92 -11.15
C GLY A 163 -27.45 -37.51 -12.27
N GLU A 164 -27.67 -38.82 -12.17
CA GLU A 164 -28.35 -39.57 -13.23
C GLU A 164 -29.47 -40.42 -12.65
N HIS A 165 -30.12 -39.95 -11.59
CA HIS A 165 -31.19 -40.70 -10.95
C HIS A 165 -32.10 -39.72 -10.24
N PRO A 166 -33.39 -40.05 -10.07
CA PRO A 166 -34.31 -39.09 -9.43
C PRO A 166 -34.01 -38.83 -7.97
N LEU A 167 -33.51 -39.82 -7.23
CA LEU A 167 -33.13 -39.60 -5.85
C LEU A 167 -31.91 -38.69 -5.75
N SER A 168 -30.97 -38.85 -6.68
CA SER A 168 -29.83 -37.94 -6.76
C SER A 168 -30.29 -36.53 -7.10
N PHE A 169 -31.30 -36.41 -7.97
CA PHE A 169 -31.86 -35.11 -8.33
C PHE A 169 -32.48 -34.42 -7.12
N ALA A 170 -33.31 -35.14 -6.37
CA ALA A 170 -34.01 -34.57 -5.22
C ALA A 170 -33.03 -34.22 -4.11
N ALA A 171 -32.15 -35.15 -3.75
CA ALA A 171 -31.20 -34.89 -2.68
C ALA A 171 -30.13 -33.90 -3.07
N CYS A 172 -29.90 -33.68 -4.37
CA CYS A 172 -28.93 -32.69 -4.78
C CYS A 172 -29.53 -31.30 -4.84
N VAL A 173 -30.78 -31.17 -5.27
CA VAL A 173 -31.42 -29.85 -5.25
C VAL A 173 -31.79 -29.46 -3.82
N GLY A 174 -31.95 -30.43 -2.92
CA GLY A 174 -32.12 -30.13 -1.52
C GLY A 174 -33.56 -30.08 -1.04
N SER A 175 -34.44 -30.92 -1.57
CA SER A 175 -35.81 -30.93 -1.09
C SER A 175 -35.91 -31.75 0.19
N GLU A 176 -37.06 -31.65 0.83
CA GLU A 176 -37.27 -32.28 2.13
C GLU A 176 -38.34 -33.35 2.13
N GLU A 177 -39.44 -33.14 1.40
CA GLU A 177 -40.57 -34.06 1.41
C GLU A 177 -40.68 -34.86 0.12
N ILE A 178 -39.64 -34.80 -0.72
CA ILE A 178 -39.57 -35.66 -1.90
C ILE A 178 -38.66 -36.85 -1.67
N VAL A 179 -37.64 -36.72 -0.82
CA VAL A 179 -36.68 -37.80 -0.60
C VAL A 179 -37.34 -38.96 0.15
N ARG A 180 -38.23 -38.68 1.11
CA ARG A 180 -38.95 -39.75 1.78
C ARG A 180 -39.98 -40.38 0.86
N LEU A 181 -40.65 -39.55 0.06
CA LEU A 181 -41.67 -40.02 -0.88
C LEU A 181 -41.08 -40.88 -1.98
N LEU A 182 -39.80 -40.70 -2.30
CA LEU A 182 -39.14 -41.57 -3.26
C LEU A 182 -38.50 -42.79 -2.62
N ILE A 183 -37.91 -42.65 -1.42
CA ILE A 183 -37.25 -43.79 -0.81
C ILE A 183 -38.27 -44.82 -0.30
N GLU A 184 -39.44 -44.37 0.13
CA GLU A 184 -40.46 -45.34 0.56
C GLU A 184 -41.09 -46.09 -0.60
N HIS A 185 -40.85 -45.66 -1.84
CA HIS A 185 -41.17 -46.45 -3.01
C HIS A 185 -39.96 -47.22 -3.55
N GLY A 186 -38.88 -47.28 -2.77
CA GLY A 186 -37.73 -48.09 -3.12
C GLY A 186 -36.87 -47.57 -4.25
N ALA A 187 -36.54 -46.27 -4.23
CA ALA A 187 -35.81 -45.65 -5.33
C ALA A 187 -34.31 -45.60 -5.10
N ASP A 188 -33.71 -46.74 -4.74
CA ASP A 188 -32.27 -47.01 -4.85
C ASP A 188 -31.44 -46.00 -4.01
N ILE A 189 -31.58 -46.14 -2.69
CA ILE A 189 -30.78 -45.33 -1.75
C ILE A 189 -29.29 -45.57 -1.94
N ARG A 190 -28.90 -46.79 -2.29
CA ARG A 190 -27.53 -47.12 -2.67
C ARG A 190 -27.53 -47.40 -4.17
N ALA A 191 -27.41 -46.34 -4.96
CA ALA A 191 -27.50 -46.42 -6.41
C ALA A 191 -26.13 -46.30 -7.05
N GLN A 192 -26.09 -46.55 -8.35
CA GLN A 192 -24.88 -46.34 -9.13
C GLN A 192 -25.28 -45.70 -10.46
N ASP A 193 -24.32 -45.00 -11.06
CA ASP A 193 -24.56 -44.27 -12.29
C ASP A 193 -23.26 -44.23 -13.09
N SER A 194 -23.20 -43.32 -14.06
CA SER A 194 -21.99 -43.15 -14.84
C SER A 194 -20.87 -42.58 -13.98
N LEU A 195 -19.64 -42.96 -14.32
CA LEU A 195 -18.39 -42.74 -13.58
C LEU A 195 -18.39 -43.34 -12.18
N GLY A 196 -19.34 -44.24 -11.87
CA GLY A 196 -19.33 -44.99 -10.63
C GLY A 196 -19.69 -44.23 -9.36
N ASN A 197 -20.23 -43.02 -9.45
CA ASN A 197 -20.53 -42.24 -8.26
C ASN A 197 -21.77 -42.77 -7.54
N THR A 198 -22.15 -42.11 -6.45
CA THR A 198 -23.45 -42.34 -5.82
C THR A 198 -23.94 -41.02 -5.25
N VAL A 199 -25.03 -41.09 -4.47
CA VAL A 199 -25.72 -39.88 -4.03
C VAL A 199 -24.90 -39.12 -3.01
N LEU A 200 -24.02 -39.79 -2.25
CA LEU A 200 -23.17 -39.07 -1.32
C LEU A 200 -22.07 -38.30 -2.04
N HIS A 201 -21.51 -38.89 -3.11
CA HIS A 201 -20.54 -38.17 -3.93
C HIS A 201 -21.20 -36.99 -4.64
N ILE A 202 -22.46 -37.15 -5.05
CA ILE A 202 -23.17 -36.06 -5.70
C ILE A 202 -23.46 -34.94 -4.70
N LEU A 203 -23.77 -35.28 -3.45
CA LEU A 203 -23.99 -34.26 -2.44
C LEU A 203 -22.69 -33.60 -2.00
N ILE A 204 -21.56 -34.30 -2.12
CA ILE A 204 -20.29 -33.69 -1.79
C ILE A 204 -19.86 -32.72 -2.89
N LEU A 205 -20.09 -33.06 -4.16
CA LEU A 205 -19.75 -32.17 -5.27
C LEU A 205 -20.81 -31.08 -5.48
N GLN A 206 -21.00 -30.23 -4.47
CA GLN A 206 -22.01 -29.20 -4.53
C GLN A 206 -21.48 -27.94 -3.86
N PRO A 207 -21.82 -26.75 -4.38
CA PRO A 207 -21.33 -25.49 -3.80
C PRO A 207 -22.23 -24.80 -2.80
N ASN A 208 -23.33 -25.42 -2.34
CA ASN A 208 -24.19 -24.78 -1.36
C ASN A 208 -23.78 -25.12 0.07
N LYS A 209 -23.84 -26.40 0.41
CA LYS A 209 -23.32 -27.10 1.59
C LYS A 209 -24.07 -26.81 2.89
N THR A 210 -24.87 -25.75 2.94
CA THR A 210 -25.55 -25.43 4.18
C THR A 210 -26.95 -26.06 4.24
N PHE A 211 -27.63 -26.15 3.11
CA PHE A 211 -28.81 -26.99 2.98
C PHE A 211 -28.47 -28.34 2.37
N ALA A 212 -27.18 -28.69 2.34
CA ALA A 212 -26.74 -30.01 1.93
C ALA A 212 -26.14 -30.82 3.07
N CYS A 213 -25.65 -30.18 4.13
CA CYS A 213 -25.23 -30.91 5.32
C CYS A 213 -26.38 -31.70 5.94
N GLN A 214 -27.57 -31.10 6.03
CA GLN A 214 -28.71 -31.80 6.58
C GLN A 214 -29.19 -32.92 5.68
N MET A 215 -29.06 -32.74 4.36
CA MET A 215 -29.46 -33.79 3.42
C MET A 215 -28.53 -34.98 3.51
N TYR A 216 -27.22 -34.74 3.59
CA TYR A 216 -26.26 -35.82 3.77
C TYR A 216 -26.48 -36.53 5.09
N ASN A 217 -26.84 -35.78 6.14
CA ASN A 217 -27.10 -36.39 7.44
C ASN A 217 -28.36 -37.26 7.41
N LEU A 218 -29.40 -36.80 6.70
CA LEU A 218 -30.63 -37.59 6.62
C LEU A 218 -30.44 -38.86 5.80
N LEU A 219 -29.66 -38.78 4.71
CA LEU A 219 -29.44 -39.99 3.92
C LEU A 219 -28.52 -40.97 4.63
N LEU A 220 -27.56 -40.46 5.41
CA LEU A 220 -26.75 -41.36 6.23
C LEU A 220 -27.56 -41.93 7.40
N SER A 221 -28.60 -41.22 7.85
CA SER A 221 -29.49 -41.79 8.84
C SER A 221 -30.38 -42.87 8.23
N TYR A 222 -30.73 -42.73 6.95
CA TYR A 222 -31.51 -43.78 6.30
C TYR A 222 -30.67 -45.02 6.02
N ASP A 223 -29.41 -44.84 5.64
CA ASP A 223 -28.52 -46.01 5.51
C ASP A 223 -27.07 -45.66 5.80
N GLN A 230 -19.73 -52.09 5.40
CA GLN A 230 -19.57 -51.44 4.11
C GLN A 230 -20.91 -51.29 3.43
N SER A 231 -21.71 -50.33 3.88
CA SER A 231 -23.04 -50.12 3.32
C SER A 231 -23.09 -48.96 2.34
N LEU A 232 -22.79 -47.74 2.79
CA LEU A 232 -22.84 -46.59 1.90
C LEU A 232 -21.68 -45.63 2.07
N GLU A 233 -20.93 -45.70 3.17
CA GLU A 233 -19.84 -44.77 3.40
C GLU A 233 -18.51 -45.28 2.90
N LEU A 234 -18.26 -46.58 3.01
CA LEU A 234 -16.99 -47.16 2.64
C LEU A 234 -16.96 -47.64 1.19
N VAL A 235 -17.84 -47.11 0.34
CA VAL A 235 -17.95 -47.58 -1.04
C VAL A 235 -17.08 -46.73 -1.96
N PRO A 236 -16.36 -47.33 -2.91
CA PRO A 236 -15.61 -46.54 -3.87
C PRO A 236 -16.36 -46.31 -5.17
N ASN A 237 -15.90 -45.31 -5.91
CA ASN A 237 -16.43 -45.01 -7.23
C ASN A 237 -15.61 -45.76 -8.28
N HIS A 238 -15.79 -45.41 -9.55
CA HIS A 238 -15.00 -46.04 -10.60
C HIS A 238 -13.55 -45.55 -10.59
N GLN A 239 -13.31 -44.32 -10.16
CA GLN A 239 -11.95 -43.81 -10.09
C GLN A 239 -11.22 -44.30 -8.86
N GLY A 240 -11.95 -44.75 -7.83
CA GLY A 240 -11.33 -45.18 -6.60
C GLY A 240 -11.31 -44.09 -5.56
N LEU A 241 -12.46 -43.48 -5.31
CA LEU A 241 -12.58 -42.37 -4.36
C LEU A 241 -13.73 -42.68 -3.41
N THR A 242 -13.37 -43.13 -2.20
CA THR A 242 -14.30 -43.15 -1.07
C THR A 242 -14.74 -41.71 -0.80
N PRO A 243 -15.99 -41.49 -0.35
CA PRO A 243 -16.50 -40.11 -0.20
C PRO A 243 -15.73 -39.25 0.79
N PHE A 244 -15.02 -39.84 1.75
CA PHE A 244 -14.12 -39.03 2.57
C PHE A 244 -12.96 -38.49 1.74
N LYS A 245 -12.37 -39.34 0.89
CA LYS A 245 -11.29 -38.86 0.03
C LYS A 245 -11.80 -37.93 -1.06
N LEU A 246 -13.08 -38.04 -1.44
CA LEU A 246 -13.64 -37.06 -2.37
C LEU A 246 -13.85 -35.71 -1.69
N ALA A 247 -14.27 -35.73 -0.42
CA ALA A 247 -14.32 -34.50 0.38
C ALA A 247 -12.96 -33.86 0.48
N GLY A 248 -11.93 -34.68 0.65
CA GLY A 248 -10.56 -34.21 0.56
C GLY A 248 -10.18 -33.58 -0.76
N VAL A 249 -10.30 -34.32 -1.87
CA VAL A 249 -9.83 -33.85 -3.16
C VAL A 249 -10.68 -32.72 -3.73
N GLU A 250 -11.90 -32.52 -3.22
CA GLU A 250 -12.70 -31.38 -3.65
C GLU A 250 -12.61 -30.20 -2.69
N GLY A 251 -12.14 -30.40 -1.47
CA GLY A 251 -11.79 -29.29 -0.60
C GLY A 251 -12.92 -28.61 0.11
N ASN A 252 -14.09 -29.25 0.21
CA ASN A 252 -15.22 -28.64 0.90
C ASN A 252 -15.01 -28.79 2.40
N THR A 253 -14.51 -27.72 3.01
CA THR A 253 -14.09 -27.76 4.41
C THR A 253 -15.26 -27.89 5.36
N VAL A 254 -16.45 -27.38 5.01
CA VAL A 254 -17.56 -27.47 5.96
C VAL A 254 -18.16 -28.88 5.96
N MET A 255 -18.20 -29.55 4.80
CA MET A 255 -18.60 -30.95 4.78
C MET A 255 -17.54 -31.84 5.42
N PHE A 256 -16.26 -31.46 5.31
CA PHE A 256 -15.22 -32.19 6.03
C PHE A 256 -15.37 -32.04 7.54
N GLN A 257 -15.64 -30.82 8.00
CA GLN A 257 -15.76 -30.56 9.43
C GLN A 257 -17.04 -31.15 10.02
N HIS A 258 -18.07 -31.36 9.21
CA HIS A 258 -19.20 -32.13 9.71
C HIS A 258 -18.93 -33.62 9.68
N LEU A 259 -18.26 -34.10 8.63
CA LEU A 259 -17.98 -35.52 8.48
C LEU A 259 -16.99 -36.03 9.53
N MET A 260 -16.17 -35.14 10.09
CA MET A 260 -15.28 -35.54 11.17
C MET A 260 -16.04 -35.84 12.45
N GLN A 261 -17.22 -35.24 12.64
CA GLN A 261 -17.96 -35.35 13.89
C GLN A 261 -18.84 -36.58 13.97
N LYS A 262 -18.70 -37.53 13.04
CA LYS A 262 -19.27 -38.86 13.20
C LYS A 262 -18.21 -39.88 13.60
N ARG A 263 -17.00 -39.43 13.90
CA ARG A 263 -15.94 -40.28 14.39
C ARG A 263 -15.28 -39.76 15.66
N LYS A 264 -15.54 -38.52 16.05
CA LYS A 264 -14.87 -37.89 17.16
C LYS A 264 -15.36 -38.47 18.48
N HIS A 265 -14.48 -39.21 19.16
CA HIS A 265 -14.77 -39.68 20.50
C HIS A 265 -14.44 -38.58 21.50
N VAL A 266 -15.36 -38.32 22.43
CA VAL A 266 -15.20 -37.25 23.41
C VAL A 266 -14.88 -37.87 24.76
N GLN A 267 -13.81 -37.40 25.38
CA GLN A 267 -13.45 -37.77 26.74
C GLN A 267 -14.06 -36.74 27.69
N TRP A 268 -13.55 -36.70 28.93
CA TRP A 268 -14.06 -35.84 29.99
C TRP A 268 -13.94 -34.36 29.64
N THR A 269 -14.59 -33.53 30.45
CA THR A 269 -14.37 -32.10 30.42
C THR A 269 -14.43 -31.55 31.83
N CYS A 270 -13.64 -30.51 32.07
CA CYS A 270 -13.63 -29.80 33.34
C CYS A 270 -13.05 -28.42 33.10
N GLY A 271 -13.64 -27.42 33.76
CA GLY A 271 -13.27 -26.05 33.56
C GLY A 271 -13.60 -25.60 32.15
N PRO A 272 -12.66 -24.92 31.52
CA PRO A 272 -12.86 -24.53 30.12
C PRO A 272 -12.20 -25.49 29.13
N LEU A 273 -11.45 -26.48 29.59
CA LEU A 273 -10.69 -27.33 28.69
C LEU A 273 -11.36 -28.69 28.50
N THR A 274 -11.22 -29.22 27.29
CA THR A 274 -11.81 -30.50 26.91
C THR A 274 -10.78 -31.28 26.09
N SER A 275 -10.80 -32.60 26.24
CA SER A 275 -9.84 -33.47 25.55
C SER A 275 -10.59 -34.35 24.56
N THR A 276 -10.80 -33.85 23.34
CA THR A 276 -11.40 -34.64 22.30
C THR A 276 -10.41 -35.67 21.78
N LEU A 277 -10.93 -36.80 21.33
CA LEU A 277 -10.11 -37.93 20.88
C LEU A 277 -10.58 -38.33 19.48
N TYR A 278 -9.81 -37.93 18.48
CA TYR A 278 -10.22 -38.14 17.09
C TYR A 278 -9.79 -39.52 16.61
N ASP A 279 -10.12 -39.81 15.35
CA ASP A 279 -9.85 -41.10 14.74
C ASP A 279 -9.14 -40.86 13.43
N LEU A 280 -7.97 -41.49 13.24
CA LEU A 280 -7.12 -41.22 12.10
C LEU A 280 -6.99 -42.40 11.14
N THR A 281 -7.85 -43.42 11.28
CA THR A 281 -7.76 -44.59 10.42
C THR A 281 -8.17 -44.32 8.98
N GLU A 282 -8.79 -43.19 8.70
CA GLU A 282 -8.97 -42.71 7.33
C GLU A 282 -8.01 -41.58 6.98
N ILE A 283 -7.58 -40.80 7.96
CA ILE A 283 -6.69 -39.67 7.71
C ILE A 283 -5.29 -40.13 7.27
N ASP A 284 -4.80 -41.26 7.78
CA ASP A 284 -3.64 -41.86 7.12
C ASP A 284 -3.92 -43.34 6.90
N SER A 285 -3.56 -43.83 5.72
CA SER A 285 -4.10 -45.12 5.26
C SER A 285 -3.34 -46.30 5.84
N TRP A 286 -2.04 -46.41 5.52
CA TRP A 286 -1.06 -47.41 5.97
C TRP A 286 -1.32 -48.81 5.43
N GLY A 287 -2.47 -49.04 4.79
CA GLY A 287 -2.77 -50.33 4.20
C GLY A 287 -2.76 -50.26 2.69
N GLU A 288 -3.06 -49.08 2.16
CA GLU A 288 -3.01 -48.79 0.74
C GLU A 288 -1.95 -47.72 0.51
N GLU A 289 -1.20 -47.87 -0.59
CA GLU A 289 -0.17 -46.89 -0.94
C GLU A 289 -0.78 -45.52 -1.22
N LEU A 290 -1.91 -45.49 -1.91
CA LEU A 290 -2.65 -44.24 -2.10
C LEU A 290 -3.28 -43.85 -0.78
N SER A 291 -2.69 -42.90 -0.10
CA SER A 291 -3.22 -42.41 1.16
C SER A 291 -4.11 -41.20 0.93
N PHE A 292 -4.87 -40.85 1.97
CA PHE A 292 -5.69 -39.65 1.90
C PHE A 292 -4.83 -38.41 1.81
N LEU A 293 -3.71 -38.38 2.53
CA LEU A 293 -2.88 -37.18 2.55
C LEU A 293 -2.09 -37.01 1.27
N GLU A 294 -1.59 -38.12 0.70
CA GLU A 294 -0.98 -38.07 -0.62
C GLU A 294 -2.00 -37.75 -1.69
N LEU A 295 -3.26 -38.16 -1.49
CA LEU A 295 -4.29 -37.86 -2.46
C LEU A 295 -4.72 -36.40 -2.39
N VAL A 296 -4.62 -35.77 -1.23
CA VAL A 296 -5.08 -34.40 -1.07
C VAL A 296 -3.97 -33.37 -1.23
N VAL A 297 -2.70 -33.76 -1.10
CA VAL A 297 -1.63 -32.78 -1.30
C VAL A 297 -1.30 -32.60 -2.78
N SER A 298 -1.77 -33.48 -3.65
CA SER A 298 -1.46 -33.37 -5.07
C SER A 298 -2.72 -33.19 -5.89
N SER A 299 -3.60 -32.30 -5.46
CA SER A 299 -4.74 -31.91 -6.27
C SER A 299 -4.43 -30.62 -7.00
N LYS A 300 -5.34 -30.22 -7.90
CA LYS A 300 -5.11 -29.07 -8.76
C LYS A 300 -6.10 -27.94 -8.50
N LYS A 301 -6.85 -27.98 -7.42
CA LYS A 301 -7.84 -26.96 -7.11
C LYS A 301 -7.23 -25.93 -6.16
N ARG A 302 -8.08 -25.04 -5.64
CA ARG A 302 -7.64 -23.99 -4.72
C ARG A 302 -8.22 -24.19 -3.33
N GLU A 303 -8.50 -25.44 -2.96
CA GLU A 303 -8.92 -25.75 -1.60
C GLU A 303 -8.19 -26.95 -1.02
N ALA A 304 -7.35 -27.62 -1.80
CA ALA A 304 -6.51 -28.69 -1.30
C ALA A 304 -5.41 -28.19 -0.37
N ARG A 305 -5.12 -26.89 -0.35
CA ARG A 305 -4.21 -26.31 0.62
C ARG A 305 -4.94 -25.56 1.73
N GLN A 306 -6.27 -25.54 1.71
CA GLN A 306 -7.05 -25.00 2.80
C GLN A 306 -7.69 -26.08 3.64
N ILE A 307 -7.87 -27.29 3.09
CA ILE A 307 -8.37 -28.40 3.87
C ILE A 307 -7.31 -28.95 4.83
N LEU A 308 -6.05 -28.52 4.68
CA LEU A 308 -4.95 -28.90 5.56
C LEU A 308 -4.80 -27.95 6.75
N GLU A 309 -5.89 -27.31 7.16
CA GLU A 309 -5.88 -26.46 8.34
C GLU A 309 -6.88 -26.91 9.39
N GLN A 310 -7.75 -27.87 9.10
CA GLN A 310 -8.65 -28.42 10.10
C GLN A 310 -7.86 -29.20 11.13
N THR A 311 -8.47 -29.36 12.32
CA THR A 311 -7.73 -29.83 13.49
C THR A 311 -7.13 -31.23 13.41
N PRO A 312 -7.86 -32.31 13.08
CA PRO A 312 -7.25 -33.64 13.19
C PRO A 312 -6.36 -34.03 12.02
N VAL A 313 -6.02 -33.10 11.12
CA VAL A 313 -4.99 -33.36 10.12
C VAL A 313 -3.84 -32.38 10.38
N LYS A 314 -4.17 -31.18 10.89
CA LYS A 314 -3.12 -30.20 11.18
C LYS A 314 -2.29 -30.63 12.38
N GLU A 315 -2.93 -31.11 13.45
CA GLU A 315 -2.17 -31.54 14.63
C GLU A 315 -1.31 -32.76 14.29
N LEU A 316 -1.85 -33.66 13.47
CA LEU A 316 -1.12 -34.87 13.08
C LEU A 316 0.11 -34.53 12.26
N VAL A 317 -0.04 -33.74 11.20
CA VAL A 317 1.12 -33.45 10.38
C VAL A 317 2.07 -32.46 11.05
N SER A 318 1.60 -31.66 12.02
CA SER A 318 2.53 -30.81 12.76
C SER A 318 3.42 -31.63 13.67
N PHE A 319 2.83 -32.61 14.39
CA PHE A 319 3.63 -33.47 15.25
C PHE A 319 4.58 -34.34 14.42
N LYS A 320 4.07 -34.95 13.34
CA LYS A 320 4.89 -35.83 12.53
C LYS A 320 5.99 -35.07 11.81
N TRP A 321 5.72 -33.84 11.36
CA TRP A 321 6.75 -33.04 10.73
C TRP A 321 7.83 -32.64 11.72
N LYS A 322 7.44 -32.02 12.84
CA LYS A 322 8.43 -31.51 13.79
C LYS A 322 9.22 -32.63 14.48
N LYS A 323 8.71 -33.86 14.53
CA LYS A 323 9.50 -34.92 15.16
C LYS A 323 10.06 -35.95 14.18
N TYR A 324 9.74 -35.88 12.88
CA TYR A 324 10.26 -36.88 11.96
C TYR A 324 10.68 -36.34 10.59
N GLY A 325 10.52 -35.07 10.30
CA GLY A 325 10.85 -34.60 8.98
C GLY A 325 12.07 -33.72 8.94
N ARG A 326 12.24 -32.89 9.97
CA ARG A 326 13.45 -32.09 10.09
C ARG A 326 14.74 -32.90 10.26
N PRO A 327 14.85 -33.89 11.16
CA PRO A 327 16.16 -34.54 11.34
C PRO A 327 16.57 -35.49 10.24
N TYR A 328 15.75 -35.69 9.19
CA TYR A 328 16.23 -36.39 8.01
C TYR A 328 16.39 -35.47 6.81
N PHE A 329 15.58 -34.43 6.70
CA PHE A 329 15.78 -33.43 5.67
C PHE A 329 17.07 -32.64 5.88
N CYS A 330 17.46 -32.41 7.14
CA CYS A 330 18.71 -31.71 7.39
C CYS A 330 19.92 -32.52 6.96
N VAL A 331 19.95 -33.82 7.29
CA VAL A 331 21.07 -34.64 6.87
C VAL A 331 21.02 -34.91 5.36
N LEU A 332 19.83 -34.87 4.74
CA LEU A 332 19.76 -35.00 3.28
C LEU A 332 20.32 -33.76 2.59
N ALA A 333 20.04 -32.58 3.13
CA ALA A 333 20.61 -31.35 2.58
C ALA A 333 22.12 -31.30 2.77
N SER A 334 22.60 -31.78 3.93
CA SER A 334 24.04 -31.81 4.17
C SER A 334 24.75 -32.78 3.24
N LEU A 335 24.14 -33.95 2.98
CA LEU A 335 24.74 -34.90 2.05
C LEU A 335 24.70 -34.40 0.61
N TYR A 336 23.65 -33.69 0.22
CA TYR A 336 23.63 -33.15 -1.14
C TYR A 336 24.66 -32.05 -1.32
N ILE A 337 24.82 -31.17 -0.32
CA ILE A 337 25.81 -30.11 -0.45
C ILE A 337 27.24 -30.67 -0.41
N LEU A 338 27.45 -31.75 0.36
CA LEU A 338 28.75 -32.41 0.34
C LEU A 338 29.05 -33.06 -1.00
N TYR A 339 28.04 -33.72 -1.61
CA TYR A 339 28.25 -34.32 -2.92
C TYR A 339 28.49 -33.26 -3.99
N MET A 340 27.81 -32.11 -3.88
CA MET A 340 28.03 -31.06 -4.87
C MET A 340 29.38 -30.38 -4.69
N ILE A 341 29.90 -30.30 -3.47
CA ILE A 341 31.24 -29.74 -3.32
C ILE A 341 32.30 -30.73 -3.80
N CYS A 342 32.02 -32.04 -3.72
CA CYS A 342 32.90 -33.02 -4.34
C CYS A 342 32.90 -32.89 -5.86
N PHE A 343 31.73 -32.64 -6.44
CA PHE A 343 31.65 -32.47 -7.89
C PHE A 343 32.31 -31.17 -8.34
N THR A 344 32.19 -30.09 -7.55
CA THR A 344 32.83 -28.83 -7.91
C THR A 344 34.35 -28.93 -7.87
N THR A 345 34.90 -29.57 -6.83
CA THR A 345 36.36 -29.70 -6.76
C THR A 345 36.89 -30.67 -7.82
N CYS A 346 36.16 -31.75 -8.09
CA CYS A 346 36.57 -32.68 -9.16
C CYS A 346 36.47 -32.02 -10.53
N CYS A 347 35.54 -31.08 -10.71
CA CYS A 347 35.44 -30.34 -11.97
C CYS A 347 36.55 -29.31 -12.09
N ILE A 348 36.98 -28.71 -10.97
CA ILE A 348 38.08 -27.75 -11.00
C ILE A 348 39.39 -28.46 -11.36
N TYR A 349 39.71 -29.55 -10.67
CA TYR A 349 40.95 -30.30 -10.98
C TYR A 349 40.74 -31.11 -12.24
N ARG A 350 40.89 -30.44 -13.39
CA ARG A 350 40.66 -31.02 -14.70
C ARG A 350 41.99 -31.22 -15.43
N PRO A 351 42.17 -32.32 -16.15
CA PRO A 351 43.46 -32.55 -16.83
C PRO A 351 43.62 -31.66 -18.06
N LEU A 352 44.80 -31.07 -18.20
CA LEU A 352 45.07 -30.13 -19.28
C LEU A 352 46.53 -30.26 -19.72
N LYS A 353 46.74 -30.24 -21.04
CA LYS A 353 48.06 -30.37 -21.65
C LYS A 353 48.31 -29.15 -22.52
N LEU A 354 49.55 -28.69 -22.57
CA LEU A 354 49.89 -27.49 -23.32
C LEU A 354 49.78 -27.76 -24.82
N ARG A 355 49.16 -26.80 -25.52
CA ARG A 355 48.90 -26.93 -26.96
C ARG A 355 50.17 -26.64 -27.73
N ASP A 356 50.65 -27.62 -28.50
CA ASP A 356 51.91 -27.51 -29.21
C ASP A 356 51.78 -26.83 -30.57
N ASP A 357 50.62 -26.94 -31.20
CA ASP A 357 50.35 -26.19 -32.43
C ASP A 357 50.33 -24.69 -32.12
N ASN A 358 50.84 -23.89 -33.05
CA ASN A 358 51.00 -22.47 -32.77
C ASN A 358 49.69 -21.73 -33.01
N ARG A 359 49.70 -20.45 -32.64
CA ARG A 359 48.50 -19.61 -32.60
C ARG A 359 48.72 -18.33 -33.42
N THR A 360 49.18 -18.48 -34.66
CA THR A 360 49.56 -17.34 -35.50
C THR A 360 48.31 -16.62 -35.98
N ASP A 361 47.77 -15.79 -35.09
CA ASP A 361 46.52 -15.06 -35.28
C ASP A 361 46.47 -13.99 -34.18
N PRO A 362 46.29 -12.71 -34.52
CA PRO A 362 46.26 -11.66 -33.48
C PRO A 362 45.05 -11.71 -32.55
N ARG A 363 44.04 -12.53 -32.83
CA ARG A 363 42.87 -12.64 -31.97
C ARG A 363 42.60 -14.10 -31.63
N ASP A 364 43.65 -14.82 -31.22
CA ASP A 364 43.51 -16.21 -30.83
C ASP A 364 44.25 -16.40 -29.51
N ILE A 365 43.56 -16.92 -28.51
CA ILE A 365 44.15 -17.23 -27.22
C ILE A 365 43.71 -18.63 -26.81
N THR A 366 44.65 -19.57 -26.82
CA THR A 366 44.43 -20.91 -26.27
C THR A 366 45.81 -21.43 -25.86
N ILE A 367 46.12 -21.32 -24.58
CA ILE A 367 47.42 -21.74 -24.08
C ILE A 367 47.38 -23.11 -23.43
N LEU A 368 46.20 -23.62 -23.07
CA LEU A 368 46.04 -24.98 -22.58
C LEU A 368 45.01 -25.71 -23.43
N GLN A 369 45.23 -27.01 -23.59
CA GLN A 369 44.41 -27.87 -24.43
C GLN A 369 43.97 -29.06 -23.59
N GLN A 370 42.77 -29.58 -23.89
CA GLN A 370 42.26 -30.75 -23.18
C GLN A 370 43.12 -31.98 -23.43
N LYS A 371 43.53 -32.65 -22.35
CA LYS A 371 44.43 -33.77 -22.46
C LYS A 371 43.70 -35.02 -22.95
N LEU A 372 44.45 -35.88 -23.64
CA LEU A 372 43.93 -37.14 -24.15
C LEU A 372 43.61 -38.09 -23.00
N LEU A 373 42.67 -39.02 -23.26
CA LEU A 373 42.21 -39.96 -22.24
C LEU A 373 43.32 -40.92 -21.81
N GLN A 374 44.29 -41.21 -22.69
CA GLN A 374 45.33 -42.18 -22.36
C GLN A 374 46.33 -41.66 -21.33
N GLU A 375 46.32 -40.37 -21.03
CA GLU A 375 47.16 -39.77 -20.00
C GLU A 375 46.34 -39.29 -18.81
N ALA A 376 45.26 -39.99 -18.50
CA ALA A 376 44.39 -39.63 -17.38
C ALA A 376 44.66 -40.42 -16.13
N TYR A 377 45.53 -41.44 -16.18
CA TYR A 377 45.94 -42.20 -15.01
C TYR A 377 47.46 -42.12 -14.93
N VAL A 378 47.98 -41.06 -14.31
CA VAL A 378 49.44 -40.87 -14.29
C VAL A 378 50.00 -40.81 -12.87
N THR A 379 49.19 -40.45 -11.88
CA THR A 379 49.73 -40.22 -10.54
C THR A 379 48.62 -40.36 -9.50
N HIS A 380 48.98 -40.04 -8.24
CA HIS A 380 48.05 -40.11 -7.13
C HIS A 380 46.95 -39.07 -7.27
N GLN A 381 47.27 -37.89 -7.81
CA GLN A 381 46.26 -36.87 -8.02
C GLN A 381 45.25 -37.28 -9.08
N ASP A 382 45.71 -37.98 -10.12
CA ASP A 382 44.77 -38.48 -11.12
C ASP A 382 43.98 -39.68 -10.61
N ASN A 383 44.54 -40.46 -9.68
CA ASN A 383 43.74 -41.49 -9.03
C ASN A 383 42.65 -40.87 -8.15
N ILE A 384 42.97 -39.75 -7.49
CA ILE A 384 41.98 -39.02 -6.69
C ILE A 384 40.89 -38.43 -7.58
N ARG A 385 41.28 -37.89 -8.73
CA ARG A 385 40.30 -37.39 -9.71
C ARG A 385 39.43 -38.52 -10.26
N LEU A 386 40.00 -39.73 -10.41
CA LEU A 386 39.21 -40.88 -10.82
C LEU A 386 38.19 -41.27 -9.76
N VAL A 387 38.58 -41.23 -8.49
CA VAL A 387 37.64 -41.51 -7.40
C VAL A 387 36.52 -40.48 -7.37
N GLY A 388 36.86 -39.21 -7.63
CA GLY A 388 35.84 -38.18 -7.70
C GLY A 388 34.87 -38.38 -8.85
N GLU A 389 35.39 -38.81 -10.03
CA GLU A 389 34.50 -39.07 -11.16
C GLU A 389 33.59 -40.26 -10.89
N LEU A 390 34.10 -41.29 -10.20
CA LEU A 390 33.26 -42.44 -9.87
C LEU A 390 32.14 -42.08 -8.90
N VAL A 391 32.44 -41.27 -7.87
CA VAL A 391 31.36 -40.92 -6.93
C VAL A 391 30.38 -39.94 -7.56
N THR A 392 30.83 -39.11 -8.52
CA THR A 392 29.89 -38.25 -9.24
C THR A 392 28.94 -39.05 -10.12
N VAL A 393 29.47 -40.05 -10.84
CA VAL A 393 28.61 -40.87 -11.70
C VAL A 393 27.66 -41.73 -10.88
N THR A 394 28.12 -42.23 -9.71
CA THR A 394 27.23 -42.98 -8.82
C THR A 394 26.12 -42.10 -8.25
N GLY A 395 26.44 -40.84 -7.91
CA GLY A 395 25.40 -39.92 -7.47
C GLY A 395 24.40 -39.59 -8.56
N ALA A 396 24.87 -39.45 -9.79
CA ALA A 396 23.97 -39.16 -10.91
C ALA A 396 23.02 -40.32 -11.18
N VAL A 397 23.53 -41.56 -11.11
CA VAL A 397 22.65 -42.68 -11.42
C VAL A 397 21.70 -42.97 -10.26
N ILE A 398 22.07 -42.67 -9.01
CA ILE A 398 21.11 -42.88 -7.93
C ILE A 398 20.04 -41.78 -7.93
N ILE A 399 20.39 -40.56 -8.37
CA ILE A 399 19.39 -39.50 -8.55
C ILE A 399 18.39 -39.88 -9.63
N LEU A 400 18.89 -40.40 -10.76
CA LEU A 400 17.98 -40.75 -11.86
C LEU A 400 17.09 -41.94 -11.50
N LEU A 401 17.65 -42.94 -10.81
CA LEU A 401 16.84 -44.09 -10.42
C LEU A 401 15.94 -43.80 -9.22
N LEU A 402 16.18 -42.72 -8.48
CA LEU A 402 15.26 -42.30 -7.45
C LEU A 402 14.19 -41.35 -7.97
N GLU A 403 14.38 -40.81 -9.16
CA GLU A 403 13.42 -39.89 -9.75
C GLU A 403 12.45 -40.55 -10.74
N ILE A 404 12.94 -41.47 -11.57
CA ILE A 404 12.13 -42.00 -12.68
C ILE A 404 10.92 -42.85 -12.25
N PRO A 405 11.05 -43.86 -11.37
CA PRO A 405 9.86 -44.68 -11.04
C PRO A 405 8.81 -43.94 -10.22
N ASP A 406 9.10 -42.74 -9.75
CA ASP A 406 8.08 -41.92 -9.11
C ASP A 406 7.31 -41.09 -10.14
N ILE A 407 7.96 -40.72 -11.25
CA ILE A 407 7.27 -39.97 -12.29
C ILE A 407 6.54 -40.89 -13.26
N PHE A 408 6.82 -42.20 -13.24
CA PHE A 408 6.05 -43.10 -14.09
C PHE A 408 4.64 -43.35 -13.57
N ARG A 409 4.36 -43.05 -12.30
CA ARG A 409 3.05 -43.32 -11.72
C ARG A 409 2.16 -42.07 -11.74
N VAL A 410 2.58 -40.99 -11.07
CA VAL A 410 1.88 -39.72 -11.19
C VAL A 410 2.11 -39.17 -12.58
N GLY A 411 1.08 -38.54 -13.15
CA GLY A 411 1.20 -38.00 -14.50
C GLY A 411 2.21 -36.88 -14.58
N ALA A 412 2.67 -36.63 -15.80
CA ALA A 412 3.72 -35.65 -16.00
C ALA A 412 3.23 -34.23 -15.75
N SER A 413 1.94 -33.97 -15.98
CA SER A 413 1.38 -32.64 -15.75
C SER A 413 1.34 -32.31 -14.27
N ARG A 414 0.85 -33.23 -13.44
CA ARG A 414 0.75 -32.98 -12.00
C ARG A 414 2.12 -32.92 -11.34
N TYR A 415 3.13 -33.56 -11.92
CA TYR A 415 4.44 -33.60 -11.29
C TYR A 415 5.39 -32.51 -11.79
N PHE A 416 5.24 -32.07 -13.03
CA PHE A 416 6.04 -30.96 -13.53
C PHE A 416 5.37 -29.60 -13.35
N GLY A 417 4.07 -29.55 -13.12
CA GLY A 417 3.39 -28.28 -13.13
C GLY A 417 3.37 -27.53 -11.81
N GLN A 418 2.87 -28.19 -10.75
CA GLN A 418 2.52 -27.51 -9.52
C GLN A 418 3.75 -27.04 -8.75
N THR A 419 3.51 -26.11 -7.83
CA THR A 419 4.57 -25.61 -6.96
C THR A 419 4.55 -26.32 -5.61
N ILE A 420 3.45 -26.99 -5.28
CA ILE A 420 3.38 -27.77 -4.05
C ILE A 420 4.24 -29.03 -4.12
N LEU A 421 4.52 -29.52 -5.34
CA LEU A 421 5.21 -30.79 -5.49
C LEU A 421 6.63 -30.68 -6.02
N GLY A 422 6.99 -29.62 -6.73
CA GLY A 422 8.36 -29.44 -7.12
C GLY A 422 8.70 -29.71 -8.58
N GLY A 423 7.83 -29.25 -9.46
CA GLY A 423 8.07 -29.26 -10.90
C GLY A 423 9.35 -28.60 -11.37
N PRO A 424 9.52 -27.30 -11.10
CA PRO A 424 10.74 -26.60 -11.55
C PRO A 424 11.99 -26.92 -10.75
N PHE A 425 11.98 -27.91 -9.86
CA PHE A 425 13.22 -28.48 -9.34
C PHE A 425 13.48 -29.88 -9.86
N HIS A 426 12.44 -30.69 -10.06
CA HIS A 426 12.66 -32.00 -10.65
C HIS A 426 13.07 -31.88 -12.12
N VAL A 427 12.64 -30.83 -12.81
CA VAL A 427 13.06 -30.63 -14.20
C VAL A 427 14.56 -30.37 -14.27
N ILE A 428 15.08 -29.46 -13.44
CA ILE A 428 16.50 -29.16 -13.51
C ILE A 428 17.33 -30.28 -12.88
N ILE A 429 16.76 -31.11 -12.01
CA ILE A 429 17.50 -32.26 -11.50
C ILE A 429 17.65 -33.36 -12.55
N ILE A 430 16.58 -33.65 -13.30
CA ILE A 430 16.72 -34.61 -14.39
C ILE A 430 17.64 -34.07 -15.48
N THR A 431 17.61 -32.74 -15.72
CA THR A 431 18.52 -32.13 -16.68
C THR A 431 19.98 -32.24 -16.22
N TYR A 432 20.24 -32.04 -14.93
CA TYR A 432 21.60 -32.18 -14.40
C TYR A 432 22.09 -33.61 -14.50
N ALA A 433 21.21 -34.60 -14.23
CA ALA A 433 21.62 -35.99 -14.31
C ALA A 433 21.93 -36.40 -15.75
N SER A 434 21.09 -35.99 -16.70
CA SER A 434 21.35 -36.33 -18.10
C SER A 434 22.59 -35.62 -18.64
N LEU A 435 22.85 -34.38 -18.20
CA LEU A 435 24.04 -33.68 -18.68
C LEU A 435 25.32 -34.24 -18.07
N VAL A 436 25.28 -34.72 -16.83
CA VAL A 436 26.47 -35.34 -16.25
C VAL A 436 26.74 -36.69 -16.92
N LEU A 437 25.68 -37.45 -17.24
CA LEU A 437 25.88 -38.70 -17.99
C LEU A 437 26.42 -38.44 -19.39
N LEU A 438 25.96 -37.36 -20.04
CA LEU A 438 26.50 -37.00 -21.35
C LEU A 438 27.94 -36.52 -21.25
N THR A 439 28.31 -35.87 -20.14
CA THR A 439 29.70 -35.50 -19.89
C THR A 439 30.59 -36.73 -19.74
N MET A 440 30.12 -37.75 -19.01
CA MET A 440 30.93 -38.96 -18.84
C MET A 440 31.09 -39.70 -20.16
N VAL A 441 30.02 -39.78 -20.96
CA VAL A 441 30.11 -40.45 -22.26
C VAL A 441 31.02 -39.67 -23.21
N MET A 442 30.91 -38.33 -23.18
CA MET A 442 31.75 -37.49 -24.02
C MET A 442 33.22 -37.52 -23.60
N ARG A 443 33.48 -37.80 -22.32
CA ARG A 443 34.85 -37.96 -21.85
C ARG A 443 35.41 -39.30 -22.30
N LEU A 444 34.60 -40.37 -22.23
CA LEU A 444 35.12 -41.67 -22.63
C LEU A 444 35.27 -41.81 -24.14
N THR A 445 34.45 -41.11 -24.94
CA THR A 445 34.60 -41.25 -26.38
C THR A 445 35.70 -40.37 -26.97
N ASN A 446 36.43 -39.62 -26.13
CA ASN A 446 37.56 -38.76 -26.50
C ASN A 446 37.14 -37.70 -27.53
N MET A 447 36.24 -36.83 -27.07
CA MET A 447 35.74 -35.72 -27.87
C MET A 447 36.19 -34.42 -27.23
N ASN A 448 36.53 -33.44 -28.06
CA ASN A 448 36.92 -32.13 -27.55
C ASN A 448 35.69 -31.32 -27.16
N GLY A 449 35.92 -30.23 -26.44
CA GLY A 449 34.83 -29.40 -25.97
C GLY A 449 34.08 -29.99 -24.80
N GLU A 450 34.74 -30.10 -23.65
CA GLU A 450 34.10 -30.61 -22.44
C GLU A 450 33.41 -29.52 -21.64
N VAL A 451 33.79 -28.26 -21.89
CA VAL A 451 33.22 -27.14 -21.14
C VAL A 451 31.76 -26.93 -21.51
N VAL A 452 31.37 -27.31 -22.72
CA VAL A 452 30.03 -27.07 -23.26
C VAL A 452 28.94 -27.85 -22.52
N PRO A 453 29.11 -29.13 -22.10
CA PRO A 453 28.15 -29.66 -21.11
C PRO A 453 28.58 -29.47 -19.67
N LEU A 454 29.89 -29.25 -19.42
CA LEU A 454 30.35 -29.21 -18.03
C LEU A 454 29.86 -27.96 -17.30
N SER A 455 29.88 -26.81 -17.98
CA SER A 455 29.40 -25.57 -17.36
C SER A 455 27.91 -25.61 -17.08
N PHE A 456 27.13 -26.16 -18.01
CA PHE A 456 25.68 -26.28 -17.82
C PHE A 456 25.35 -27.22 -16.68
N ALA A 457 26.01 -28.38 -16.62
CA ALA A 457 25.74 -29.34 -15.55
C ALA A 457 26.14 -28.78 -14.20
N LEU A 458 27.25 -28.05 -14.13
CA LEU A 458 27.69 -27.49 -12.86
C LEU A 458 26.77 -26.35 -12.39
N VAL A 459 26.36 -25.46 -13.30
CA VAL A 459 25.53 -24.34 -12.85
C VAL A 459 24.11 -24.81 -12.51
N LEU A 460 23.61 -25.87 -13.16
CA LEU A 460 22.30 -26.37 -12.77
C LEU A 460 22.37 -27.19 -11.48
N GLY A 461 23.43 -27.97 -11.30
CA GLY A 461 23.58 -28.73 -10.07
C GLY A 461 23.81 -27.86 -8.86
N TRP A 462 24.35 -26.66 -9.05
CA TRP A 462 24.48 -25.73 -7.93
C TRP A 462 23.29 -24.81 -7.76
N CYS A 463 22.52 -24.53 -8.81
CA CYS A 463 21.28 -23.80 -8.62
C CYS A 463 20.13 -24.70 -8.16
N SER A 464 20.33 -26.01 -8.10
CA SER A 464 19.31 -26.92 -7.61
C SER A 464 19.41 -27.24 -6.13
N VAL A 465 20.18 -26.47 -5.35
CA VAL A 465 20.18 -26.70 -3.91
C VAL A 465 18.94 -26.09 -3.26
N MET A 466 18.24 -25.21 -3.98
CA MET A 466 17.04 -24.51 -3.49
C MET A 466 15.90 -25.44 -3.11
N TYR A 467 15.91 -26.70 -3.56
CA TYR A 467 14.88 -27.65 -3.15
C TYR A 467 14.96 -27.97 -1.67
N PHE A 468 16.15 -27.84 -1.06
CA PHE A 468 16.30 -28.05 0.36
C PHE A 468 16.06 -26.79 1.18
N ALA A 469 15.29 -25.85 0.64
CA ALA A 469 14.86 -24.66 1.36
C ALA A 469 13.35 -24.65 1.50
N ARG A 470 12.77 -25.81 1.79
CA ARG A 470 11.35 -25.93 2.06
C ARG A 470 11.04 -26.01 3.54
N GLY A 471 11.88 -26.70 4.32
CA GLY A 471 11.62 -26.92 5.71
C GLY A 471 12.06 -25.83 6.65
N PHE A 472 12.60 -24.73 6.15
CA PHE A 472 13.11 -23.65 7.00
C PHE A 472 12.24 -22.42 6.75
N GLN A 473 11.69 -21.86 7.83
CA GLN A 473 10.75 -20.76 7.72
C GLN A 473 11.41 -19.44 7.33
N MET A 474 12.75 -19.37 7.37
CA MET A 474 13.43 -18.21 6.83
C MET A 474 13.40 -18.23 5.31
N LEU A 475 13.97 -19.26 4.69
CA LEU A 475 14.03 -19.40 3.25
C LEU A 475 12.78 -20.04 2.66
N GLY A 476 11.70 -20.08 3.42
CA GLY A 476 10.47 -20.67 2.96
C GLY A 476 9.75 -19.85 1.92
N PRO A 477 9.19 -18.69 2.31
CA PRO A 477 8.41 -17.91 1.35
C PRO A 477 9.23 -17.18 0.32
N PHE A 478 10.54 -17.04 0.51
CA PHE A 478 11.33 -16.29 -0.44
C PHE A 478 11.56 -17.07 -1.73
N THR A 479 11.78 -18.39 -1.63
CA THR A 479 11.97 -19.16 -2.85
C THR A 479 10.65 -19.33 -3.61
N ILE A 480 9.52 -19.32 -2.91
CA ILE A 480 8.23 -19.26 -3.58
C ILE A 480 8.06 -17.92 -4.28
N MET A 481 8.54 -16.84 -3.65
CA MET A 481 8.44 -15.53 -4.29
C MET A 481 9.31 -15.45 -5.54
N ILE A 482 10.50 -16.05 -5.53
CA ILE A 482 11.31 -15.95 -6.73
C ILE A 482 10.82 -16.88 -7.83
N GLN A 483 10.28 -18.07 -7.47
CA GLN A 483 9.69 -18.94 -8.48
C GLN A 483 8.39 -18.38 -9.03
N LYS A 484 7.68 -17.55 -8.27
CA LYS A 484 6.51 -16.87 -8.79
C LYS A 484 6.92 -15.68 -9.66
N MET A 485 7.98 -14.97 -9.25
CA MET A 485 8.38 -13.75 -9.92
C MET A 485 8.93 -14.01 -11.29
N ILE A 486 9.66 -15.14 -11.47
CA ILE A 486 10.21 -15.47 -12.79
C ILE A 486 9.08 -15.65 -13.80
N PHE A 487 8.22 -16.65 -13.59
CA PHE A 487 7.17 -16.96 -14.54
C PHE A 487 6.02 -15.97 -14.52
N GLY A 488 6.00 -15.01 -13.59
CA GLY A 488 4.95 -14.01 -13.61
C GLY A 488 5.36 -12.67 -14.19
N ASP A 489 6.59 -12.21 -13.94
CA ASP A 489 7.01 -10.91 -14.44
C ASP A 489 8.14 -10.97 -15.44
N LEU A 490 9.10 -11.90 -15.30
CA LEU A 490 10.20 -11.89 -16.26
C LEU A 490 9.76 -12.42 -17.60
N MET A 491 8.76 -13.31 -17.62
CA MET A 491 8.16 -13.74 -18.86
C MET A 491 7.39 -12.62 -19.56
N ARG A 492 6.81 -11.70 -18.80
CA ARG A 492 6.13 -10.56 -19.38
C ARG A 492 7.11 -9.48 -19.80
N PHE A 493 8.28 -9.44 -19.17
CA PHE A 493 9.23 -8.36 -19.39
C PHE A 493 10.26 -8.66 -20.47
N CYS A 494 10.67 -9.91 -20.64
CA CYS A 494 11.69 -10.16 -21.66
C CYS A 494 11.12 -10.17 -23.07
N TRP A 495 9.82 -10.43 -23.22
CA TRP A 495 9.20 -10.29 -24.53
C TRP A 495 9.07 -8.84 -24.97
N LEU A 496 9.28 -7.86 -24.09
CA LEU A 496 9.34 -6.44 -24.46
C LEU A 496 10.70 -5.82 -24.18
N MET A 497 11.66 -6.59 -23.69
CA MET A 497 13.05 -6.20 -23.73
C MET A 497 13.73 -6.67 -25.01
N ALA A 498 13.27 -7.82 -25.55
CA ALA A 498 13.90 -8.38 -26.74
C ALA A 498 13.68 -7.49 -27.96
N VAL A 499 12.50 -6.90 -28.10
CA VAL A 499 12.26 -6.08 -29.28
C VAL A 499 12.96 -4.72 -29.16
N VAL A 500 13.19 -4.23 -27.94
CA VAL A 500 13.91 -2.96 -27.77
C VAL A 500 15.39 -3.13 -28.04
N ILE A 501 16.00 -4.19 -27.50
CA ILE A 501 17.43 -4.39 -27.80
C ILE A 501 17.62 -4.84 -29.25
N LEU A 502 16.66 -5.56 -29.83
CA LEU A 502 16.77 -5.95 -31.23
C LEU A 502 16.50 -4.80 -32.17
N GLY A 503 15.84 -3.75 -31.70
CA GLY A 503 15.66 -2.57 -32.53
C GLY A 503 16.72 -1.52 -32.34
N PHE A 504 17.44 -1.56 -31.22
CA PHE A 504 18.49 -0.57 -31.00
C PHE A 504 19.88 -1.08 -31.37
N ALA A 505 20.12 -2.40 -31.33
CA ALA A 505 21.43 -2.92 -31.73
C ALA A 505 21.67 -2.73 -33.22
N SER A 506 20.63 -2.85 -34.02
CA SER A 506 20.77 -2.63 -35.46
C SER A 506 21.08 -1.18 -35.77
N ALA A 507 20.46 -0.25 -35.05
CA ALA A 507 20.76 1.17 -35.24
C ALA A 507 22.18 1.50 -34.80
N PHE A 508 22.63 0.91 -33.69
CA PHE A 508 24.02 1.10 -33.27
C PHE A 508 25.00 0.51 -34.25
N HIS A 509 24.63 -0.59 -34.93
CA HIS A 509 25.53 -1.17 -35.92
C HIS A 509 25.56 -0.35 -37.20
N ILE A 510 24.42 0.23 -37.60
CA ILE A 510 24.38 1.01 -38.82
C ILE A 510 25.13 2.34 -38.64
N THR A 511 25.06 2.91 -37.43
CA THR A 511 25.83 4.12 -37.17
C THR A 511 27.33 3.87 -37.10
N PHE A 512 27.77 2.63 -36.88
CA PHE A 512 29.18 2.33 -36.63
C PHE A 512 29.74 1.27 -37.55
N GLN A 513 29.23 1.14 -38.77
CA GLN A 513 29.86 0.27 -39.74
C GLN A 513 30.67 1.05 -40.77
N THR A 514 30.78 2.37 -40.61
CA THR A 514 31.64 3.19 -41.44
C THR A 514 32.80 3.78 -40.66
N GLU A 515 33.17 3.14 -39.54
CA GLU A 515 34.24 3.63 -38.70
C GLU A 515 35.31 2.56 -38.48
N ASP A 516 36.24 2.82 -37.57
CA ASP A 516 37.33 1.88 -37.31
C ASP A 516 37.04 1.02 -36.09
N PRO A 517 37.44 -0.25 -36.11
CA PRO A 517 37.31 -1.09 -34.92
C PRO A 517 38.52 -1.01 -34.01
N ASN A 518 39.38 -0.02 -34.22
CA ASN A 518 40.56 0.19 -33.40
C ASN A 518 40.26 1.05 -32.18
N ASN A 519 39.43 2.08 -32.34
CA ASN A 519 39.09 2.97 -31.25
C ASN A 519 37.87 2.48 -30.48
N LEU A 520 36.85 2.01 -31.17
CA LEU A 520 35.64 1.48 -30.56
C LEU A 520 35.59 -0.02 -30.76
N GLY A 521 35.83 -0.77 -29.69
CA GLY A 521 35.84 -2.22 -29.79
C GLY A 521 34.46 -2.79 -30.00
N GLU A 522 33.45 -2.18 -29.39
CA GLU A 522 32.09 -2.63 -29.61
C GLU A 522 31.61 -2.20 -30.99
N PHE A 523 30.45 -2.74 -31.39
CA PHE A 523 29.75 -2.44 -32.64
C PHE A 523 30.65 -2.70 -33.86
N SER A 524 31.13 -3.94 -33.95
CA SER A 524 31.91 -4.38 -35.10
C SER A 524 31.13 -5.32 -36.00
N ASP A 525 30.61 -6.42 -35.47
CA ASP A 525 29.69 -7.25 -36.20
C ASP A 525 28.38 -7.33 -35.42
N TYR A 526 27.40 -8.00 -36.00
CA TYR A 526 26.05 -8.01 -35.44
C TYR A 526 25.88 -8.77 -34.12
N PRO A 527 26.44 -9.98 -33.88
CA PRO A 527 26.22 -10.60 -32.57
C PRO A 527 26.90 -9.88 -31.42
N THR A 528 28.11 -9.33 -31.62
CA THR A 528 28.72 -8.54 -30.55
C THR A 528 28.02 -7.20 -30.40
N ALA A 529 27.42 -6.66 -31.47
CA ALA A 529 26.62 -5.46 -31.34
C ALA A 529 25.36 -5.72 -30.51
N LEU A 530 24.74 -6.88 -30.73
CA LEU A 530 23.54 -7.27 -29.97
C LEU A 530 23.87 -7.49 -28.49
N PHE A 531 24.98 -8.18 -28.22
CA PHE A 531 25.40 -8.43 -26.85
C PHE A 531 25.76 -7.14 -26.13
N SER A 532 26.45 -6.21 -26.81
CA SER A 532 26.82 -4.97 -26.17
C SER A 532 25.62 -4.05 -25.98
N THR A 533 24.60 -4.13 -26.86
CA THR A 533 23.39 -3.35 -26.64
C THR A 533 22.61 -3.89 -25.45
N PHE A 534 22.57 -5.20 -25.26
CA PHE A 534 21.93 -5.78 -24.09
C PHE A 534 22.69 -5.42 -22.80
N GLU A 535 24.02 -5.39 -22.86
CA GLU A 535 24.80 -5.03 -21.68
C GLU A 535 24.63 -3.56 -21.33
N LEU A 536 24.54 -2.68 -22.34
CA LEU A 536 24.22 -1.29 -22.06
C LEU A 536 22.80 -1.11 -21.57
N PHE A 537 21.90 -2.04 -21.93
CA PHE A 537 20.55 -2.00 -21.39
C PHE A 537 20.55 -2.27 -19.89
N LEU A 538 21.32 -3.25 -19.43
CA LEU A 538 21.35 -3.52 -17.99
C LEU A 538 22.40 -2.72 -17.23
N THR A 539 23.12 -1.82 -17.91
CA THR A 539 24.16 -0.93 -17.36
C THR A 539 25.27 -1.66 -16.62
N ILE A 540 25.52 -2.93 -16.91
CA ILE A 540 26.61 -3.62 -16.21
C ILE A 540 27.94 -3.20 -16.82
N ILE A 541 27.94 -2.81 -18.07
CA ILE A 541 29.12 -2.27 -18.74
C ILE A 541 28.93 -0.77 -18.89
N ASP A 542 30.04 -0.06 -19.05
CA ASP A 542 29.98 1.39 -19.22
C ASP A 542 29.60 1.75 -20.64
N GLY A 543 29.12 2.98 -20.80
CA GLY A 543 28.83 3.51 -22.11
C GLY A 543 30.10 3.69 -22.91
N PRO A 544 30.05 3.41 -24.21
CA PRO A 544 31.27 3.52 -25.03
C PRO A 544 31.63 4.98 -25.28
N ALA A 545 32.85 5.35 -24.89
CA ALA A 545 33.32 6.72 -25.03
C ALA A 545 34.82 6.70 -25.24
N ASN A 546 35.28 7.42 -26.26
CA ASN A 546 36.72 7.53 -26.53
C ASN A 546 36.93 8.85 -27.24
N TYR A 547 37.59 9.80 -26.56
CA TYR A 547 37.75 11.17 -27.04
C TYR A 547 39.08 11.38 -27.74
N SER A 548 39.74 10.30 -28.17
CA SER A 548 40.83 10.40 -29.12
C SER A 548 40.34 10.53 -30.55
N VAL A 549 39.03 10.34 -30.77
CA VAL A 549 38.41 10.46 -32.08
C VAL A 549 37.15 11.30 -31.92
N ASP A 550 36.37 11.42 -32.99
CA ASP A 550 35.10 12.16 -32.96
C ASP A 550 33.98 11.24 -33.40
N LEU A 551 33.03 11.00 -32.51
CA LEU A 551 31.91 10.11 -32.72
C LEU A 551 30.82 10.81 -33.55
N PRO A 552 30.04 10.06 -34.32
CA PRO A 552 29.00 10.69 -35.14
C PRO A 552 27.82 11.21 -34.34
N PHE A 553 27.23 12.29 -34.88
CA PHE A 553 26.09 12.95 -34.29
C PHE A 553 24.88 12.03 -34.20
N MET A 554 24.74 11.11 -35.16
CA MET A 554 23.61 10.18 -35.14
C MET A 554 23.72 9.19 -34.00
N TYR A 555 24.93 8.68 -33.74
CA TYR A 555 25.16 7.84 -32.56
C TYR A 555 24.89 8.61 -31.29
N CYS A 556 25.32 9.89 -31.23
CA CYS A 556 25.11 10.68 -30.02
C CYS A 556 23.63 10.91 -29.72
N ILE A 557 22.84 11.24 -30.75
CA ILE A 557 21.42 11.51 -30.49
C ILE A 557 20.65 10.22 -30.23
N THR A 558 20.99 9.11 -30.91
CA THR A 558 20.26 7.89 -30.61
C THR A 558 20.68 7.27 -29.29
N TYR A 559 21.88 7.58 -28.79
CA TYR A 559 22.22 7.12 -27.45
C TYR A 559 21.55 7.97 -26.38
N ALA A 560 21.44 9.29 -26.62
CA ALA A 560 20.72 10.14 -25.68
C ALA A 560 19.21 9.86 -25.68
N ALA A 561 18.67 9.24 -26.72
CA ALA A 561 17.31 8.74 -26.65
C ALA A 561 17.23 7.36 -26.01
N PHE A 562 18.23 6.50 -26.26
CA PHE A 562 18.27 5.17 -25.68
C PHE A 562 18.33 5.21 -24.16
N ALA A 563 19.01 6.22 -23.60
CA ALA A 563 19.09 6.36 -22.15
C ALA A 563 17.71 6.53 -21.52
N ILE A 564 17.02 7.62 -21.86
CA ILE A 564 15.75 7.94 -21.20
C ILE A 564 14.57 7.24 -21.84
N ILE A 565 14.81 6.29 -22.74
CA ILE A 565 13.74 5.40 -23.20
C ILE A 565 13.91 3.99 -22.64
N ALA A 566 15.13 3.48 -22.53
CA ALA A 566 15.32 2.09 -22.20
C ALA A 566 16.03 1.83 -20.87
N THR A 567 16.58 2.84 -20.22
CA THR A 567 17.27 2.60 -18.95
C THR A 567 16.67 3.38 -17.79
N LEU A 568 16.35 4.66 -17.99
CA LEU A 568 15.70 5.43 -16.93
C LEU A 568 14.27 4.95 -16.70
N LEU A 569 13.56 4.55 -17.76
CA LEU A 569 12.14 4.28 -17.64
C LEU A 569 11.82 2.80 -17.38
N MET A 570 12.24 1.91 -18.28
CA MET A 570 11.73 0.55 -18.23
C MET A 570 12.41 -0.25 -17.11
N LEU A 571 13.71 -0.04 -16.92
CA LEU A 571 14.43 -0.68 -15.82
C LEU A 571 13.97 -0.16 -14.47
N ASN A 572 13.38 1.03 -14.40
CA ASN A 572 12.82 1.52 -13.15
C ASN A 572 11.32 1.30 -13.05
N LEU A 573 10.68 0.81 -14.10
CA LEU A 573 9.30 0.36 -13.99
C LEU A 573 9.22 -1.10 -13.58
N PHE A 574 10.27 -1.87 -13.88
CA PHE A 574 10.31 -3.26 -13.44
C PHE A 574 10.30 -3.37 -11.92
N ILE A 575 10.96 -2.43 -11.23
CA ILE A 575 11.01 -2.45 -9.78
C ILE A 575 9.62 -2.19 -9.19
N ALA A 576 8.86 -1.27 -9.79
CA ALA A 576 7.52 -0.99 -9.30
C ALA A 576 6.57 -2.15 -9.58
N MET A 577 6.71 -2.82 -10.72
CA MET A 577 5.82 -3.95 -11.02
C MET A 577 6.09 -5.13 -10.09
N MET A 578 7.35 -5.47 -9.86
CA MET A 578 7.63 -6.53 -8.90
C MET A 578 7.53 -6.07 -7.46
N GLY A 579 7.28 -4.78 -7.21
CA GLY A 579 6.85 -4.34 -5.90
C GLY A 579 5.36 -4.59 -5.68
N ASP A 580 4.54 -4.32 -6.70
CA ASP A 580 3.11 -4.53 -6.51
C ASP A 580 2.72 -6.01 -6.57
N THR A 581 3.43 -6.83 -7.34
CA THR A 581 3.19 -8.27 -7.26
C THR A 581 3.53 -8.80 -5.88
N HIS A 582 4.62 -8.31 -5.28
CA HIS A 582 5.01 -8.70 -3.92
C HIS A 582 4.02 -8.18 -2.88
N TRP A 583 3.36 -7.06 -3.16
CA TRP A 583 2.33 -6.59 -2.24
C TRP A 583 1.06 -7.43 -2.33
N ARG A 584 0.72 -7.90 -3.54
CA ARG A 584 -0.56 -8.59 -3.73
C ARG A 584 -0.50 -10.09 -3.50
N VAL A 585 0.68 -10.70 -3.54
CA VAL A 585 0.80 -12.16 -3.45
C VAL A 585 1.53 -12.40 -2.12
N ALA A 586 1.19 -11.59 -1.13
CA ALA A 586 1.77 -11.69 0.19
C ALA A 586 0.99 -12.61 1.11
N GLN A 587 0.03 -13.37 0.59
CA GLN A 587 -0.66 -14.39 1.36
C GLN A 587 -0.75 -15.73 0.65
N GLU A 588 -0.56 -15.78 -0.67
CA GLU A 588 -0.47 -17.05 -1.36
C GLU A 588 0.79 -17.80 -0.98
N ARG A 589 1.90 -17.09 -0.71
CA ARG A 589 3.11 -17.78 -0.25
C ARG A 589 2.93 -18.34 1.16
N ASP A 590 2.26 -17.61 2.05
CA ASP A 590 2.03 -18.10 3.40
C ASP A 590 0.90 -19.12 3.48
N GLU A 591 0.10 -19.26 2.42
CA GLU A 591 -0.91 -20.30 2.34
C GLU A 591 -0.46 -21.48 1.49
N LEU A 592 0.68 -21.36 0.81
CA LEU A 592 1.24 -22.43 0.00
C LEU A 592 2.44 -23.11 0.65
N TRP A 593 3.12 -22.41 1.57
CA TRP A 593 4.30 -23.00 2.20
C TRP A 593 3.92 -24.18 3.11
N ARG A 594 2.78 -24.10 3.80
CA ARG A 594 2.35 -25.21 4.63
C ARG A 594 1.98 -26.42 3.78
N ALA A 595 1.38 -26.18 2.62
CA ALA A 595 1.04 -27.29 1.74
C ALA A 595 2.28 -27.96 1.19
N GLN A 596 3.31 -27.18 0.85
CA GLN A 596 4.51 -27.87 0.36
C GLN A 596 5.33 -28.53 1.47
N VAL A 597 5.22 -28.07 2.72
CA VAL A 597 5.93 -28.82 3.76
C VAL A 597 5.16 -30.11 4.12
N VAL A 598 3.84 -30.14 3.99
CA VAL A 598 3.12 -31.41 4.14
C VAL A 598 3.41 -32.34 2.96
N ALA A 599 3.66 -31.78 1.78
CA ALA A 599 4.08 -32.57 0.63
C ALA A 599 5.42 -33.28 0.88
N THR A 600 6.40 -32.55 1.43
CA THR A 600 7.68 -33.21 1.73
C THR A 600 7.55 -34.24 2.86
N THR A 601 6.70 -33.98 3.86
CA THR A 601 6.48 -34.97 4.92
C THR A 601 5.89 -36.27 4.37
N VAL A 602 4.88 -36.16 3.51
CA VAL A 602 4.25 -37.33 2.90
C VAL A 602 5.23 -38.08 1.98
N MET A 603 6.04 -37.34 1.22
CA MET A 603 7.03 -37.98 0.35
C MET A 603 8.07 -38.76 1.13
N LEU A 604 8.60 -38.19 2.22
CA LEU A 604 9.58 -38.93 3.01
C LEU A 604 8.95 -40.10 3.76
N GLU A 605 7.70 -39.94 4.21
CA GLU A 605 7.00 -41.04 4.89
C GLU A 605 6.74 -42.20 3.94
N ARG A 606 6.50 -41.91 2.67
CA ARG A 606 6.36 -43.00 1.70
C ARG A 606 7.71 -43.59 1.30
N LYS A 607 8.76 -42.77 1.25
CA LYS A 607 10.03 -43.24 0.69
C LYS A 607 10.86 -44.03 1.69
N MET A 608 11.14 -43.44 2.86
CA MET A 608 12.08 -44.06 3.78
C MET A 608 11.43 -45.26 4.48
N PRO A 609 12.23 -46.26 4.87
CA PRO A 609 11.65 -47.50 5.38
C PRO A 609 10.91 -47.35 6.71
N ARG A 610 10.05 -48.33 6.96
CA ARG A 610 9.09 -48.28 8.06
C ARG A 610 9.61 -48.92 9.33
N PHE A 611 10.86 -49.37 9.35
CA PHE A 611 11.51 -49.63 10.62
C PHE A 611 12.07 -48.36 11.22
N LEU A 612 12.19 -47.31 10.42
CA LEU A 612 12.64 -46.00 10.84
C LEU A 612 11.54 -44.96 10.82
N TRP A 613 10.42 -45.25 10.14
CA TRP A 613 9.23 -44.41 10.13
C TRP A 613 8.05 -45.15 10.77
N PRO A 614 7.91 -45.11 12.10
CA PRO A 614 6.79 -45.79 12.75
C PRO A 614 5.47 -45.06 12.59
N ARG A 615 4.43 -45.54 13.28
CA ARG A 615 3.09 -45.00 13.14
C ARG A 615 2.98 -43.62 13.80
N SER A 616 1.76 -43.09 13.79
CA SER A 616 1.44 -41.84 14.46
C SER A 616 0.23 -42.05 15.34
N GLY A 617 0.24 -41.39 16.50
CA GLY A 617 -0.83 -41.51 17.45
C GLY A 617 -0.73 -42.78 18.28
N ILE A 618 -1.58 -42.84 19.30
CA ILE A 618 -1.63 -43.94 20.25
C ILE A 618 -2.19 -45.20 19.57
N CYS A 619 -2.03 -46.34 20.23
CA CYS A 619 -2.62 -47.57 19.74
C CYS A 619 -3.98 -47.76 20.38
N GLY A 620 -4.63 -48.87 20.03
CA GLY A 620 -5.94 -49.18 20.59
C GLY A 620 -6.08 -50.65 20.90
N TYR A 621 -5.00 -51.40 20.74
CA TYR A 621 -5.04 -52.83 21.03
C TYR A 621 -4.79 -53.12 22.49
N GLU A 622 -3.95 -52.32 23.16
CA GLU A 622 -3.63 -52.49 24.56
C GLU A 622 -4.49 -51.61 25.47
N TYR A 623 -5.60 -51.09 24.95
CA TYR A 623 -6.46 -50.20 25.73
C TYR A 623 -7.94 -50.57 25.57
N GLY A 624 -8.21 -51.80 25.13
CA GLY A 624 -9.59 -52.26 25.07
C GLY A 624 -10.40 -51.72 23.91
N LEU A 625 -9.75 -51.31 22.81
CA LEU A 625 -10.47 -50.84 21.63
C LEU A 625 -10.25 -51.76 20.43
N GLY A 626 -9.00 -52.00 20.03
CA GLY A 626 -8.72 -53.01 19.03
C GLY A 626 -8.47 -52.50 17.63
N ASP A 627 -7.19 -52.38 17.25
CA ASP A 627 -6.73 -52.18 15.88
C ASP A 627 -7.28 -50.90 15.26
N ARG A 628 -7.33 -49.84 16.04
CA ARG A 628 -7.76 -48.53 15.54
C ARG A 628 -6.86 -47.49 16.19
N TRP A 629 -5.88 -46.99 15.43
CA TRP A 629 -4.96 -46.01 15.96
C TRP A 629 -5.67 -44.68 16.14
N PHE A 630 -5.59 -44.11 17.34
CA PHE A 630 -6.30 -42.89 17.70
C PHE A 630 -5.34 -41.72 17.81
N LEU A 631 -5.91 -40.57 18.14
CA LEU A 631 -5.17 -39.35 18.44
C LEU A 631 -5.89 -38.66 19.58
N ARG A 632 -5.16 -37.90 20.39
CA ARG A 632 -5.74 -37.26 21.55
C ARG A 632 -5.26 -35.82 21.61
N VAL A 633 -6.01 -34.92 20.98
CA VAL A 633 -5.65 -33.51 20.92
C VAL A 633 -6.36 -32.78 22.06
N GLU A 634 -5.58 -32.12 22.92
CA GLU A 634 -6.13 -31.33 24.00
C GLU A 634 -6.62 -30.00 23.44
N ASN A 635 -7.70 -29.49 24.01
CA ASN A 635 -8.36 -28.31 23.48
C ASN A 635 -8.67 -27.35 24.62
N HIS A 636 -9.00 -26.11 24.26
CA HIS A 636 -9.35 -25.10 25.25
C HIS A 636 -10.21 -24.04 24.60
N HIS A 637 -11.43 -23.86 25.09
CA HIS A 637 -12.34 -22.82 24.64
C HIS A 637 -12.63 -21.88 25.81
N ASP A 638 -13.60 -20.99 25.58
CA ASP A 638 -13.96 -19.88 26.49
C ASP A 638 -12.75 -19.00 26.84
N TRP B 29 -20.09 35.76 -22.59
CA TRP B 29 -19.69 34.37 -22.62
C TRP B 29 -19.94 33.75 -21.27
N GLU B 30 -19.32 34.31 -20.23
CA GLU B 30 -19.61 34.00 -18.85
C GLU B 30 -20.04 35.23 -18.07
N GLN B 31 -19.29 36.33 -18.19
CA GLN B 31 -19.62 37.55 -17.47
C GLN B 31 -20.84 38.23 -18.07
N TYR B 32 -21.18 37.92 -19.32
CA TYR B 32 -22.40 38.44 -19.93
C TYR B 32 -23.64 37.90 -19.24
N ARG B 33 -23.57 36.70 -18.67
CA ARG B 33 -24.68 36.15 -17.91
C ARG B 33 -24.95 36.95 -16.64
N ASP B 34 -23.89 37.34 -15.92
CA ASP B 34 -24.05 38.19 -14.75
C ASP B 34 -24.54 39.57 -15.15
N ARG B 35 -24.04 40.07 -16.29
CA ARG B 35 -24.46 41.38 -16.80
C ARG B 35 -25.93 41.41 -17.15
N VAL B 36 -26.49 40.30 -17.62
CA VAL B 36 -27.92 40.29 -17.94
C VAL B 36 -28.78 39.96 -16.72
N ASN B 37 -28.27 39.14 -15.78
CA ASN B 37 -29.10 38.78 -14.62
C ASN B 37 -29.20 39.94 -13.64
N MET B 38 -28.12 40.72 -13.48
CA MET B 38 -28.21 41.90 -12.64
C MET B 38 -29.12 42.95 -13.26
N LEU B 39 -29.14 43.05 -14.59
CA LEU B 39 -30.02 44.00 -15.24
C LEU B 39 -31.49 43.60 -15.07
N GLN B 40 -31.78 42.30 -15.18
CA GLN B 40 -33.14 41.83 -14.96
C GLN B 40 -33.59 42.04 -13.52
N GLN B 41 -32.70 41.77 -12.56
CA GLN B 41 -33.06 41.97 -11.15
C GLN B 41 -33.19 43.45 -10.80
N GLU B 42 -32.39 44.32 -11.43
CA GLU B 42 -32.52 45.75 -11.19
C GLU B 42 -33.82 46.28 -11.77
N ARG B 43 -34.23 45.79 -12.94
CA ARG B 43 -35.51 46.22 -13.51
C ARG B 43 -36.68 45.73 -12.66
N ILE B 44 -36.58 44.52 -12.12
CA ILE B 44 -37.61 44.00 -11.23
C ILE B 44 -37.69 44.82 -9.95
N ARG B 45 -36.54 45.21 -9.40
CA ARG B 45 -36.50 46.04 -8.21
C ARG B 45 -37.04 47.44 -8.49
N ASP B 46 -36.86 47.94 -9.71
CA ASP B 46 -37.27 49.31 -10.01
C ASP B 46 -38.76 49.40 -10.34
N SER B 47 -39.32 48.44 -11.07
CA SER B 47 -40.70 48.57 -11.51
C SER B 47 -41.66 48.22 -10.37
N PRO B 48 -42.67 49.05 -10.11
CA PRO B 48 -43.48 48.85 -8.89
C PRO B 48 -44.45 47.70 -8.97
N LEU B 49 -45.08 47.47 -10.13
CA LEU B 49 -46.02 46.36 -10.29
C LEU B 49 -45.29 45.02 -10.21
N LEU B 50 -44.12 44.93 -10.86
CA LEU B 50 -43.32 43.72 -10.77
C LEU B 50 -42.76 43.52 -9.37
N GLN B 51 -42.45 44.61 -8.67
CA GLN B 51 -42.00 44.48 -7.28
C GLN B 51 -43.11 43.98 -6.37
N ALA B 52 -44.34 44.44 -6.61
CA ALA B 52 -45.48 43.96 -5.83
C ALA B 52 -45.78 42.49 -6.14
N ALA B 53 -45.62 42.10 -7.41
CA ALA B 53 -45.80 40.70 -7.78
C ALA B 53 -44.68 39.82 -7.23
N LYS B 54 -43.50 40.40 -7.01
CA LYS B 54 -42.43 39.66 -6.34
C LYS B 54 -42.71 39.49 -4.86
N GLU B 55 -43.19 40.56 -4.21
CA GLU B 55 -43.40 40.55 -2.76
C GLU B 55 -44.70 39.87 -2.35
N ASN B 56 -45.58 39.56 -3.31
CA ASN B 56 -46.88 38.89 -3.08
C ASN B 56 -47.77 39.75 -2.17
N ASP B 57 -48.07 40.94 -2.67
CA ASP B 57 -49.02 41.83 -2.02
C ASP B 57 -50.43 41.49 -2.49
N LEU B 58 -51.41 42.05 -1.80
CA LEU B 58 -52.80 41.94 -2.24
C LEU B 58 -53.45 43.28 -2.53
N ARG B 59 -53.28 44.26 -1.63
CA ARG B 59 -53.92 45.56 -1.83
C ARG B 59 -53.27 46.34 -2.95
N LEU B 60 -51.95 46.14 -3.16
CA LEU B 60 -51.27 46.86 -4.24
C LEU B 60 -51.68 46.32 -5.59
N LEU B 61 -51.82 45.00 -5.73
CA LEU B 61 -52.35 44.45 -6.97
C LEU B 61 -53.81 44.81 -7.18
N LYS B 62 -54.57 44.93 -6.09
CA LYS B 62 -55.97 45.34 -6.22
C LYS B 62 -56.10 46.78 -6.70
N ILE B 63 -55.26 47.68 -6.17
CA ILE B 63 -55.38 49.07 -6.61
C ILE B 63 -54.78 49.26 -8.01
N LEU B 64 -53.73 48.48 -8.36
CA LEU B 64 -53.19 48.57 -9.70
C LEU B 64 -54.06 47.90 -10.74
N LEU B 65 -54.93 46.98 -10.33
CA LEU B 65 -55.92 46.44 -11.25
C LEU B 65 -57.17 47.30 -11.34
N LEU B 66 -57.54 47.98 -10.25
CA LEU B 66 -58.70 48.86 -10.29
C LEU B 66 -58.42 50.13 -11.07
N ASN B 67 -57.24 50.73 -10.86
CA ASN B 67 -56.82 51.88 -11.65
C ASN B 67 -56.42 51.38 -13.03
N GLN B 68 -57.35 51.45 -13.98
CA GLN B 68 -57.15 50.86 -15.31
C GLN B 68 -56.21 51.68 -16.20
N SER B 69 -55.73 52.83 -15.74
CA SER B 69 -54.80 53.62 -16.55
C SER B 69 -53.41 52.99 -16.61
N CYS B 70 -53.06 52.16 -15.63
CA CYS B 70 -51.75 51.52 -15.63
C CYS B 70 -51.68 50.42 -16.68
N ASP B 71 -50.54 50.32 -17.35
CA ASP B 71 -50.33 49.33 -18.38
C ASP B 71 -49.92 48.00 -17.76
N PHE B 72 -50.41 46.91 -18.33
CA PHE B 72 -50.15 45.58 -17.80
C PHE B 72 -49.27 44.73 -18.71
N GLN B 73 -49.06 45.16 -19.96
CA GLN B 73 -48.21 44.43 -20.89
C GLN B 73 -46.77 44.96 -20.90
N GLN B 74 -46.37 45.69 -19.86
CA GLN B 74 -45.06 46.32 -19.84
C GLN B 74 -43.95 45.28 -19.67
N ARG B 75 -42.84 45.50 -20.38
CA ARG B 75 -41.75 44.55 -20.43
C ARG B 75 -40.59 45.02 -19.56
N GLY B 76 -39.89 44.07 -18.94
CA GLY B 76 -38.73 44.38 -18.14
C GLY B 76 -37.45 44.41 -18.95
N ALA B 77 -36.39 43.81 -18.43
CA ALA B 77 -35.11 43.80 -19.15
C ALA B 77 -35.09 42.72 -20.22
N VAL B 78 -35.16 41.45 -19.82
CA VAL B 78 -35.22 40.36 -20.78
C VAL B 78 -36.65 39.81 -20.82
N GLY B 79 -37.45 40.39 -21.72
CA GLY B 79 -38.85 40.05 -21.99
C GLY B 79 -39.75 39.83 -20.79
N GLU B 80 -39.48 40.55 -19.71
CA GLU B 80 -39.99 40.19 -18.39
C GLU B 80 -41.45 40.60 -18.27
N THR B 81 -42.33 39.62 -18.39
CA THR B 81 -43.75 39.82 -18.20
C THR B 81 -44.08 39.64 -16.72
N ALA B 82 -45.17 40.29 -16.28
CA ALA B 82 -45.59 40.17 -14.89
C ALA B 82 -46.01 38.75 -14.54
N LEU B 83 -46.57 38.01 -15.51
CA LEU B 83 -46.86 36.60 -15.27
C LEU B 83 -45.58 35.78 -15.14
N HIS B 84 -44.53 36.16 -15.88
CA HIS B 84 -43.24 35.49 -15.74
C HIS B 84 -42.63 35.72 -14.36
N VAL B 85 -42.67 36.96 -13.88
CA VAL B 85 -42.07 37.23 -12.57
C VAL B 85 -42.96 36.72 -11.43
N ALA B 86 -44.25 36.50 -11.69
CA ALA B 86 -45.07 35.82 -10.70
C ALA B 86 -44.73 34.34 -10.64
N ALA B 87 -44.59 33.70 -11.81
CA ALA B 87 -44.34 32.26 -11.82
C ALA B 87 -42.91 31.92 -11.40
N LEU B 88 -41.98 32.85 -11.55
CA LEU B 88 -40.59 32.57 -11.17
C LEU B 88 -40.41 32.53 -9.66
N TYR B 89 -41.17 33.33 -8.92
CA TYR B 89 -41.13 33.34 -7.47
C TYR B 89 -42.35 32.68 -6.83
N ASP B 90 -43.18 32.02 -7.65
CA ASP B 90 -44.26 31.11 -7.21
C ASP B 90 -45.31 31.86 -6.37
N ASN B 91 -45.97 32.81 -7.03
CA ASN B 91 -47.03 33.61 -6.42
C ASN B 91 -48.34 33.21 -7.09
N LEU B 92 -49.01 32.21 -6.51
CA LEU B 92 -50.23 31.67 -7.09
C LEU B 92 -51.37 32.68 -7.07
N GLU B 93 -51.55 33.39 -5.94
CA GLU B 93 -52.62 34.37 -5.84
C GLU B 93 -52.41 35.54 -6.80
N ALA B 94 -51.16 36.00 -6.93
CA ALA B 94 -50.86 37.08 -7.85
C ALA B 94 -51.07 36.65 -9.29
N ALA B 95 -50.71 35.40 -9.63
CA ALA B 95 -50.90 34.92 -10.99
C ALA B 95 -52.38 34.75 -11.34
N THR B 96 -53.18 34.23 -10.41
CA THR B 96 -54.61 34.10 -10.67
C THR B 96 -55.29 35.46 -10.76
N LEU B 97 -54.91 36.41 -9.90
CA LEU B 97 -55.48 37.75 -10.00
C LEU B 97 -55.05 38.45 -11.28
N LEU B 98 -53.84 38.16 -11.75
CA LEU B 98 -53.36 38.76 -12.99
C LEU B 98 -54.11 38.20 -14.20
N MET B 99 -54.36 36.89 -14.23
CA MET B 99 -55.10 36.35 -15.37
C MET B 99 -56.58 36.69 -15.32
N GLU B 100 -57.17 36.85 -14.12
CA GLU B 100 -58.54 37.34 -14.09
C GLU B 100 -58.64 38.85 -14.27
N ALA B 101 -57.53 39.59 -14.19
CA ALA B 101 -57.56 41.00 -14.54
C ALA B 101 -57.38 41.21 -16.04
N ALA B 102 -56.37 40.55 -16.62
CA ALA B 102 -56.12 40.63 -18.05
C ALA B 102 -55.52 39.31 -18.51
N PRO B 103 -56.28 38.46 -19.19
CA PRO B 103 -55.80 37.11 -19.56
C PRO B 103 -55.02 37.04 -20.86
N GLU B 104 -54.57 38.17 -21.40
CA GLU B 104 -53.87 38.22 -22.69
C GLU B 104 -52.36 38.27 -22.53
N LEU B 105 -51.82 37.59 -21.52
CA LEU B 105 -50.40 37.67 -21.20
C LEU B 105 -49.73 36.30 -21.18
N ALA B 106 -50.43 35.24 -21.60
CA ALA B 106 -49.90 33.89 -21.57
C ALA B 106 -49.31 33.44 -22.90
N LYS B 107 -49.81 33.95 -24.02
CA LYS B 107 -49.38 33.53 -25.34
C LYS B 107 -48.28 34.43 -25.91
N GLU B 108 -47.66 35.28 -25.09
CA GLU B 108 -46.62 36.17 -25.56
C GLU B 108 -45.30 35.79 -24.91
N PRO B 109 -44.31 35.34 -25.69
CA PRO B 109 -43.02 34.98 -25.09
C PRO B 109 -42.09 36.18 -24.95
N ALA B 110 -40.86 35.93 -24.50
CA ALA B 110 -39.86 36.96 -24.41
C ALA B 110 -39.23 37.22 -25.77
N LEU B 111 -38.31 38.19 -25.84
CA LEU B 111 -37.66 38.49 -27.11
C LEU B 111 -36.17 38.81 -27.02
N CYS B 112 -35.58 38.84 -25.83
CA CYS B 112 -34.18 39.24 -25.71
C CYS B 112 -33.28 38.00 -25.75
N GLU B 113 -31.98 38.20 -25.54
CA GLU B 113 -30.98 37.24 -26.01
C GLU B 113 -30.84 35.95 -25.18
N PRO B 114 -30.64 35.95 -23.85
CA PRO B 114 -30.37 34.68 -23.18
C PRO B 114 -31.60 33.80 -22.98
N PHE B 115 -32.80 34.38 -22.97
CA PHE B 115 -34.04 33.65 -22.73
C PHE B 115 -35.01 34.07 -23.83
N VAL B 116 -34.94 33.39 -24.97
CA VAL B 116 -35.66 33.86 -26.15
C VAL B 116 -37.13 33.44 -26.08
N GLY B 117 -37.41 32.14 -26.09
CA GLY B 117 -38.78 31.70 -26.20
C GLY B 117 -39.36 31.18 -24.90
N GLN B 118 -38.98 31.78 -23.79
CA GLN B 118 -39.47 31.32 -22.49
C GLN B 118 -40.93 31.73 -22.30
N THR B 119 -41.68 30.88 -21.60
CA THR B 119 -43.08 31.15 -21.33
C THR B 119 -43.36 30.92 -19.85
N ALA B 120 -44.51 31.45 -19.42
CA ALA B 120 -44.99 31.20 -18.07
C ALA B 120 -45.29 29.73 -17.87
N LEU B 121 -45.74 29.05 -18.92
CA LEU B 121 -45.95 27.60 -18.84
C LEU B 121 -44.63 26.86 -18.67
N HIS B 122 -43.57 27.34 -19.35
CA HIS B 122 -42.25 26.73 -19.21
C HIS B 122 -41.72 26.84 -17.79
N ILE B 123 -41.74 28.07 -17.23
CA ILE B 123 -41.21 28.20 -15.88
C ILE B 123 -42.14 27.59 -14.83
N ALA B 124 -43.44 27.48 -15.11
CA ALA B 124 -44.34 26.81 -14.18
C ALA B 124 -44.09 25.30 -14.16
N VAL B 125 -43.91 24.68 -15.33
CA VAL B 125 -43.68 23.25 -15.34
C VAL B 125 -42.26 22.93 -14.86
N MET B 126 -41.33 23.88 -14.95
CA MET B 126 -40.05 23.66 -14.29
C MET B 126 -40.16 23.81 -12.77
N ASN B 127 -40.95 24.77 -12.30
CA ASN B 127 -41.10 25.01 -10.86
C ASN B 127 -41.98 23.99 -10.17
N GLN B 128 -42.72 23.17 -10.94
CA GLN B 128 -43.44 21.98 -10.47
C GLN B 128 -44.53 22.34 -9.45
N ASN B 129 -45.55 23.05 -9.95
CA ASN B 129 -46.81 23.22 -9.24
C ASN B 129 -47.96 22.90 -10.18
N LEU B 130 -48.82 21.98 -9.76
CA LEU B 130 -49.90 21.52 -10.64
C LEU B 130 -50.98 22.57 -10.83
N ASN B 131 -51.26 23.36 -9.79
CA ASN B 131 -52.39 24.28 -9.82
C ASN B 131 -52.17 25.43 -10.80
N LEU B 132 -50.95 25.95 -10.85
CA LEU B 132 -50.65 27.05 -11.77
C LEU B 132 -50.65 26.57 -13.21
N VAL B 133 -50.20 25.34 -13.45
CA VAL B 133 -50.23 24.78 -14.79
C VAL B 133 -51.66 24.51 -15.23
N ARG B 134 -52.51 24.05 -14.29
CA ARG B 134 -53.93 23.88 -14.60
C ARG B 134 -54.61 25.21 -14.89
N ALA B 135 -54.23 26.26 -14.15
CA ALA B 135 -54.81 27.58 -14.39
C ALA B 135 -54.35 28.15 -15.73
N LEU B 136 -53.08 27.95 -16.09
CA LEU B 136 -52.60 28.43 -17.38
C LEU B 136 -53.22 27.66 -18.55
N LEU B 137 -53.41 26.35 -18.39
CA LEU B 137 -54.08 25.59 -19.44
C LEU B 137 -55.57 25.88 -19.52
N ALA B 138 -56.19 26.31 -18.41
CA ALA B 138 -57.57 26.76 -18.49
C ALA B 138 -57.69 28.15 -19.09
N ARG B 139 -56.64 28.98 -18.94
CA ARG B 139 -56.65 30.33 -19.48
C ARG B 139 -56.14 30.41 -20.91
N GLY B 140 -56.08 29.29 -21.62
CA GLY B 140 -55.72 29.29 -23.02
C GLY B 140 -54.25 29.58 -23.30
N ALA B 141 -53.38 28.67 -22.88
CA ALA B 141 -51.95 28.78 -23.15
C ALA B 141 -51.53 27.65 -24.09
N SER B 142 -50.78 28.00 -25.13
CA SER B 142 -50.32 27.00 -26.08
C SER B 142 -49.20 26.17 -25.47
N VAL B 143 -49.09 24.93 -25.94
CA VAL B 143 -48.15 23.96 -25.39
C VAL B 143 -47.03 23.62 -26.33
N SER B 144 -46.97 24.27 -27.49
CA SER B 144 -45.90 24.01 -28.47
C SER B 144 -45.06 25.25 -28.70
N ALA B 145 -44.93 26.10 -27.68
CA ALA B 145 -44.06 27.26 -27.77
C ALA B 145 -42.62 26.82 -27.59
N ARG B 146 -41.77 27.20 -28.54
CA ARG B 146 -40.38 26.75 -28.53
C ARG B 146 -39.48 27.80 -27.89
N ALA B 147 -38.42 27.33 -27.24
CA ALA B 147 -37.47 28.19 -26.54
C ALA B 147 -36.07 27.92 -27.09
N THR B 148 -35.56 28.85 -27.89
CA THR B 148 -34.27 28.69 -28.55
C THR B 148 -33.35 29.89 -28.26
N GLY B 149 -32.62 29.79 -27.16
CA GLY B 149 -31.68 30.81 -26.75
C GLY B 149 -30.37 30.19 -26.31
N ALA B 150 -29.74 30.83 -25.33
CA ALA B 150 -28.52 30.30 -24.72
C ALA B 150 -28.79 29.63 -23.38
N ALA B 151 -30.01 29.73 -22.86
CA ALA B 151 -30.34 29.06 -21.61
C ALA B 151 -30.58 27.58 -21.83
N PHE B 152 -31.55 27.24 -22.67
CA PHE B 152 -31.95 25.86 -22.91
C PHE B 152 -31.25 25.34 -24.17
N ARG B 153 -29.97 25.05 -24.04
CA ARG B 153 -29.16 24.62 -25.16
C ARG B 153 -28.01 23.78 -24.65
N ARG B 154 -27.74 22.66 -25.32
CA ARG B 154 -26.69 21.73 -24.92
C ARG B 154 -25.33 22.39 -25.06
N SER B 155 -24.73 22.74 -23.92
CA SER B 155 -23.43 23.41 -23.89
C SER B 155 -22.84 23.20 -22.51
N PRO B 156 -21.51 23.14 -22.39
CA PRO B 156 -20.91 22.89 -21.07
C PRO B 156 -20.97 24.07 -20.11
N HIS B 157 -21.33 25.26 -20.58
CA HIS B 157 -21.43 26.40 -19.67
C HIS B 157 -22.72 26.37 -18.86
N ASN B 158 -23.83 26.03 -19.50
CA ASN B 158 -25.09 25.86 -18.76
C ASN B 158 -25.04 24.57 -17.96
N LEU B 159 -25.66 24.60 -16.78
CA LEU B 159 -25.57 23.45 -15.88
C LEU B 159 -26.45 22.30 -16.33
N ILE B 160 -27.67 22.58 -16.77
CA ILE B 160 -28.63 21.54 -17.10
C ILE B 160 -29.07 21.67 -18.55
N TYR B 161 -29.46 20.54 -19.14
CA TYR B 161 -30.12 20.48 -20.43
C TYR B 161 -31.45 19.78 -20.21
N TYR B 162 -32.54 20.52 -20.35
CA TYR B 162 -33.87 19.97 -20.15
C TYR B 162 -34.66 19.80 -21.43
N GLY B 163 -34.27 20.46 -22.51
CA GLY B 163 -34.98 20.41 -23.77
C GLY B 163 -35.55 21.76 -24.15
N GLU B 164 -36.36 21.75 -25.20
CA GLU B 164 -36.90 22.98 -25.77
C GLU B 164 -38.40 22.88 -25.97
N HIS B 165 -39.08 22.14 -25.10
CA HIS B 165 -40.52 21.95 -25.20
C HIS B 165 -41.07 21.65 -23.82
N PRO B 166 -42.34 21.99 -23.55
CA PRO B 166 -42.88 21.74 -22.20
C PRO B 166 -43.00 20.27 -21.83
N LEU B 167 -43.30 19.41 -22.80
CA LEU B 167 -43.35 17.98 -22.51
C LEU B 167 -41.97 17.44 -22.20
N SER B 168 -40.94 17.93 -22.91
CA SER B 168 -39.57 17.57 -22.57
C SER B 168 -39.19 18.07 -21.19
N PHE B 169 -39.68 19.26 -20.81
CA PHE B 169 -39.43 19.80 -19.48
C PHE B 169 -40.04 18.92 -18.39
N ALA B 170 -41.31 18.55 -18.56
CA ALA B 170 -42.01 17.74 -17.55
C ALA B 170 -41.43 16.34 -17.45
N ALA B 171 -41.24 15.68 -18.59
CA ALA B 171 -40.70 14.32 -18.58
C ALA B 171 -39.23 14.28 -18.20
N CYS B 172 -38.51 15.39 -18.32
CA CYS B 172 -37.12 15.41 -17.93
C CYS B 172 -36.96 15.69 -16.43
N VAL B 173 -37.80 16.58 -15.88
CA VAL B 173 -37.73 16.80 -14.43
C VAL B 173 -38.34 15.62 -13.68
N GLY B 174 -39.21 14.85 -14.31
CA GLY B 174 -39.71 13.62 -13.74
C GLY B 174 -41.02 13.72 -13.01
N SER B 175 -41.94 14.55 -13.47
CA SER B 175 -43.25 14.63 -12.83
C SER B 175 -44.13 13.48 -13.30
N GLU B 176 -45.26 13.32 -12.62
CA GLU B 176 -46.15 12.20 -12.87
C GLU B 176 -47.52 12.61 -13.37
N GLU B 177 -48.09 13.70 -12.85
CA GLU B 177 -49.44 14.12 -13.20
C GLU B 177 -49.45 15.35 -14.10
N ILE B 178 -48.29 15.74 -14.62
CA ILE B 178 -48.22 16.79 -15.62
C ILE B 178 -48.09 16.23 -17.02
N VAL B 179 -47.46 15.06 -17.18
CA VAL B 179 -47.25 14.49 -18.50
C VAL B 179 -48.57 14.05 -19.14
N ARG B 180 -49.49 13.50 -18.35
CA ARG B 180 -50.80 13.14 -18.89
C ARG B 180 -51.63 14.39 -19.17
N LEU B 181 -51.54 15.39 -18.29
CA LEU B 181 -52.27 16.64 -18.45
C LEU B 181 -51.80 17.43 -19.67
N LEU B 182 -50.55 17.24 -20.08
CA LEU B 182 -50.07 17.88 -21.30
C LEU B 182 -50.32 17.03 -22.55
N ILE B 183 -50.17 15.71 -22.47
CA ILE B 183 -50.36 14.88 -23.65
C ILE B 183 -51.83 14.79 -24.05
N GLU B 184 -52.75 14.85 -23.09
CA GLU B 184 -54.16 14.82 -23.45
C GLU B 184 -54.63 16.14 -24.06
N HIS B 185 -53.82 17.19 -24.00
CA HIS B 185 -54.04 18.40 -24.77
C HIS B 185 -53.21 18.44 -26.04
N GLY B 186 -52.61 17.30 -26.42
CA GLY B 186 -51.91 17.20 -27.69
C GLY B 186 -50.58 17.90 -27.77
N ALA B 187 -49.74 17.76 -26.76
CA ALA B 187 -48.48 18.51 -26.69
C ALA B 187 -47.29 17.72 -27.24
N ASP B 188 -47.44 17.17 -28.45
CA ASP B 188 -46.33 16.70 -29.30
C ASP B 188 -45.49 15.62 -28.61
N ILE B 189 -46.11 14.44 -28.45
CA ILE B 189 -45.40 13.29 -27.89
C ILE B 189 -44.22 12.89 -28.76
N ARG B 190 -44.32 13.06 -30.07
CA ARG B 190 -43.21 12.89 -31.00
C ARG B 190 -42.84 14.28 -31.51
N ALA B 191 -41.99 14.96 -30.76
CA ALA B 191 -41.61 16.34 -31.05
C ALA B 191 -40.21 16.40 -31.61
N GLN B 192 -39.85 17.59 -32.10
CA GLN B 192 -38.49 17.86 -32.55
C GLN B 192 -38.08 19.22 -32.03
N ASP B 193 -36.77 19.42 -31.92
CA ASP B 193 -36.21 20.66 -31.38
C ASP B 193 -34.86 20.91 -32.03
N SER B 194 -34.07 21.78 -31.42
CA SER B 194 -32.72 22.05 -31.90
C SER B 194 -31.84 20.82 -31.71
N LEU B 195 -30.89 20.66 -32.63
CA LEU B 195 -30.00 19.51 -32.82
C LEU B 195 -30.75 18.21 -33.12
N GLY B 196 -32.03 18.27 -33.46
CA GLY B 196 -32.79 17.12 -33.91
C GLY B 196 -33.17 16.10 -32.87
N ASN B 197 -33.04 16.38 -31.58
CA ASN B 197 -33.34 15.40 -30.54
C ASN B 197 -34.84 15.20 -30.39
N THR B 198 -35.23 14.35 -29.45
CA THR B 198 -36.62 14.26 -29.00
C THR B 198 -36.63 13.92 -27.51
N VAL B 199 -37.81 13.62 -26.99
CA VAL B 199 -37.98 13.48 -25.55
C VAL B 199 -37.30 12.21 -25.03
N LEU B 200 -37.15 11.18 -25.86
CA LEU B 200 -36.43 10.00 -25.41
C LEU B 200 -34.93 10.24 -25.32
N HIS B 201 -34.37 11.02 -26.26
CA HIS B 201 -32.97 11.41 -26.16
C HIS B 201 -32.74 12.32 -24.95
N ILE B 202 -33.71 13.18 -24.65
CA ILE B 202 -33.58 14.06 -23.49
C ILE B 202 -33.65 13.25 -22.20
N LEU B 203 -34.50 12.22 -22.16
CA LEU B 203 -34.55 11.36 -20.97
C LEU B 203 -33.33 10.46 -20.85
N ILE B 204 -32.68 10.14 -21.97
CA ILE B 204 -31.46 9.36 -21.91
C ILE B 204 -30.29 10.21 -21.41
N LEU B 205 -30.21 11.46 -21.84
CA LEU B 205 -29.15 12.37 -21.38
C LEU B 205 -29.47 12.97 -20.00
N GLN B 206 -29.57 12.10 -18.99
CA GLN B 206 -29.92 12.55 -17.64
C GLN B 206 -29.14 11.73 -16.62
N PRO B 207 -28.70 12.35 -15.52
CA PRO B 207 -27.92 11.62 -14.51
C PRO B 207 -28.70 11.04 -13.33
N ASN B 208 -30.03 11.03 -13.36
CA ASN B 208 -30.79 10.47 -12.24
C ASN B 208 -31.08 8.99 -12.47
N LYS B 209 -31.83 8.70 -13.54
CA LYS B 209 -32.11 7.40 -14.17
C LYS B 209 -33.05 6.48 -13.37
N THR B 210 -33.24 6.74 -12.08
CA THR B 210 -34.09 5.85 -11.29
C THR B 210 -35.54 6.33 -11.26
N PHE B 211 -35.77 7.64 -11.26
CA PHE B 211 -37.07 8.20 -11.53
C PHE B 211 -37.20 8.64 -12.98
N ALA B 212 -36.28 8.18 -13.84
CA ALA B 212 -36.37 8.38 -15.28
C ALA B 212 -36.63 7.11 -16.05
N CYS B 213 -36.30 5.93 -15.48
CA CYS B 213 -36.68 4.68 -16.11
C CYS B 213 -38.20 4.54 -16.23
N GLN B 214 -38.94 4.90 -15.18
CA GLN B 214 -40.39 4.82 -15.23
C GLN B 214 -40.98 5.84 -16.20
N MET B 215 -40.35 7.02 -16.32
CA MET B 215 -40.84 8.03 -17.24
C MET B 215 -40.64 7.59 -18.69
N TYR B 216 -39.47 7.01 -18.99
CA TYR B 216 -39.23 6.49 -20.33
C TYR B 216 -40.19 5.34 -20.64
N ASN B 217 -40.49 4.51 -19.64
CA ASN B 217 -41.42 3.41 -19.84
C ASN B 217 -42.84 3.91 -20.10
N LEU B 218 -43.26 4.96 -19.39
CA LEU B 218 -44.60 5.50 -19.59
C LEU B 218 -44.74 6.18 -20.94
N LEU B 219 -43.70 6.89 -21.39
CA LEU B 219 -43.78 7.54 -22.69
C LEU B 219 -43.72 6.52 -23.83
N LEU B 220 -42.95 5.44 -23.64
CA LEU B 220 -42.98 4.37 -24.63
C LEU B 220 -44.29 3.60 -24.61
N SER B 221 -44.98 3.59 -23.46
CA SER B 221 -46.32 3.01 -23.43
C SER B 221 -47.34 3.91 -24.11
N TYR B 222 -47.13 5.23 -24.07
CA TYR B 222 -48.02 6.12 -24.79
C TYR B 222 -47.79 6.06 -26.30
N ASP B 223 -46.54 5.92 -26.74
CA ASP B 223 -46.30 5.71 -28.17
C ASP B 223 -45.04 4.89 -28.42
N GLN B 230 -41.76 2.44 -37.29
CA GLN B 230 -40.90 3.57 -37.00
C GLN B 230 -41.71 4.71 -36.41
N SER B 231 -42.08 4.61 -35.15
CA SER B 231 -42.90 5.62 -34.51
C SER B 231 -42.08 6.56 -33.62
N LEU B 232 -41.44 6.03 -32.59
CA LEU B 232 -40.66 6.87 -31.69
C LEU B 232 -39.32 6.27 -31.29
N GLU B 233 -39.11 4.98 -31.48
CA GLU B 233 -37.87 4.35 -31.05
C GLU B 233 -36.83 4.31 -32.16
N LEU B 234 -37.25 4.10 -33.41
CA LEU B 234 -36.33 3.97 -34.52
C LEU B 234 -36.04 5.29 -35.21
N VAL B 235 -36.23 6.42 -34.51
CA VAL B 235 -36.08 7.72 -35.14
C VAL B 235 -34.66 8.25 -34.90
N PRO B 236 -34.02 8.84 -35.90
CA PRO B 236 -32.71 9.46 -35.68
C PRO B 236 -32.79 10.94 -35.38
N ASN B 237 -31.70 11.46 -34.80
CA ASN B 237 -31.56 12.88 -34.55
C ASN B 237 -30.87 13.53 -35.74
N HIS B 238 -30.42 14.78 -35.58
CA HIS B 238 -29.70 15.45 -36.66
C HIS B 238 -28.29 14.89 -36.82
N GLN B 239 -27.68 14.40 -35.75
CA GLN B 239 -26.35 13.83 -35.85
C GLN B 239 -26.39 12.39 -36.38
N GLY B 240 -27.54 11.73 -36.30
CA GLY B 240 -27.64 10.35 -36.73
C GLY B 240 -27.48 9.39 -35.58
N LEU B 241 -28.25 9.60 -34.51
CA LEU B 241 -28.16 8.77 -33.31
C LEU B 241 -29.57 8.32 -32.94
N THR B 242 -29.90 7.08 -33.28
CA THR B 242 -31.04 6.37 -32.71
C THR B 242 -30.85 6.30 -31.19
N PRO B 243 -31.94 6.36 -30.40
CA PRO B 243 -31.77 6.41 -28.93
C PRO B 243 -31.09 5.21 -28.30
N PHE B 244 -31.09 4.05 -28.96
CA PHE B 244 -30.26 2.95 -28.48
C PHE B 244 -28.77 3.28 -28.62
N LYS B 245 -28.39 3.83 -29.77
CA LYS B 245 -27.00 4.23 -29.94
C LYS B 245 -26.63 5.43 -29.10
N LEU B 246 -27.59 6.27 -28.72
CA LEU B 246 -27.29 7.35 -27.78
C LEU B 246 -27.09 6.79 -26.38
N ALA B 247 -27.88 5.78 -25.99
CA ALA B 247 -27.65 5.08 -24.73
C ALA B 247 -26.25 4.46 -24.71
N GLY B 248 -25.84 3.91 -25.85
CA GLY B 248 -24.46 3.48 -26.02
C GLY B 248 -23.42 4.56 -25.84
N VAL B 249 -23.48 5.62 -26.65
CA VAL B 249 -22.44 6.63 -26.65
C VAL B 249 -22.44 7.49 -25.38
N GLU B 250 -23.53 7.49 -24.60
CA GLU B 250 -23.53 8.18 -23.34
C GLU B 250 -23.25 7.26 -22.14
N GLY B 251 -23.37 5.95 -22.32
CA GLY B 251 -22.85 5.04 -21.32
C GLY B 251 -23.73 4.80 -20.12
N ASN B 252 -25.01 5.15 -20.17
CA ASN B 252 -25.90 4.95 -19.05
C ASN B 252 -26.31 3.48 -19.01
N THR B 253 -25.61 2.73 -18.16
CA THR B 253 -25.76 1.28 -18.12
C THR B 253 -27.11 0.83 -17.57
N VAL B 254 -27.74 1.61 -16.69
CA VAL B 254 -29.02 1.16 -16.15
C VAL B 254 -30.15 1.39 -17.15
N MET B 255 -30.09 2.48 -17.93
CA MET B 255 -31.05 2.64 -19.01
C MET B 255 -30.79 1.65 -20.13
N PHE B 256 -29.53 1.26 -20.35
CA PHE B 256 -29.24 0.19 -21.31
C PHE B 256 -29.80 -1.14 -20.85
N GLN B 257 -29.64 -1.46 -19.57
CA GLN B 257 -30.11 -2.73 -19.04
C GLN B 257 -31.62 -2.80 -18.93
N HIS B 258 -32.30 -1.66 -18.83
CA HIS B 258 -33.75 -1.69 -18.95
C HIS B 258 -34.19 -1.78 -20.40
N LEU B 259 -33.51 -1.06 -21.29
CA LEU B 259 -33.86 -1.04 -22.70
C LEU B 259 -33.63 -2.38 -23.38
N MET B 260 -32.74 -3.20 -22.83
CA MET B 260 -32.55 -4.54 -23.37
C MET B 260 -33.76 -5.44 -23.10
N GLN B 261 -34.51 -5.16 -22.04
CA GLN B 261 -35.60 -6.05 -21.62
C GLN B 261 -36.92 -5.78 -22.33
N LYS B 262 -36.91 -4.97 -23.39
CA LYS B 262 -38.04 -4.92 -24.31
C LYS B 262 -37.77 -5.68 -25.59
N ARG B 263 -36.65 -6.43 -25.64
CA ARG B 263 -36.33 -7.29 -26.77
C ARG B 263 -35.98 -8.70 -26.36
N LYS B 264 -35.78 -8.96 -25.06
CA LYS B 264 -35.30 -10.26 -24.59
C LYS B 264 -36.42 -11.28 -24.68
N HIS B 265 -36.26 -12.24 -25.58
CA HIS B 265 -37.17 -13.38 -25.65
C HIS B 265 -36.74 -14.42 -24.62
N VAL B 266 -37.69 -14.93 -23.85
CA VAL B 266 -37.41 -15.89 -22.80
C VAL B 266 -37.88 -17.27 -23.25
N GLN B 267 -37.00 -18.24 -23.17
CA GLN B 267 -37.33 -19.64 -23.41
C GLN B 267 -37.69 -20.29 -22.08
N TRP B 268 -37.67 -21.61 -22.03
CA TRP B 268 -38.06 -22.41 -20.87
C TRP B 268 -37.16 -22.12 -19.65
N THR B 269 -37.60 -22.62 -18.51
CA THR B 269 -36.76 -22.68 -17.32
C THR B 269 -37.05 -23.96 -16.57
N CYS B 270 -36.00 -24.48 -15.93
CA CYS B 270 -36.11 -25.66 -15.08
C CYS B 270 -34.92 -25.66 -14.12
N GLY B 271 -35.18 -26.04 -12.88
CA GLY B 271 -34.19 -25.98 -11.84
C GLY B 271 -33.77 -24.55 -11.55
N PRO B 272 -32.48 -24.32 -11.44
CA PRO B 272 -31.98 -22.96 -11.26
C PRO B 272 -31.54 -22.29 -12.56
N LEU B 273 -31.52 -23.01 -13.68
CA LEU B 273 -30.98 -22.47 -14.91
C LEU B 273 -32.08 -22.05 -15.88
N THR B 274 -31.80 -20.98 -16.62
CA THR B 274 -32.74 -20.40 -17.59
C THR B 274 -31.96 -20.05 -18.85
N SER B 275 -32.62 -20.18 -20.00
CA SER B 275 -32.00 -19.90 -21.28
C SER B 275 -32.68 -18.70 -21.93
N THR B 276 -32.21 -17.51 -21.61
CA THR B 276 -32.71 -16.31 -22.26
C THR B 276 -32.18 -16.21 -23.68
N LEU B 277 -32.97 -15.59 -24.55
CA LEU B 277 -32.66 -15.50 -25.97
C LEU B 277 -32.75 -14.04 -26.37
N TYR B 278 -31.60 -13.38 -26.51
CA TYR B 278 -31.55 -11.96 -26.77
C TYR B 278 -31.66 -11.68 -28.26
N ASP B 279 -31.65 -10.39 -28.61
CA ASP B 279 -31.80 -9.94 -29.98
C ASP B 279 -30.65 -8.99 -30.29
N LEU B 280 -29.92 -9.26 -31.37
CA LEU B 280 -28.71 -8.53 -31.68
C LEU B 280 -28.82 -7.69 -32.95
N THR B 281 -30.02 -7.49 -33.49
CA THR B 281 -30.19 -6.74 -34.73
C THR B 281 -29.92 -5.25 -34.56
N GLU B 282 -29.82 -4.75 -33.34
CA GLU B 282 -29.30 -3.42 -33.06
C GLU B 282 -27.87 -3.45 -32.53
N ILE B 283 -27.49 -4.53 -31.84
CA ILE B 283 -26.16 -4.63 -31.25
C ILE B 283 -25.07 -4.76 -32.32
N ASP B 284 -25.34 -5.42 -33.44
CA ASP B 284 -24.45 -5.25 -34.59
C ASP B 284 -25.27 -4.94 -35.83
N SER B 285 -24.79 -4.00 -36.62
CA SER B 285 -25.66 -3.37 -37.61
C SER B 285 -25.77 -4.19 -38.89
N TRP B 286 -24.63 -4.39 -39.58
CA TRP B 286 -24.43 -5.19 -40.81
C TRP B 286 -25.11 -4.59 -42.04
N GLY B 287 -25.93 -3.56 -41.87
CA GLY B 287 -26.57 -2.91 -43.00
C GLY B 287 -26.01 -1.52 -43.21
N GLU B 288 -25.56 -0.91 -42.13
CA GLU B 288 -24.90 0.38 -42.15
C GLU B 288 -23.46 0.20 -41.67
N GLU B 289 -22.54 0.93 -42.31
CA GLU B 289 -21.13 0.86 -41.93
C GLU B 289 -20.91 1.36 -40.50
N LEU B 290 -21.60 2.44 -40.12
CA LEU B 290 -21.58 2.89 -38.74
C LEU B 290 -22.38 1.91 -37.89
N SER B 291 -21.68 1.05 -37.16
CA SER B 291 -22.33 0.09 -36.29
C SER B 291 -22.44 0.65 -34.88
N PHE B 292 -23.25 -0.02 -34.07
CA PHE B 292 -23.37 0.35 -32.66
C PHE B 292 -22.06 0.12 -31.93
N LEU B 293 -21.37 -0.97 -32.26
CA LEU B 293 -20.16 -1.31 -31.52
C LEU B 293 -18.99 -0.42 -31.93
N GLU B 294 -18.89 -0.09 -33.22
CA GLU B 294 -17.92 0.89 -33.66
C GLU B 294 -18.26 2.28 -33.14
N LEU B 295 -19.54 2.57 -32.95
CA LEU B 295 -19.92 3.86 -32.41
C LEU B 295 -19.64 3.97 -30.92
N VAL B 296 -19.66 2.86 -30.20
CA VAL B 296 -19.48 2.89 -28.76
C VAL B 296 -18.04 2.62 -28.34
N VAL B 297 -17.21 2.01 -29.19
CA VAL B 297 -15.82 1.79 -28.80
C VAL B 297 -14.96 3.03 -29.03
N SER B 298 -15.46 4.01 -29.77
CA SER B 298 -14.68 5.21 -30.05
C SER B 298 -15.35 6.45 -29.51
N SER B 299 -15.82 6.39 -28.27
CA SER B 299 -16.31 7.57 -27.59
C SER B 299 -15.22 8.14 -26.69
N LYS B 300 -15.49 9.31 -26.12
CA LYS B 300 -14.49 10.02 -25.33
C LYS B 300 -14.88 10.17 -23.87
N LYS B 301 -15.89 9.45 -23.40
CA LYS B 301 -16.34 9.54 -22.03
C LYS B 301 -15.70 8.44 -21.20
N ARG B 302 -16.16 8.28 -19.96
CA ARG B 302 -15.64 7.27 -19.05
C ARG B 302 -16.69 6.20 -18.74
N GLU B 303 -17.61 5.96 -19.66
CA GLU B 303 -18.56 4.87 -19.54
C GLU B 303 -18.68 4.04 -20.81
N ALA B 304 -18.03 4.45 -21.90
CA ALA B 304 -17.99 3.65 -23.11
C ALA B 304 -17.17 2.38 -22.97
N ARG B 305 -16.36 2.26 -21.92
CA ARG B 305 -15.67 1.02 -21.61
C ARG B 305 -16.31 0.27 -20.45
N GLN B 306 -17.39 0.80 -19.88
CA GLN B 306 -18.15 0.09 -18.87
C GLN B 306 -19.46 -0.45 -19.43
N ILE B 307 -19.96 0.13 -20.53
CA ILE B 307 -21.15 -0.41 -21.16
C ILE B 307 -20.85 -1.70 -21.93
N LEU B 308 -19.57 -2.04 -22.10
CA LEU B 308 -19.12 -3.28 -22.75
C LEU B 308 -18.98 -4.43 -21.76
N GLU B 309 -19.72 -4.39 -20.66
CA GLU B 309 -19.73 -5.48 -19.70
C GLU B 309 -21.11 -6.08 -19.50
N GLN B 310 -22.16 -5.47 -20.05
CA GLN B 310 -23.49 -6.06 -19.98
C GLN B 310 -23.56 -7.32 -20.83
N THR B 311 -24.53 -8.19 -20.50
CA THR B 311 -24.52 -9.56 -21.03
C THR B 311 -24.64 -9.71 -22.55
N PRO B 312 -25.61 -9.12 -23.26
CA PRO B 312 -25.76 -9.46 -24.69
C PRO B 312 -24.79 -8.74 -25.61
N VAL B 313 -23.80 -8.02 -25.08
CA VAL B 313 -22.72 -7.49 -25.91
C VAL B 313 -21.42 -8.16 -25.47
N LYS B 314 -21.32 -8.51 -24.19
CA LYS B 314 -20.12 -9.17 -23.69
C LYS B 314 -20.02 -10.61 -24.21
N GLU B 315 -21.13 -11.35 -24.18
CA GLU B 315 -21.10 -12.72 -24.69
C GLU B 315 -20.83 -12.75 -26.18
N LEU B 316 -21.40 -11.79 -26.91
CA LEU B 316 -21.22 -11.70 -28.36
C LEU B 316 -19.77 -11.41 -28.71
N VAL B 317 -19.18 -10.37 -28.13
CA VAL B 317 -17.81 -10.06 -28.50
C VAL B 317 -16.82 -11.04 -27.90
N SER B 318 -17.16 -11.75 -26.82
CA SER B 318 -16.27 -12.79 -26.33
C SER B 318 -16.22 -13.97 -27.27
N PHE B 319 -17.38 -14.41 -27.76
CA PHE B 319 -17.40 -15.52 -28.72
C PHE B 319 -16.73 -15.12 -30.03
N LYS B 320 -17.06 -13.92 -30.55
CA LYS B 320 -16.51 -13.49 -31.82
C LYS B 320 -15.01 -13.24 -31.73
N TRP B 321 -14.53 -12.71 -30.59
CA TRP B 321 -13.10 -12.52 -30.43
C TRP B 321 -12.37 -13.86 -30.34
N LYS B 322 -12.79 -14.73 -29.44
CA LYS B 322 -12.06 -15.99 -29.23
C LYS B 322 -12.14 -16.93 -30.43
N LYS B 323 -13.14 -16.79 -31.31
CA LYS B 323 -13.18 -17.67 -32.48
C LYS B 323 -12.85 -16.98 -33.79
N TYR B 324 -12.65 -15.66 -33.83
CA TYR B 324 -12.35 -15.01 -35.09
C TYR B 324 -11.31 -13.90 -35.04
N GLY B 325 -10.75 -13.57 -33.88
CA GLY B 325 -9.84 -12.47 -33.83
C GLY B 325 -8.42 -12.91 -33.57
N ARG B 326 -8.25 -13.91 -32.72
CA ARG B 326 -6.92 -14.49 -32.49
C ARG B 326 -6.29 -15.13 -33.73
N PRO B 327 -6.96 -16.01 -34.49
CA PRO B 327 -6.22 -16.68 -35.58
C PRO B 327 -5.95 -15.82 -36.80
N TYR B 328 -6.35 -14.54 -36.81
CA TYR B 328 -5.88 -13.63 -37.85
C TYR B 328 -4.92 -12.58 -37.31
N PHE B 329 -5.08 -12.17 -36.05
CA PHE B 329 -4.10 -11.28 -35.43
C PHE B 329 -2.77 -11.97 -35.23
N CYS B 330 -2.76 -13.29 -34.97
CA CYS B 330 -1.50 -13.99 -34.81
C CYS B 330 -0.73 -14.06 -36.13
N VAL B 331 -1.40 -14.37 -37.23
CA VAL B 331 -0.70 -14.40 -38.51
C VAL B 331 -0.36 -13.00 -38.99
N LEU B 332 -1.12 -11.98 -38.56
CA LEU B 332 -0.73 -10.60 -38.90
C LEU B 332 0.53 -10.18 -38.16
N ALA B 333 0.64 -10.56 -36.89
CA ALA B 333 1.86 -10.27 -36.13
C ALA B 333 3.06 -11.03 -36.69
N SER B 334 2.85 -12.28 -37.11
CA SER B 334 3.94 -13.04 -37.69
C SER B 334 4.40 -12.45 -39.02
N LEU B 335 3.46 -11.99 -39.85
CA LEU B 335 3.84 -11.37 -41.11
C LEU B 335 4.51 -10.02 -40.90
N TYR B 336 4.10 -9.25 -39.89
CA TYR B 336 4.79 -7.99 -39.66
C TYR B 336 6.20 -8.20 -39.13
N ILE B 337 6.39 -9.19 -38.24
CA ILE B 337 7.74 -9.44 -37.72
C ILE B 337 8.63 -10.02 -38.82
N LEU B 338 8.07 -10.81 -39.74
CA LEU B 338 8.85 -11.31 -40.87
C LEU B 338 9.25 -10.18 -41.81
N TYR B 339 8.33 -9.24 -42.07
CA TYR B 339 8.68 -8.10 -42.93
C TYR B 339 9.71 -7.20 -42.27
N MET B 340 9.64 -7.04 -40.95
CA MET B 340 10.62 -6.21 -40.28
C MET B 340 11.99 -6.88 -40.20
N ILE B 341 12.05 -8.21 -40.13
CA ILE B 341 13.36 -8.85 -40.16
C ILE B 341 13.95 -8.81 -41.57
N CYS B 342 13.09 -8.79 -42.61
CA CYS B 342 13.58 -8.56 -43.96
C CYS B 342 14.15 -7.15 -44.11
N PHE B 343 13.49 -6.16 -43.50
CA PHE B 343 14.00 -4.79 -43.57
C PHE B 343 15.29 -4.62 -42.76
N THR B 344 15.41 -5.31 -41.62
CA THR B 344 16.63 -5.21 -40.82
C THR B 344 17.82 -5.84 -41.53
N THR B 345 17.64 -7.01 -42.15
CA THR B 345 18.75 -7.63 -42.87
C THR B 345 19.11 -6.86 -44.14
N CYS B 346 18.11 -6.33 -44.86
CA CYS B 346 18.39 -5.50 -46.03
C CYS B 346 19.07 -4.19 -45.64
N CYS B 347 18.79 -3.67 -44.45
CA CYS B 347 19.47 -2.47 -43.97
C CYS B 347 20.90 -2.77 -43.53
N ILE B 348 21.14 -3.97 -42.99
CA ILE B 348 22.49 -4.36 -42.59
C ILE B 348 23.38 -4.52 -43.82
N TYR B 349 22.91 -5.29 -44.82
CA TYR B 349 23.70 -5.48 -46.05
C TYR B 349 23.59 -4.22 -46.91
N ARG B 350 24.41 -3.23 -46.58
CA ARG B 350 24.40 -1.93 -47.23
C ARG B 350 25.66 -1.77 -48.08
N PRO B 351 25.54 -1.17 -49.27
CA PRO B 351 26.73 -1.03 -50.14
C PRO B 351 27.68 0.05 -49.63
N LEU B 352 28.97 -0.27 -49.61
CA LEU B 352 29.99 0.63 -49.09
C LEU B 352 31.28 0.47 -49.88
N LYS B 353 31.91 1.61 -50.18
CA LYS B 353 33.14 1.68 -50.95
C LYS B 353 34.20 2.40 -50.14
N LEU B 354 35.46 1.96 -50.25
CA LEU B 354 36.52 2.53 -49.45
C LEU B 354 36.82 3.97 -49.89
N ARG B 355 36.98 4.85 -48.91
CA ARG B 355 37.19 6.27 -49.16
C ARG B 355 38.65 6.50 -49.58
N ASP B 356 38.84 7.04 -50.78
CA ASP B 356 40.18 7.21 -51.33
C ASP B 356 40.84 8.52 -50.92
N ASP B 357 40.05 9.56 -50.63
CA ASP B 357 40.58 10.79 -50.06
C ASP B 357 41.14 10.51 -48.67
N ASN B 358 42.23 11.17 -48.34
CA ASN B 358 42.91 10.86 -47.09
C ASN B 358 42.26 11.59 -45.92
N ARG B 359 42.72 11.25 -44.71
CA ARG B 359 42.09 11.67 -43.45
C ARG B 359 43.12 12.34 -42.55
N THR B 360 43.86 13.31 -43.09
CA THR B 360 44.97 13.95 -42.39
C THR B 360 44.43 14.87 -41.30
N ASP B 361 44.05 14.25 -40.18
CA ASP B 361 43.43 14.91 -39.04
C ASP B 361 43.49 13.92 -37.88
N PRO B 362 44.04 14.30 -36.72
CA PRO B 362 44.13 13.35 -35.59
C PRO B 362 42.80 12.95 -34.97
N ARG B 363 41.69 13.59 -35.32
CA ARG B 363 40.38 13.24 -34.79
C ARG B 363 39.39 13.03 -35.91
N ASP B 364 39.79 12.26 -36.92
CA ASP B 364 38.91 11.93 -38.03
C ASP B 364 38.99 10.44 -38.29
N ILE B 365 37.84 9.77 -38.28
CA ILE B 365 37.75 8.35 -38.58
C ILE B 365 36.62 8.13 -39.58
N THR B 366 36.98 7.79 -40.81
CA THR B 366 36.00 7.37 -41.82
C THR B 366 36.76 6.46 -42.78
N ILE B 367 36.63 5.15 -42.58
CA ILE B 367 37.35 4.19 -43.41
C ILE B 367 36.47 3.60 -44.51
N LEU B 368 35.15 3.72 -44.40
CA LEU B 368 34.23 3.32 -45.45
C LEU B 368 33.34 4.49 -45.83
N GLN B 369 32.98 4.55 -47.11
CA GLN B 369 32.21 5.65 -47.69
C GLN B 369 31.02 5.04 -48.42
N GLN B 370 29.90 5.76 -48.44
CA GLN B 370 28.71 5.31 -49.13
C GLN B 370 28.95 5.21 -50.64
N LYS B 371 28.62 4.05 -51.21
CA LYS B 371 28.88 3.80 -52.62
C LYS B 371 27.89 4.53 -53.51
N LEU B 372 28.35 4.87 -54.72
CA LEU B 372 27.52 5.55 -55.71
C LEU B 372 26.43 4.60 -56.21
N LEU B 373 25.33 5.19 -56.70
CA LEU B 373 24.18 4.43 -57.17
C LEU B 373 24.51 3.60 -58.41
N GLN B 374 25.48 4.05 -59.22
CA GLN B 374 25.79 3.34 -60.47
C GLN B 374 26.49 2.01 -60.25
N GLU B 375 26.98 1.75 -59.03
CA GLU B 375 27.59 0.48 -58.68
C GLU B 375 26.73 -0.32 -57.69
N ALA B 376 25.41 -0.19 -57.82
CA ALA B 376 24.48 -0.89 -56.93
C ALA B 376 23.92 -2.16 -57.54
N TYR B 377 24.20 -2.44 -58.81
CA TYR B 377 23.79 -3.68 -59.47
C TYR B 377 25.06 -4.34 -60.02
N VAL B 378 25.76 -5.10 -59.18
CA VAL B 378 27.04 -5.68 -59.61
C VAL B 378 27.04 -7.20 -59.54
N THR B 379 26.21 -7.81 -58.70
CA THR B 379 26.30 -9.26 -58.49
C THR B 379 24.97 -9.80 -57.97
N HIS B 380 24.99 -11.09 -57.63
CA HIS B 380 23.82 -11.77 -57.09
C HIS B 380 23.42 -11.22 -55.73
N GLN B 381 24.41 -10.83 -54.92
CA GLN B 381 24.11 -10.26 -53.61
C GLN B 381 23.44 -8.89 -53.75
N ASP B 382 23.85 -8.10 -54.75
CA ASP B 382 23.20 -6.83 -54.96
C ASP B 382 21.84 -7.00 -55.62
N ASN B 383 21.63 -8.07 -56.39
CA ASN B 383 20.27 -8.38 -56.86
C ASN B 383 19.36 -8.77 -55.70
N ILE B 384 19.91 -9.49 -54.72
CA ILE B 384 19.16 -9.86 -53.52
C ILE B 384 18.82 -8.62 -52.69
N ARG B 385 19.78 -7.70 -52.57
CA ARG B 385 19.52 -6.43 -51.90
C ARG B 385 18.48 -5.58 -52.64
N LEU B 386 18.45 -5.67 -53.97
CA LEU B 386 17.42 -4.98 -54.74
C LEU B 386 16.04 -5.57 -54.47
N VAL B 387 15.95 -6.91 -54.37
CA VAL B 387 14.68 -7.56 -54.05
C VAL B 387 14.21 -7.16 -52.65
N GLY B 388 15.15 -7.05 -51.71
CA GLY B 388 14.79 -6.58 -50.38
C GLY B 388 14.31 -5.14 -50.35
N GLU B 389 14.94 -4.27 -51.15
CA GLU B 389 14.48 -2.89 -51.22
C GLU B 389 13.09 -2.79 -51.85
N LEU B 390 12.80 -3.62 -52.86
CA LEU B 390 11.48 -3.60 -53.48
C LEU B 390 10.40 -4.07 -52.52
N VAL B 391 10.66 -5.14 -51.75
CA VAL B 391 9.62 -5.59 -50.83
C VAL B 391 9.46 -4.63 -49.64
N THR B 392 10.52 -3.92 -49.26
CA THR B 392 10.39 -2.90 -48.22
C THR B 392 9.55 -1.72 -48.70
N VAL B 393 9.76 -1.26 -49.93
CA VAL B 393 8.98 -0.14 -50.46
C VAL B 393 7.53 -0.55 -50.68
N THR B 394 7.29 -1.79 -51.11
CA THR B 394 5.92 -2.28 -51.25
C THR B 394 5.21 -2.38 -49.90
N GLY B 395 5.91 -2.82 -48.85
CA GLY B 395 5.32 -2.83 -47.53
C GLY B 395 5.03 -1.43 -47.00
N ALA B 396 5.90 -0.47 -47.31
CA ALA B 396 5.66 0.90 -46.85
C ALA B 396 4.45 1.51 -47.55
N VAL B 397 4.28 1.25 -48.85
CA VAL B 397 3.15 1.87 -49.53
C VAL B 397 1.84 1.16 -49.20
N ILE B 398 1.87 -0.14 -48.86
CA ILE B 398 0.60 -0.77 -48.46
C ILE B 398 0.23 -0.35 -47.02
N ILE B 399 1.22 -0.08 -46.16
CA ILE B 399 0.93 0.46 -44.83
C ILE B 399 0.30 1.85 -44.94
N LEU B 400 0.85 2.70 -45.81
CA LEU B 400 0.32 4.06 -45.94
C LEU B 400 -1.07 4.06 -46.57
N LEU B 401 -1.30 3.21 -47.57
CA LEU B 401 -2.63 3.15 -48.19
C LEU B 401 -3.64 2.39 -47.35
N LEU B 402 -3.20 1.62 -46.36
CA LEU B 402 -4.12 1.01 -45.42
C LEU B 402 -4.39 1.90 -44.22
N GLU B 403 -3.59 2.94 -44.02
CA GLU B 403 -3.76 3.85 -42.89
C GLU B 403 -4.53 5.13 -43.25
N ILE B 404 -4.26 5.71 -44.42
CA ILE B 404 -4.80 7.04 -44.75
C ILE B 404 -6.32 7.10 -44.93
N PRO B 405 -6.97 6.24 -45.74
CA PRO B 405 -8.43 6.38 -45.90
C PRO B 405 -9.24 6.03 -44.67
N ASP B 406 -8.62 5.48 -43.63
CA ASP B 406 -9.30 5.30 -42.36
C ASP B 406 -9.21 6.53 -41.48
N ILE B 407 -8.14 7.32 -41.63
CA ILE B 407 -8.01 8.55 -40.84
C ILE B 407 -8.71 9.72 -41.53
N PHE B 408 -9.06 9.59 -42.81
CA PHE B 408 -9.83 10.66 -43.44
C PHE B 408 -11.28 10.72 -42.98
N ARG B 409 -11.81 9.65 -42.38
CA ARG B 409 -13.21 9.61 -41.97
C ARG B 409 -13.37 9.97 -40.48
N VAL B 410 -12.76 9.19 -39.58
CA VAL B 410 -12.73 9.57 -38.18
C VAL B 410 -11.81 10.78 -38.03
N GLY B 411 -12.19 11.70 -37.14
CA GLY B 411 -11.39 12.90 -36.93
C GLY B 411 -10.01 12.59 -36.37
N ALA B 412 -9.11 13.55 -36.56
CA ALA B 412 -7.72 13.33 -36.15
C ALA B 412 -7.58 13.30 -34.64
N SER B 413 -8.45 14.01 -33.91
CA SER B 413 -8.38 14.01 -32.46
C SER B 413 -8.76 12.65 -31.88
N ARG B 414 -9.86 12.07 -32.36
CA ARG B 414 -10.32 10.78 -31.84
C ARG B 414 -9.39 9.64 -32.24
N TYR B 415 -8.65 9.79 -33.33
CA TYR B 415 -7.80 8.71 -33.81
C TYR B 415 -6.37 8.81 -33.32
N PHE B 416 -5.86 10.02 -33.08
CA PHE B 416 -4.53 10.18 -32.51
C PHE B 416 -4.53 10.27 -30.99
N GLY B 417 -5.67 10.55 -30.37
CA GLY B 417 -5.65 10.82 -28.94
C GLY B 417 -5.77 9.61 -28.05
N GLN B 418 -6.82 8.82 -28.24
CA GLN B 418 -7.23 7.83 -27.26
C GLN B 418 -6.26 6.65 -27.22
N THR B 419 -6.35 5.89 -26.14
CA THR B 419 -5.55 4.68 -25.98
C THR B 419 -6.34 3.44 -26.36
N ILE B 420 -7.66 3.55 -26.46
CA ILE B 420 -8.49 2.44 -26.89
C ILE B 420 -8.32 2.18 -28.39
N LEU B 421 -7.91 3.19 -29.16
CA LEU B 421 -7.86 3.07 -30.61
C LEU B 421 -6.47 3.01 -31.20
N GLY B 422 -5.45 3.54 -30.53
CA GLY B 422 -4.10 3.38 -31.02
C GLY B 422 -3.45 4.59 -31.64
N GLY B 423 -3.65 5.75 -31.03
CA GLY B 423 -2.98 6.97 -31.39
C GLY B 423 -1.46 6.93 -31.41
N PRO B 424 -0.82 6.62 -30.28
CA PRO B 424 0.64 6.57 -30.25
C PRO B 424 1.27 5.35 -30.91
N PHE B 425 0.51 4.53 -31.63
CA PHE B 425 1.09 3.59 -32.57
C PHE B 425 0.85 3.95 -34.01
N HIS B 426 -0.31 4.53 -34.34
CA HIS B 426 -0.51 5.00 -35.71
C HIS B 426 0.38 6.19 -36.03
N VAL B 427 0.73 7.00 -35.02
CA VAL B 427 1.64 8.12 -35.27
C VAL B 427 3.02 7.62 -35.68
N ILE B 428 3.58 6.67 -34.93
CA ILE B 428 4.90 6.19 -35.28
C ILE B 428 4.88 5.28 -36.51
N ILE B 429 3.72 4.69 -36.86
CA ILE B 429 3.63 3.93 -38.11
C ILE B 429 3.63 4.85 -39.33
N ILE B 430 2.87 5.94 -39.29
CA ILE B 430 2.91 6.90 -40.39
C ILE B 430 4.30 7.55 -40.47
N THR B 431 4.95 7.78 -39.32
CA THR B 431 6.30 8.33 -39.32
C THR B 431 7.30 7.36 -39.95
N TYR B 432 7.16 6.07 -39.65
CA TYR B 432 8.04 5.05 -40.25
C TYR B 432 7.83 4.96 -41.75
N ALA B 433 6.58 5.03 -42.21
CA ALA B 433 6.31 4.95 -43.65
C ALA B 433 6.87 6.16 -44.39
N SER B 434 6.68 7.37 -43.84
CA SER B 434 7.22 8.56 -44.50
C SER B 434 8.74 8.58 -44.47
N LEU B 435 9.36 8.08 -43.40
CA LEU B 435 10.82 8.08 -43.36
C LEU B 435 11.43 7.02 -44.28
N VAL B 436 10.75 5.89 -44.47
CA VAL B 436 11.25 4.91 -45.43
C VAL B 436 11.10 5.41 -46.86
N LEU B 437 9.99 6.11 -47.15
CA LEU B 437 9.84 6.72 -48.47
C LEU B 437 10.89 7.81 -48.72
N LEU B 438 11.21 8.58 -47.68
CA LEU B 438 12.25 9.59 -47.81
C LEU B 438 13.63 8.96 -47.97
N THR B 439 13.85 7.79 -47.35
CA THR B 439 15.08 7.04 -47.56
C THR B 439 15.21 6.55 -48.99
N MET B 440 14.12 6.05 -49.58
CA MET B 440 14.18 5.58 -50.97
C MET B 440 14.42 6.74 -51.93
N VAL B 441 13.76 7.89 -51.70
CA VAL B 441 13.99 9.05 -52.56
C VAL B 441 15.40 9.58 -52.40
N MET B 442 15.92 9.61 -51.16
CA MET B 442 17.28 10.07 -50.90
C MET B 442 18.32 9.11 -51.47
N ARG B 443 17.98 7.83 -51.60
CA ARG B 443 18.88 6.89 -52.24
C ARG B 443 18.90 7.08 -53.75
N LEU B 444 17.72 7.32 -54.35
CA LEU B 444 17.69 7.49 -55.80
C LEU B 444 18.26 8.83 -56.25
N THR B 445 18.17 9.88 -55.43
CA THR B 445 18.73 11.16 -55.86
C THR B 445 20.23 11.27 -55.64
N ASN B 446 20.87 10.22 -55.12
CA ASN B 446 22.33 10.14 -54.90
C ASN B 446 22.80 11.25 -53.96
N MET B 447 22.31 11.18 -52.73
CA MET B 447 22.68 12.11 -51.67
C MET B 447 23.40 11.36 -50.57
N ASN B 448 24.42 11.99 -49.99
CA ASN B 448 25.16 11.37 -48.90
C ASN B 448 24.37 11.49 -47.60
N GLY B 449 24.82 10.73 -46.59
CA GLY B 449 24.14 10.71 -45.32
C GLY B 449 22.85 9.92 -45.32
N GLU B 450 22.96 8.60 -45.51
CA GLU B 450 21.79 7.73 -45.48
C GLU B 450 21.44 7.26 -44.08
N VAL B 451 22.41 7.34 -43.15
CA VAL B 451 22.20 6.87 -41.80
C VAL B 451 21.21 7.78 -41.05
N VAL B 452 21.12 9.04 -41.45
CA VAL B 452 20.31 10.05 -40.77
C VAL B 452 18.81 9.78 -40.87
N PRO B 453 18.23 9.32 -42.02
CA PRO B 453 16.87 8.78 -41.91
C PRO B 453 16.81 7.27 -41.68
N LEU B 454 17.90 6.54 -41.98
CA LEU B 454 17.83 5.08 -41.89
C LEU B 454 17.75 4.61 -40.44
N SER B 455 18.51 5.23 -39.54
CA SER B 455 18.48 4.83 -38.14
C SER B 455 17.13 5.14 -37.49
N PHE B 456 16.55 6.30 -37.83
CA PHE B 456 15.24 6.68 -37.30
C PHE B 456 14.15 5.74 -37.80
N ALA B 457 14.16 5.44 -39.09
CA ALA B 457 13.14 4.55 -39.65
C ALA B 457 13.26 3.14 -39.08
N LEU B 458 14.48 2.66 -38.89
CA LEU B 458 14.67 1.32 -38.33
C LEU B 458 14.26 1.24 -36.87
N VAL B 459 14.63 2.23 -36.05
CA VAL B 459 14.31 2.15 -34.63
C VAL B 459 12.82 2.37 -34.40
N LEU B 460 12.14 3.15 -35.25
CA LEU B 460 10.70 3.29 -35.08
C LEU B 460 9.95 2.07 -35.62
N GLY B 461 10.41 1.49 -36.73
CA GLY B 461 9.77 0.31 -37.24
C GLY B 461 9.95 -0.90 -36.35
N TRP B 462 11.01 -0.92 -35.54
CA TRP B 462 11.15 -2.01 -34.58
C TRP B 462 10.53 -1.71 -33.22
N CYS B 463 10.37 -0.44 -32.84
CA CYS B 463 9.61 -0.14 -31.63
C CYS B 463 8.11 -0.14 -31.87
N SER B 464 7.66 -0.28 -33.12
CA SER B 464 6.24 -0.33 -33.42
C SER B 464 5.67 -1.74 -33.48
N VAL B 465 6.39 -2.75 -33.00
CA VAL B 465 5.81 -4.09 -32.94
C VAL B 465 4.84 -4.22 -31.77
N MET B 466 4.90 -3.28 -30.81
CA MET B 466 4.07 -3.27 -29.61
C MET B 466 2.58 -3.19 -29.88
N TYR B 467 2.17 -2.79 -31.09
CA TYR B 467 0.74 -2.77 -31.43
C TYR B 467 0.17 -4.18 -31.49
N PHE B 468 0.99 -5.18 -31.77
CA PHE B 468 0.54 -6.56 -31.79
C PHE B 468 0.64 -7.22 -30.41
N ALA B 469 0.62 -6.43 -29.34
CA ALA B 469 0.56 -6.93 -27.99
C ALA B 469 -0.73 -6.48 -27.31
N ARG B 470 -1.83 -6.53 -28.05
CA ARG B 470 -3.16 -6.25 -27.53
C ARG B 470 -3.94 -7.50 -27.20
N GLY B 471 -3.83 -8.53 -28.03
CA GLY B 471 -4.62 -9.73 -27.89
C GLY B 471 -4.08 -10.76 -26.93
N PHE B 472 -2.96 -10.50 -26.27
CA PHE B 472 -2.34 -11.47 -25.36
C PHE B 472 -2.41 -10.92 -23.95
N GLN B 473 -2.99 -11.70 -23.03
CA GLN B 473 -3.22 -11.23 -21.67
C GLN B 473 -1.95 -11.12 -20.84
N MET B 474 -0.83 -11.66 -21.33
CA MET B 474 0.45 -11.43 -20.67
C MET B 474 0.92 -10.01 -20.93
N LEU B 475 1.13 -9.65 -22.21
CA LEU B 475 1.62 -8.34 -22.61
C LEU B 475 0.49 -7.32 -22.76
N GLY B 476 -0.68 -7.62 -22.21
CA GLY B 476 -1.81 -6.72 -22.30
C GLY B 476 -1.67 -5.49 -21.45
N PRO B 477 -1.74 -5.63 -20.12
CA PRO B 477 -1.71 -4.45 -19.26
C PRO B 477 -0.34 -3.80 -19.15
N PHE B 478 0.73 -4.48 -19.53
CA PHE B 478 2.05 -3.89 -19.35
C PHE B 478 2.32 -2.80 -20.37
N THR B 479 1.87 -2.98 -21.62
CA THR B 479 2.08 -1.92 -22.60
C THR B 479 1.17 -0.72 -22.34
N ILE B 480 0.01 -0.94 -21.73
CA ILE B 480 -0.80 0.18 -21.26
C ILE B 480 -0.09 0.89 -20.12
N MET B 481 0.57 0.14 -19.24
CA MET B 481 1.30 0.77 -18.14
C MET B 481 2.48 1.59 -18.64
N ILE B 482 3.18 1.13 -19.68
CA ILE B 482 4.32 1.92 -20.14
C ILE B 482 3.85 3.12 -20.97
N GLN B 483 2.76 3.00 -21.73
CA GLN B 483 2.20 4.15 -22.44
C GLN B 483 1.58 5.16 -21.49
N LYS B 484 1.11 4.72 -20.32
CA LYS B 484 0.64 5.65 -19.31
C LYS B 484 1.80 6.30 -18.59
N MET B 485 2.85 5.52 -18.33
CA MET B 485 3.97 5.99 -17.52
C MET B 485 4.77 7.05 -18.22
N ILE B 486 4.92 6.94 -19.56
CA ILE B 486 5.67 7.95 -20.31
C ILE B 486 5.00 9.31 -20.18
N PHE B 487 3.77 9.44 -20.67
CA PHE B 487 3.08 10.72 -20.68
C PHE B 487 2.58 11.15 -19.30
N GLY B 488 2.68 10.29 -18.28
CA GLY B 488 2.28 10.71 -16.95
C GLY B 488 3.41 11.11 -16.04
N ASP B 489 4.55 10.41 -16.09
CA ASP B 489 5.66 10.71 -15.19
C ASP B 489 6.91 11.19 -15.90
N LEU B 490 7.23 10.71 -17.10
CA LEU B 490 8.45 11.16 -17.73
C LEU B 490 8.31 12.58 -18.25
N MET B 491 7.09 12.97 -18.63
CA MET B 491 6.81 14.35 -18.98
C MET B 491 6.92 15.28 -17.78
N ARG B 492 6.61 14.80 -16.58
CA ARG B 492 6.77 15.61 -15.38
C ARG B 492 8.21 15.63 -14.90
N PHE B 493 8.97 14.60 -15.24
CA PHE B 493 10.32 14.45 -14.71
C PHE B 493 11.39 15.06 -15.60
N CYS B 494 11.23 15.06 -16.92
CA CYS B 494 12.30 15.59 -17.75
C CYS B 494 12.30 17.11 -17.75
N TRP B 495 11.17 17.75 -17.47
CA TRP B 495 11.16 19.21 -17.32
C TRP B 495 11.86 19.68 -16.05
N LEU B 496 12.18 18.76 -15.11
CA LEU B 496 12.99 19.09 -13.94
C LEU B 496 14.29 18.32 -13.91
N MET B 497 14.57 17.50 -14.91
CA MET B 497 15.91 17.00 -15.15
C MET B 497 16.69 17.93 -16.08
N ALA B 498 15.98 18.60 -17.00
CA ALA B 498 16.65 19.46 -17.97
C ALA B 498 17.28 20.67 -17.30
N VAL B 499 16.62 21.25 -16.30
CA VAL B 499 17.20 22.44 -15.68
C VAL B 499 18.34 22.06 -14.74
N VAL B 500 18.36 20.84 -14.19
CA VAL B 500 19.45 20.43 -13.32
C VAL B 500 20.70 20.11 -14.15
N ILE B 501 20.53 19.38 -15.25
CA ILE B 501 21.73 19.11 -16.06
C ILE B 501 22.17 20.36 -16.81
N LEU B 502 21.25 21.28 -17.15
CA LEU B 502 21.63 22.52 -17.79
C LEU B 502 22.26 23.50 -16.81
N GLY B 503 22.02 23.32 -15.52
CA GLY B 503 22.69 24.16 -14.54
C GLY B 503 23.97 23.58 -14.00
N PHE B 504 24.17 22.27 -14.15
CA PHE B 504 25.41 21.68 -13.68
C PHE B 504 26.45 21.49 -14.76
N ALA B 505 26.04 21.35 -16.04
CA ALA B 505 27.02 21.22 -17.11
C ALA B 505 27.80 22.50 -17.31
N SER B 506 27.17 23.65 -17.12
CA SER B 506 27.87 24.92 -17.24
C SER B 506 28.89 25.10 -16.12
N ALA B 507 28.55 24.66 -14.91
CA ALA B 507 29.50 24.73 -13.81
C ALA B 507 30.68 23.79 -14.03
N PHE B 508 30.41 22.58 -14.56
CA PHE B 508 31.49 21.66 -14.88
C PHE B 508 32.37 22.20 -16.00
N HIS B 509 31.80 22.96 -16.93
CA HIS B 509 32.60 23.53 -18.00
C HIS B 509 33.45 24.70 -17.50
N ILE B 510 32.90 25.51 -16.59
CA ILE B 510 33.65 26.66 -16.08
C ILE B 510 34.78 26.22 -15.18
N THR B 511 34.59 25.13 -14.43
CA THR B 511 35.68 24.59 -13.63
C THR B 511 36.79 23.95 -14.47
N PHE B 512 36.51 23.59 -15.72
CA PHE B 512 37.44 22.81 -16.52
C PHE B 512 37.74 23.44 -17.88
N GLN B 513 37.68 24.76 -17.98
CA GLN B 513 38.13 25.43 -19.19
C GLN B 513 39.50 26.07 -19.01
N THR B 514 40.13 25.89 -17.86
CA THR B 514 41.50 26.33 -17.63
C THR B 514 42.45 25.15 -17.46
N GLU B 515 42.09 23.99 -17.99
CA GLU B 515 42.92 22.79 -17.84
C GLU B 515 43.23 22.19 -19.21
N ASP B 516 43.82 20.99 -19.21
CA ASP B 516 44.20 20.34 -20.45
C ASP B 516 43.16 19.32 -20.88
N PRO B 517 42.93 19.19 -22.19
CA PRO B 517 42.03 18.13 -22.68
C PRO B 517 42.75 16.82 -22.96
N ASN B 518 43.99 16.69 -22.47
CA ASN B 518 44.77 15.48 -22.63
C ASN B 518 44.51 14.47 -21.53
N ASN B 519 44.34 14.95 -20.29
CA ASN B 519 44.09 14.06 -19.16
C ASN B 519 42.61 13.81 -18.95
N LEU B 520 41.78 14.84 -19.07
CA LEU B 520 40.33 14.73 -18.92
C LEU B 520 39.69 14.94 -20.28
N GLY B 521 39.19 13.85 -20.86
CA GLY B 521 38.57 13.93 -22.17
C GLY B 521 37.24 14.65 -22.14
N GLU B 522 36.47 14.47 -21.07
CA GLU B 522 35.22 15.20 -20.94
C GLU B 522 35.50 16.66 -20.60
N PHE B 523 34.43 17.46 -20.67
CA PHE B 523 34.42 18.89 -20.33
C PHE B 523 35.45 19.68 -21.14
N SER B 524 35.31 19.57 -22.46
CA SER B 524 36.14 20.33 -23.39
C SER B 524 35.38 21.46 -24.05
N ASP B 525 34.28 21.17 -24.72
CA ASP B 525 33.38 22.19 -25.21
C ASP B 525 32.00 21.97 -24.60
N TYR B 526 31.09 22.88 -24.88
CA TYR B 526 29.78 22.88 -24.23
C TYR B 526 28.85 21.72 -24.61
N PRO B 527 28.69 21.29 -25.88
CA PRO B 527 27.78 20.15 -26.11
C PRO B 527 28.29 18.82 -25.55
N THR B 528 29.59 18.55 -25.60
CA THR B 528 30.08 17.34 -24.97
C THR B 528 30.08 17.46 -23.45
N ALA B 529 30.19 18.68 -22.92
CA ALA B 529 30.02 18.87 -21.47
C ALA B 529 28.59 18.59 -21.04
N LEU B 530 27.61 19.02 -21.85
CA LEU B 530 26.20 18.77 -21.57
C LEU B 530 25.87 17.28 -21.65
N PHE B 531 26.38 16.62 -22.69
CA PHE B 531 26.15 15.18 -22.84
C PHE B 531 26.79 14.37 -21.71
N SER B 532 28.00 14.76 -21.30
CA SER B 532 28.65 14.02 -20.22
C SER B 532 28.01 14.30 -18.86
N THR B 533 27.44 15.50 -18.68
CA THR B 533 26.72 15.76 -17.43
C THR B 533 25.43 14.96 -17.37
N PHE B 534 24.74 14.80 -18.51
CA PHE B 534 23.55 13.95 -18.53
C PHE B 534 23.90 12.48 -18.31
N GLU B 535 25.04 12.03 -18.86
CA GLU B 535 25.44 10.64 -18.65
C GLU B 535 25.86 10.39 -17.21
N LEU B 536 26.52 11.36 -16.57
CA LEU B 536 26.79 11.22 -15.15
C LEU B 536 25.53 11.31 -14.30
N PHE B 537 24.49 11.98 -14.82
CA PHE B 537 23.21 12.00 -14.13
C PHE B 537 22.58 10.61 -14.10
N LEU B 538 22.61 9.88 -15.22
CA LEU B 538 22.03 8.55 -15.22
C LEU B 538 23.00 7.45 -14.81
N THR B 539 24.24 7.80 -14.43
CA THR B 539 25.30 6.90 -13.98
C THR B 539 25.65 5.78 -14.95
N ILE B 540 25.37 5.95 -16.25
CA ILE B 540 25.72 4.90 -17.19
C ILE B 540 27.21 4.95 -17.48
N ILE B 541 27.82 6.12 -17.35
CA ILE B 541 29.25 6.28 -17.48
C ILE B 541 29.83 6.49 -16.08
N ASP B 542 31.13 6.23 -15.94
CA ASP B 542 31.78 6.40 -14.66
C ASP B 542 32.12 7.86 -14.43
N GLY B 543 32.34 8.21 -13.15
CA GLY B 543 32.78 9.53 -12.79
C GLY B 543 34.18 9.78 -13.31
N PRO B 544 34.46 11.00 -13.76
CA PRO B 544 35.79 11.30 -14.32
C PRO B 544 36.83 11.39 -13.21
N ALA B 545 37.87 10.57 -13.31
CA ALA B 545 38.92 10.52 -12.31
C ALA B 545 40.22 10.14 -13.00
N ASN B 546 41.28 10.92 -12.74
CA ASN B 546 42.60 10.61 -13.27
C ASN B 546 43.63 11.19 -12.31
N TYR B 547 44.35 10.32 -11.62
CA TYR B 547 45.28 10.71 -10.57
C TYR B 547 46.71 10.84 -11.05
N SER B 548 46.90 10.99 -12.36
CA SER B 548 48.18 11.45 -12.89
C SER B 548 48.30 12.97 -12.82
N VAL B 549 47.23 13.66 -12.47
CA VAL B 549 47.20 15.11 -12.34
C VAL B 549 46.48 15.45 -11.04
N ASP B 550 46.26 16.74 -10.79
CA ASP B 550 45.54 17.19 -9.60
C ASP B 550 44.35 18.02 -10.02
N LEU B 551 43.16 17.55 -9.69
CA LEU B 551 41.90 18.18 -10.04
C LEU B 551 41.60 19.36 -9.12
N PRO B 552 40.88 20.37 -9.59
CA PRO B 552 40.59 21.52 -8.74
C PRO B 552 39.57 21.23 -7.65
N PHE B 553 39.76 21.96 -6.54
CA PHE B 553 38.91 21.85 -5.35
C PHE B 553 37.47 22.23 -5.66
N MET B 554 37.26 23.16 -6.59
CA MET B 554 35.91 23.58 -6.94
C MET B 554 35.16 22.48 -7.68
N TYR B 555 35.84 21.77 -8.60
CA TYR B 555 35.25 20.60 -9.22
C TYR B 555 34.95 19.52 -8.20
N CYS B 556 35.85 19.31 -7.24
CA CYS B 556 35.63 18.27 -6.24
C CYS B 556 34.42 18.56 -5.35
N ILE B 557 34.26 19.81 -4.91
CA ILE B 557 33.13 20.12 -4.03
C ILE B 557 31.82 20.17 -4.81
N THR B 558 31.83 20.65 -6.06
CA THR B 558 30.57 20.66 -6.79
C THR B 558 30.19 19.28 -7.30
N TYR B 559 31.14 18.35 -7.43
CA TYR B 559 30.77 16.99 -7.75
C TYR B 559 30.24 16.26 -6.52
N ALA B 560 30.83 16.53 -5.35
CA ALA B 560 30.29 15.94 -4.12
C ALA B 560 28.94 16.50 -3.73
N ALA B 561 28.57 17.68 -4.25
CA ALA B 561 27.18 18.12 -4.12
C ALA B 561 26.28 17.56 -5.20
N PHE B 562 26.80 17.41 -6.43
CA PHE B 562 26.02 16.85 -7.53
C PHE B 562 25.59 15.43 -7.26
N ALA B 563 26.40 14.65 -6.54
CA ALA B 563 26.04 13.28 -6.20
C ALA B 563 24.78 13.22 -5.35
N ILE B 564 24.81 13.81 -4.15
CA ILE B 564 23.70 13.67 -3.22
C ILE B 564 22.61 14.71 -3.47
N ILE B 565 22.68 15.45 -4.57
CA ILE B 565 21.56 16.28 -5.00
C ILE B 565 20.87 15.70 -6.23
N ALA B 566 21.61 15.13 -7.17
CA ALA B 566 21.02 14.74 -8.44
C ALA B 566 21.05 13.25 -8.73
N THR B 567 21.73 12.43 -7.95
CA THR B 567 21.76 11.01 -8.22
C THR B 567 21.23 10.16 -7.07
N LEU B 568 21.61 10.47 -5.84
CA LEU B 568 21.06 9.74 -4.70
C LEU B 568 19.59 10.08 -4.48
N LEU B 569 19.19 11.32 -4.73
CA LEU B 569 17.84 11.76 -4.36
C LEU B 569 16.83 11.63 -5.49
N MET B 570 17.07 12.30 -6.62
CA MET B 570 16.02 12.44 -7.62
C MET B 570 15.83 11.15 -8.41
N LEU B 571 16.93 10.48 -8.74
CA LEU B 571 16.87 9.19 -9.41
C LEU B 571 16.27 8.10 -8.53
N ASN B 572 16.30 8.27 -7.20
CA ASN B 572 15.64 7.34 -6.32
C ASN B 572 14.27 7.81 -5.87
N LEU B 573 13.87 9.02 -6.22
CA LEU B 573 12.49 9.44 -6.03
C LEU B 573 11.63 9.10 -7.22
N PHE B 574 12.25 8.97 -8.41
CA PHE B 574 11.51 8.54 -9.58
C PHE B 574 10.93 7.14 -9.41
N ILE B 575 11.66 6.25 -8.72
CA ILE B 575 11.20 4.89 -8.51
C ILE B 575 9.98 4.88 -7.60
N ALA B 576 9.97 5.72 -6.57
CA ALA B 576 8.82 5.79 -5.67
C ALA B 576 7.60 6.41 -6.35
N MET B 577 7.81 7.40 -7.21
CA MET B 577 6.68 8.01 -7.90
C MET B 577 6.04 7.05 -8.90
N MET B 578 6.86 6.35 -9.69
CA MET B 578 6.27 5.36 -10.59
C MET B 578 5.91 4.06 -9.87
N GLY B 579 6.21 3.94 -8.59
CA GLY B 579 5.60 2.89 -7.78
C GLY B 579 4.20 3.25 -7.36
N ASP B 580 3.99 4.50 -6.94
CA ASP B 580 2.64 4.87 -6.50
C ASP B 580 1.67 5.08 -7.66
N THR B 581 2.15 5.51 -8.82
CA THR B 581 1.27 5.53 -10.00
C THR B 581 0.84 4.11 -10.37
N HIS B 582 1.77 3.16 -10.28
CA HIS B 582 1.43 1.76 -10.55
C HIS B 582 0.51 1.17 -9.50
N TRP B 583 0.57 1.68 -8.27
CA TRP B 583 -0.38 1.21 -7.26
C TRP B 583 -1.77 1.79 -7.49
N ARG B 584 -1.86 3.03 -7.98
CA ARG B 584 -3.16 3.69 -8.10
C ARG B 584 -3.87 3.45 -9.42
N VAL B 585 -3.16 3.05 -10.47
CA VAL B 585 -3.75 2.92 -11.80
C VAL B 585 -3.71 1.41 -12.09
N ALA B 586 -3.96 0.62 -11.04
CA ALA B 586 -3.98 -0.83 -11.16
C ALA B 586 -5.35 -1.38 -11.49
N GLN B 587 -6.30 -0.54 -11.85
CA GLN B 587 -7.59 -0.99 -12.34
C GLN B 587 -8.04 -0.31 -13.62
N GLU B 588 -7.45 0.84 -13.96
CA GLU B 588 -7.73 1.45 -15.26
C GLU B 588 -7.15 0.61 -16.40
N ARG B 589 -6.02 -0.05 -16.18
CA ARG B 589 -5.48 -0.94 -17.21
C ARG B 589 -6.36 -2.18 -17.41
N ASP B 590 -6.88 -2.75 -16.32
CA ASP B 590 -7.75 -3.92 -16.42
C ASP B 590 -9.17 -3.55 -16.83
N GLU B 591 -9.53 -2.27 -16.81
CA GLU B 591 -10.81 -1.82 -17.33
C GLU B 591 -10.69 -1.20 -18.72
N LEU B 592 -9.46 -1.01 -19.20
CA LEU B 592 -9.21 -0.49 -20.54
C LEU B 592 -8.74 -1.54 -21.53
N TRP B 593 -8.18 -2.65 -21.04
CA TRP B 593 -7.69 -3.68 -21.94
C TRP B 593 -8.84 -4.38 -22.68
N ARG B 594 -9.98 -4.58 -22.00
CA ARG B 594 -11.12 -5.19 -22.67
C ARG B 594 -11.68 -4.27 -23.75
N ALA B 595 -11.68 -2.97 -23.49
CA ALA B 595 -12.17 -2.02 -24.48
C ALA B 595 -11.26 -1.98 -25.70
N GLN B 596 -9.93 -2.06 -25.49
CA GLN B 596 -9.09 -2.07 -26.69
C GLN B 596 -9.10 -3.41 -27.42
N VAL B 597 -9.40 -4.52 -26.75
CA VAL B 597 -9.52 -5.75 -27.54
C VAL B 597 -10.84 -5.81 -28.31
N VAL B 598 -11.91 -5.17 -27.79
CA VAL B 598 -13.12 -5.04 -28.60
C VAL B 598 -12.91 -4.08 -29.76
N ALA B 599 -12.04 -3.07 -29.57
CA ALA B 599 -11.67 -2.17 -30.66
C ALA B 599 -10.97 -2.90 -31.80
N THR B 600 -10.02 -3.79 -31.47
CA THR B 600 -9.37 -4.55 -32.53
C THR B 600 -10.31 -5.56 -33.20
N THR B 601 -11.24 -6.16 -32.44
CA THR B 601 -12.22 -7.06 -33.06
C THR B 601 -13.12 -6.33 -34.06
N VAL B 602 -13.61 -5.14 -33.69
CA VAL B 602 -14.46 -4.35 -34.58
C VAL B 602 -13.68 -3.87 -35.81
N MET B 603 -12.41 -3.48 -35.63
CA MET B 603 -11.60 -3.04 -36.76
C MET B 603 -11.35 -4.17 -37.76
N LEU B 604 -11.03 -5.38 -37.27
CA LEU B 604 -10.82 -6.48 -38.21
C LEU B 604 -12.12 -6.94 -38.85
N GLU B 605 -13.24 -6.89 -38.12
CA GLU B 605 -14.53 -7.24 -38.69
C GLU B 605 -14.96 -6.27 -39.78
N ARG B 606 -14.60 -5.00 -39.64
CA ARG B 606 -14.87 -4.05 -40.72
C ARG B 606 -13.89 -4.20 -41.87
N LYS B 607 -12.62 -4.56 -41.60
CA LYS B 607 -11.61 -4.52 -42.65
C LYS B 607 -11.62 -5.76 -43.52
N MET B 608 -11.52 -6.95 -42.91
CA MET B 608 -11.34 -8.16 -43.68
C MET B 608 -12.66 -8.57 -44.36
N PRO B 609 -12.58 -9.24 -45.52
CA PRO B 609 -13.80 -9.49 -46.30
C PRO B 609 -14.78 -10.43 -45.63
N ARG B 610 -16.02 -10.34 -46.09
CA ARG B 610 -17.15 -10.98 -45.46
C ARG B 610 -17.46 -12.36 -46.03
N PHE B 611 -16.63 -12.85 -46.95
CA PHE B 611 -16.65 -14.28 -47.23
C PHE B 611 -15.82 -15.05 -46.22
N LEU B 612 -14.97 -14.35 -45.47
CA LEU B 612 -14.14 -14.91 -44.42
C LEU B 612 -14.58 -14.46 -43.03
N TRP B 613 -15.39 -13.41 -42.95
CA TRP B 613 -16.01 -12.95 -41.69
C TRP B 613 -17.52 -13.09 -41.77
N PRO B 614 -18.06 -14.26 -41.44
CA PRO B 614 -19.52 -14.44 -41.46
C PRO B 614 -20.22 -13.78 -40.28
N ARG B 615 -21.53 -14.03 -40.16
CA ARG B 615 -22.36 -13.39 -39.14
C ARG B 615 -22.05 -13.95 -37.75
N SER B 616 -22.80 -13.47 -36.77
CA SER B 616 -22.73 -13.97 -35.40
C SER B 616 -24.12 -14.33 -34.92
N GLY B 617 -24.20 -15.40 -34.14
CA GLY B 617 -25.46 -15.88 -33.63
C GLY B 617 -26.24 -16.68 -34.66
N ILE B 618 -27.31 -17.29 -34.19
CA ILE B 618 -28.17 -18.16 -34.99
C ILE B 618 -28.97 -17.33 -35.99
N CYS B 619 -29.58 -18.00 -36.96
CA CYS B 619 -30.46 -17.33 -37.89
C CYS B 619 -31.89 -17.40 -37.39
N GLY B 620 -32.81 -16.83 -38.15
CA GLY B 620 -34.21 -16.85 -37.80
C GLY B 620 -35.10 -17.09 -38.99
N TYR B 621 -34.49 -17.35 -40.14
CA TYR B 621 -35.28 -17.61 -41.35
C TYR B 621 -35.70 -19.07 -41.45
N GLU B 622 -34.86 -19.98 -40.97
CA GLU B 622 -35.15 -21.41 -41.01
C GLU B 622 -35.77 -21.92 -39.72
N TYR B 623 -36.27 -21.02 -38.87
CA TYR B 623 -36.84 -21.40 -37.59
C TYR B 623 -38.18 -20.70 -37.33
N GLY B 624 -38.81 -20.19 -38.38
CA GLY B 624 -40.13 -19.60 -38.24
C GLY B 624 -40.16 -18.23 -37.61
N LEU B 625 -39.08 -17.46 -37.71
CA LEU B 625 -39.05 -16.09 -37.20
C LEU B 625 -38.89 -15.07 -38.32
N GLY B 626 -37.83 -15.17 -39.13
CA GLY B 626 -37.71 -14.37 -40.32
C GLY B 626 -36.81 -13.15 -40.22
N ASP B 627 -35.57 -13.30 -40.71
CA ASP B 627 -34.62 -12.20 -40.96
C ASP B 627 -34.29 -11.41 -39.69
N ARG B 628 -34.12 -12.12 -38.59
CA ARG B 628 -33.71 -11.49 -37.33
C ARG B 628 -32.71 -12.43 -36.67
N TRP B 629 -31.43 -12.09 -36.77
CA TRP B 629 -30.40 -12.94 -36.18
C TRP B 629 -30.44 -12.82 -34.66
N PHE B 630 -30.53 -13.97 -33.98
CA PHE B 630 -30.69 -14.02 -32.54
C PHE B 630 -29.39 -14.49 -31.88
N LEU B 631 -29.45 -14.58 -30.56
CA LEU B 631 -28.40 -15.13 -29.72
C LEU B 631 -29.07 -15.91 -28.61
N ARG B 632 -28.40 -16.94 -28.10
CA ARG B 632 -28.99 -17.79 -27.08
C ARG B 632 -27.95 -18.02 -25.98
N VAL B 633 -27.95 -17.14 -24.98
CA VAL B 633 -27.00 -17.24 -23.89
C VAL B 633 -27.63 -18.01 -22.74
N GLU B 634 -26.98 -19.09 -22.34
CA GLU B 634 -27.44 -19.87 -21.20
C GLU B 634 -27.06 -19.17 -19.91
N ASN B 635 -27.92 -19.30 -18.90
CA ASN B 635 -27.74 -18.55 -17.67
C ASN B 635 -27.95 -19.47 -16.48
N HIS B 636 -27.54 -19.01 -15.30
CA HIS B 636 -27.70 -19.80 -14.08
C HIS B 636 -27.71 -18.86 -12.89
N HIS B 637 -28.80 -18.85 -12.14
CA HIS B 637 -28.92 -18.08 -10.91
C HIS B 637 -29.13 -19.05 -9.74
N ASP B 638 -29.46 -18.47 -8.58
CA ASP B 638 -29.57 -19.18 -7.29
C ASP B 638 -28.29 -19.95 -6.95
N TRP C 29 6.71 -36.40 28.69
CA TRP C 29 6.89 -34.98 28.47
C TRP C 29 5.64 -34.43 27.79
N GLU C 30 5.31 -34.97 26.62
CA GLU C 30 4.04 -34.74 25.95
C GLU C 30 3.28 -36.03 25.72
N GLN C 31 3.94 -37.06 25.19
CA GLN C 31 3.28 -38.33 24.93
C GLN C 31 2.99 -39.08 26.22
N TYR C 32 3.69 -38.76 27.31
CA TYR C 32 3.40 -39.34 28.60
C TYR C 32 2.02 -38.93 29.12
N ARG C 33 1.55 -37.74 28.72
CA ARG C 33 0.20 -37.31 29.09
C ARG C 33 -0.86 -38.17 28.44
N ASP C 34 -0.68 -38.50 27.15
CA ASP C 34 -1.61 -39.39 26.48
C ASP C 34 -1.52 -40.80 27.07
N ARG C 35 -0.29 -41.22 27.41
CA ARG C 35 -0.08 -42.54 28.01
C ARG C 35 -0.76 -42.67 29.36
N VAL C 36 -0.86 -41.58 30.13
CA VAL C 36 -1.54 -41.68 31.41
C VAL C 36 -3.06 -41.45 31.28
N ASN C 37 -3.51 -40.64 30.30
CA ASN C 37 -4.93 -40.39 30.18
C ASN C 37 -5.66 -41.58 29.58
N MET C 38 -5.03 -42.27 28.63
CA MET C 38 -5.62 -43.49 28.12
C MET C 38 -5.66 -44.59 29.17
N LEU C 39 -4.66 -44.65 30.04
CA LEU C 39 -4.67 -45.64 31.11
C LEU C 39 -5.78 -45.36 32.12
N GLN C 40 -5.99 -44.08 32.46
CA GLN C 40 -7.07 -43.72 33.36
C GLN C 40 -8.44 -44.02 32.75
N GLN C 41 -8.61 -43.72 31.46
CA GLN C 41 -9.89 -44.00 30.80
C GLN C 41 -10.13 -45.49 30.62
N GLU C 42 -9.07 -46.27 30.40
CA GLU C 42 -9.22 -47.72 30.29
C GLU C 42 -9.59 -48.33 31.63
N ARG C 43 -9.00 -47.83 32.73
CA ARG C 43 -9.37 -48.33 34.05
C ARG C 43 -10.80 -47.96 34.41
N ILE C 44 -11.25 -46.76 34.01
CA ILE C 44 -12.63 -46.36 34.22
C ILE C 44 -13.59 -47.23 33.42
N ARG C 45 -13.22 -47.54 32.17
CA ARG C 45 -14.04 -48.42 31.35
C ARG C 45 -14.07 -49.85 31.88
N ASP C 46 -12.99 -50.29 32.53
CA ASP C 46 -12.93 -51.67 32.99
C ASP C 46 -13.64 -51.87 34.32
N SER C 47 -13.52 -50.92 35.26
CA SER C 47 -14.08 -51.15 36.59
C SER C 47 -15.59 -50.91 36.58
N PRO C 48 -16.38 -51.83 37.15
CA PRO C 48 -17.84 -51.73 36.97
C PRO C 48 -18.50 -50.65 37.79
N LEU C 49 -18.05 -50.44 39.04
CA LEU C 49 -18.63 -49.40 39.88
C LEU C 49 -18.31 -48.01 39.33
N LEU C 50 -17.07 -47.80 38.87
CA LEU C 50 -16.71 -46.54 38.25
C LEU C 50 -17.42 -46.35 36.92
N GLN C 51 -17.67 -47.44 36.19
CA GLN C 51 -18.44 -47.32 34.94
C GLN C 51 -19.89 -46.94 35.21
N ALA C 52 -20.47 -47.49 36.28
CA ALA C 52 -21.83 -47.12 36.65
C ALA C 52 -21.90 -45.67 37.13
N ALA C 53 -20.88 -45.23 37.85
CA ALA C 53 -20.82 -43.83 38.28
C ALA C 53 -20.58 -42.89 37.10
N LYS C 54 -19.93 -43.38 36.05
CA LYS C 54 -19.80 -42.58 34.83
C LYS C 54 -21.12 -42.49 34.08
N GLU C 55 -21.83 -43.61 33.97
CA GLU C 55 -23.07 -43.67 33.19
C GLU C 55 -24.27 -43.11 33.93
N ASN C 56 -24.15 -42.84 35.24
CA ASN C 56 -25.22 -42.28 36.09
C ASN C 56 -26.40 -43.24 36.14
N ASP C 57 -26.14 -44.43 36.66
CA ASP C 57 -27.17 -45.41 36.90
C ASP C 57 -27.77 -45.16 38.29
N LEU C 58 -28.89 -45.82 38.56
CA LEU C 58 -29.46 -45.80 39.91
C LEU C 58 -29.56 -47.18 40.54
N ARG C 59 -30.05 -48.17 39.79
CA ARG C 59 -30.22 -49.50 40.36
C ARG C 59 -28.88 -50.20 40.57
N LEU C 60 -27.89 -49.90 39.73
CA LEU C 60 -26.58 -50.51 39.88
C LEU C 60 -25.86 -49.96 41.11
N LEU C 61 -25.95 -48.64 41.35
CA LEU C 61 -25.39 -48.10 42.58
C LEU C 61 -26.16 -48.57 43.80
N LYS C 62 -27.47 -48.78 43.67
CA LYS C 62 -28.25 -49.29 44.79
C LYS C 62 -27.86 -50.72 45.14
N ILE C 63 -27.65 -51.57 44.15
CA ILE C 63 -27.28 -52.95 44.47
C ILE C 63 -25.82 -53.04 44.91
N LEU C 64 -24.94 -52.17 44.39
CA LEU C 64 -23.56 -52.18 44.84
C LEU C 64 -23.39 -51.54 46.21
N LEU C 65 -24.34 -50.71 46.64
CA LEU C 65 -24.33 -50.20 48.00
C LEU C 65 -25.00 -51.16 48.98
N LEU C 66 -26.01 -51.90 48.52
CA LEU C 66 -26.68 -52.86 49.39
C LEU C 66 -25.79 -54.07 49.64
N ASN C 67 -25.16 -54.60 48.60
CA ASN C 67 -24.19 -55.69 48.75
C ASN C 67 -22.92 -55.11 49.37
N GLN C 68 -22.80 -55.21 50.69
CA GLN C 68 -21.71 -54.56 51.42
C GLN C 68 -20.38 -55.26 51.27
N SER C 69 -20.31 -56.39 50.56
CA SER C 69 -19.04 -57.08 50.36
C SER C 69 -18.14 -56.34 49.38
N CYS C 70 -18.71 -55.53 48.49
CA CYS C 70 -17.91 -54.79 47.52
C CYS C 70 -17.17 -53.65 48.20
N ASP C 71 -15.92 -53.45 47.78
CA ASP C 71 -15.08 -52.39 48.34
C ASP C 71 -15.38 -51.07 47.65
N PHE C 72 -15.37 -50.00 48.44
CA PHE C 72 -15.69 -48.66 47.94
C PHE C 72 -14.50 -47.73 47.91
N GLN C 73 -13.38 -48.08 48.54
CA GLN C 73 -12.18 -47.27 48.54
C GLN C 73 -11.20 -47.69 47.45
N GLN C 74 -11.66 -48.42 46.43
CA GLN C 74 -10.78 -48.94 45.41
C GLN C 74 -10.28 -47.82 44.49
N ARG C 75 -9.00 -47.93 44.11
CA ARG C 75 -8.32 -46.90 43.34
C ARG C 75 -8.19 -47.32 41.89
N GLY C 76 -8.29 -46.33 40.99
CA GLY C 76 -8.11 -46.57 39.57
C GLY C 76 -6.66 -46.48 39.15
N ALA C 77 -6.41 -45.81 38.01
CA ALA C 77 -5.04 -45.69 37.52
C ALA C 77 -4.29 -44.57 38.24
N VAL C 78 -4.75 -43.34 38.08
CA VAL C 78 -4.14 -42.21 38.79
C VAL C 78 -5.08 -41.78 39.92
N GLY C 79 -4.87 -42.37 41.10
CA GLY C 79 -5.61 -42.13 42.33
C GLY C 79 -7.11 -42.04 42.23
N GLU C 80 -7.70 -42.77 41.30
CA GLU C 80 -9.05 -42.49 40.84
C GLU C 80 -10.06 -43.02 41.85
N THR C 81 -10.63 -42.10 42.63
CA THR C 81 -11.68 -42.42 43.57
C THR C 81 -13.02 -42.33 42.86
N ALA C 82 -14.01 -43.06 43.37
CA ALA C 82 -15.34 -43.04 42.80
C ALA C 82 -15.99 -41.66 42.94
N LEU C 83 -15.69 -40.94 44.01
CA LEU C 83 -16.16 -39.57 44.13
C LEU C 83 -15.50 -38.66 43.10
N HIS C 84 -14.22 -38.92 42.78
CA HIS C 84 -13.54 -38.15 41.73
C HIS C 84 -14.16 -38.39 40.37
N VAL C 85 -14.46 -39.65 40.02
CA VAL C 85 -15.04 -39.91 38.71
C VAL C 85 -16.51 -39.51 38.66
N ALA C 86 -17.18 -39.39 39.81
CA ALA C 86 -18.52 -38.81 39.81
C ALA C 86 -18.45 -37.31 39.56
N ALA C 87 -17.53 -36.62 40.25
CA ALA C 87 -17.47 -35.16 40.11
C ALA C 87 -16.89 -34.73 38.77
N LEU C 88 -16.09 -35.58 38.13
CA LEU C 88 -15.51 -35.21 36.85
C LEU C 88 -16.53 -35.20 35.72
N TYR C 89 -17.52 -36.09 35.78
CA TYR C 89 -18.59 -36.15 34.80
C TYR C 89 -19.91 -35.61 35.33
N ASP C 90 -19.88 -34.99 36.52
CA ASP C 90 -20.99 -34.18 37.08
C ASP C 90 -22.25 -35.04 37.30
N ASN C 91 -22.11 -36.01 38.20
CA ASN C 91 -23.19 -36.91 38.58
C ASN C 91 -23.57 -36.59 40.02
N LEU C 92 -24.52 -35.66 40.18
CA LEU C 92 -24.91 -35.20 41.50
C LEU C 92 -25.59 -36.29 42.31
N GLU C 93 -26.50 -37.05 41.69
CA GLU C 93 -27.21 -38.12 42.39
C GLU C 93 -26.26 -39.23 42.81
N ALA C 94 -25.31 -39.59 41.95
CA ALA C 94 -24.32 -40.61 42.28
C ALA C 94 -23.41 -40.15 43.40
N ALA C 95 -23.02 -38.86 43.39
CA ALA C 95 -22.15 -38.35 44.44
C ALA C 95 -22.86 -38.28 45.78
N THR C 96 -24.13 -37.86 45.80
CA THR C 96 -24.87 -37.83 47.06
C THR C 96 -25.13 -39.24 47.59
N LEU C 97 -25.48 -40.18 46.70
CA LEU C 97 -25.67 -41.56 47.16
C LEU C 97 -24.36 -42.17 47.64
N LEU C 98 -23.23 -41.78 47.04
CA LEU C 98 -21.93 -42.28 47.47
C LEU C 98 -21.55 -41.75 48.84
N MET C 99 -21.80 -40.47 49.10
CA MET C 99 -21.46 -39.94 50.43
C MET C 99 -22.43 -40.40 51.50
N GLU C 100 -23.70 -40.64 51.16
CA GLU C 100 -24.59 -41.24 52.15
C GLU C 100 -24.40 -42.74 52.29
N ALA C 101 -23.68 -43.39 51.37
CA ALA C 101 -23.33 -44.80 51.58
C ALA C 101 -22.06 -44.93 52.40
N ALA C 102 -21.02 -44.18 52.05
CA ALA C 102 -19.76 -44.19 52.80
C ALA C 102 -19.13 -42.80 52.68
N PRO C 103 -19.18 -41.99 53.74
CA PRO C 103 -18.69 -40.61 53.66
C PRO C 103 -17.19 -40.43 53.93
N GLU C 104 -16.41 -41.50 53.90
CA GLU C 104 -14.99 -41.45 54.22
C GLU C 104 -14.11 -41.40 52.96
N LEU C 105 -14.58 -40.70 51.92
CA LEU C 105 -13.89 -40.68 50.63
C LEU C 105 -13.58 -39.26 50.17
N ALA C 106 -13.80 -38.26 51.00
CA ALA C 106 -13.58 -36.87 50.63
C ALA C 106 -12.23 -36.32 51.07
N LYS C 107 -11.68 -36.84 52.16
CA LYS C 107 -10.42 -36.35 52.71
C LYS C 107 -9.20 -37.12 52.22
N GLU C 108 -9.36 -37.95 51.19
CA GLU C 108 -8.26 -38.74 50.68
C GLU C 108 -7.91 -38.29 49.27
N PRO C 109 -6.72 -37.73 49.05
CA PRO C 109 -6.36 -37.30 47.70
C PRO C 109 -5.78 -38.42 46.85
N ALA C 110 -5.33 -38.09 45.65
CA ALA C 110 -4.67 -39.06 44.78
C ALA C 110 -3.21 -39.21 45.19
N LEU C 111 -2.49 -40.10 44.51
CA LEU C 111 -1.08 -40.30 44.84
C LEU C 111 -0.16 -40.53 43.65
N CYS C 112 -0.67 -40.55 42.42
CA CYS C 112 0.18 -40.83 41.27
C CYS C 112 0.70 -39.53 40.66
N GLU C 113 1.40 -39.64 39.53
CA GLU C 113 2.33 -38.59 39.11
C GLU C 113 1.69 -37.33 38.50
N PRO C 114 0.81 -37.36 37.48
CA PRO C 114 0.38 -36.09 36.88
C PRO C 114 -0.63 -35.32 37.71
N PHE C 115 -1.37 -35.99 38.59
CA PHE C 115 -2.42 -35.38 39.40
C PHE C 115 -2.18 -35.82 40.84
N VAL C 116 -1.34 -35.09 41.56
CA VAL C 116 -0.87 -35.57 42.86
C VAL C 116 -1.91 -35.28 43.94
N GLY C 117 -2.18 -34.01 44.20
CA GLY C 117 -3.02 -33.67 45.33
C GLY C 117 -4.42 -33.23 44.94
N GLN C 118 -4.97 -33.84 43.90
CA GLN C 118 -6.31 -33.48 43.45
C GLN C 118 -7.37 -34.01 44.40
N THR C 119 -8.44 -33.24 44.55
CA THR C 119 -9.55 -33.62 45.41
C THR C 119 -10.86 -33.46 44.68
N ALA C 120 -11.90 -34.10 45.24
CA ALA C 120 -13.25 -33.94 44.74
C ALA C 120 -13.71 -32.51 44.87
N LEU C 121 -13.25 -31.81 45.92
CA LEU C 121 -13.57 -30.40 46.08
C LEU C 121 -12.89 -29.57 45.00
N HIS C 122 -11.66 -29.93 44.62
CA HIS C 122 -10.94 -29.24 43.55
C HIS C 122 -11.66 -29.36 42.22
N ILE C 123 -12.02 -30.58 41.83
CA ILE C 123 -12.68 -30.74 40.54
C ILE C 123 -14.13 -30.24 40.58
N ALA C 124 -14.77 -30.22 41.75
CA ALA C 124 -16.10 -29.64 41.85
C ALA C 124 -16.08 -28.13 41.70
N VAL C 125 -15.12 -27.46 42.35
CA VAL C 125 -15.07 -26.00 42.23
C VAL C 125 -14.54 -25.60 40.86
N MET C 126 -13.79 -26.48 40.18
CA MET C 126 -13.48 -26.18 38.79
C MET C 126 -14.68 -26.38 37.88
N ASN C 127 -15.49 -27.42 38.13
CA ASN C 127 -16.65 -27.72 37.29
C ASN C 127 -17.83 -26.80 37.54
N GLN C 128 -17.78 -26.01 38.63
CA GLN C 128 -18.71 -24.90 38.91
C GLN C 128 -20.16 -25.38 39.07
N ASN C 129 -20.37 -26.15 40.13
CA ASN C 129 -21.72 -26.44 40.61
C ASN C 129 -21.78 -26.18 42.10
N LEU C 130 -22.74 -25.35 42.52
CA LEU C 130 -22.81 -24.94 43.92
C LEU C 130 -23.28 -26.05 44.83
N ASN C 131 -24.19 -26.91 44.33
CA ASN C 131 -24.83 -27.90 45.18
C ASN C 131 -23.86 -29.00 45.61
N LEU C 132 -22.98 -29.43 44.70
CA LEU C 132 -22.01 -30.46 45.04
C LEU C 132 -20.95 -29.93 46.00
N VAL C 133 -20.57 -28.66 45.85
CA VAL C 133 -19.61 -28.05 46.77
C VAL C 133 -20.24 -27.88 48.15
N ARG C 134 -21.53 -27.53 48.20
CA ARG C 134 -22.25 -27.45 49.47
C ARG C 134 -22.37 -28.82 50.12
N ALA C 135 -22.60 -29.86 49.33
CA ALA C 135 -22.68 -31.22 49.86
C ALA C 135 -21.33 -31.70 50.38
N LEU C 136 -20.25 -31.38 49.67
CA LEU C 136 -18.92 -31.78 50.13
C LEU C 136 -18.51 -31.03 51.38
N LEU C 137 -18.86 -29.74 51.47
CA LEU C 137 -18.55 -29.00 52.69
C LEU C 137 -19.44 -29.41 53.86
N ALA C 138 -20.64 -29.91 53.59
CA ALA C 138 -21.45 -30.46 54.67
C ALA C 138 -20.96 -31.85 55.10
N ARG C 139 -20.33 -32.59 54.19
CA ARG C 139 -19.83 -33.92 54.49
C ARG C 139 -18.41 -33.91 55.05
N GLY C 140 -17.92 -32.75 55.49
CA GLY C 140 -16.62 -32.69 56.14
C GLY C 140 -15.44 -32.84 55.21
N ALA C 141 -15.25 -31.89 54.30
CA ALA C 141 -14.12 -31.87 53.40
C ALA C 141 -13.22 -30.69 53.73
N SER C 142 -11.93 -30.94 53.83
CA SER C 142 -10.98 -29.88 54.14
C SER C 142 -10.77 -28.99 52.92
N VAL C 143 -10.44 -27.72 53.19
CA VAL C 143 -10.34 -26.70 52.16
C VAL C 143 -8.90 -26.24 51.94
N SER C 144 -7.93 -26.84 52.63
CA SER C 144 -6.53 -26.48 52.47
C SER C 144 -5.71 -27.64 51.93
N ALA C 145 -6.34 -28.51 51.15
CA ALA C 145 -5.61 -29.60 50.51
C ALA C 145 -4.84 -29.04 49.32
N ARG C 146 -3.54 -29.32 49.27
CA ARG C 146 -2.69 -28.78 48.24
C ARG C 146 -2.51 -29.78 47.10
N ALA C 147 -2.33 -29.25 45.89
CA ALA C 147 -2.19 -30.05 44.68
C ALA C 147 -0.89 -29.66 44.00
N THR C 148 0.13 -30.52 44.09
CA THR C 148 1.46 -30.24 43.56
C THR C 148 1.92 -31.37 42.63
N GLY C 149 1.55 -31.26 41.36
CA GLY C 149 1.95 -32.21 40.35
C GLY C 149 2.40 -31.50 39.08
N ALA C 150 2.12 -32.14 37.95
CA ALA C 150 2.42 -31.54 36.66
C ALA C 150 1.19 -30.93 36.01
N ALA C 151 0.00 -31.15 36.59
CA ALA C 151 -1.22 -30.55 36.04
C ALA C 151 -1.32 -29.08 36.41
N PHE C 152 -1.33 -28.79 37.71
CA PHE C 152 -1.51 -27.43 38.21
C PHE C 152 -0.16 -26.82 38.54
N ARG C 153 0.55 -26.43 37.48
CA ARG C 153 1.90 -25.91 37.62
C ARG C 153 2.19 -24.99 36.44
N ARG C 154 2.79 -23.84 36.72
CA ARG C 154 3.09 -22.84 35.70
C ARG C 154 4.13 -23.40 34.74
N SER C 155 3.70 -23.74 33.53
CA SER C 155 4.57 -24.31 32.50
C SER C 155 3.89 -24.09 31.17
N PRO C 156 4.66 -23.93 30.08
CA PRO C 156 4.03 -23.69 28.77
C PRO C 156 3.36 -24.91 28.16
N HIS C 157 3.57 -26.11 28.69
CA HIS C 157 2.90 -27.28 28.12
C HIS C 157 1.45 -27.37 28.57
N ASN C 158 1.18 -27.10 29.85
CA ASN C 158 -0.19 -27.06 30.32
C ASN C 158 -0.88 -25.79 29.82
N LEU C 159 -2.17 -25.90 29.51
CA LEU C 159 -2.88 -24.80 28.88
C LEU C 159 -3.20 -23.69 29.88
N ILE C 160 -3.63 -24.06 31.08
CA ILE C 160 -4.10 -23.08 32.06
C ILE C 160 -3.28 -23.20 33.34
N TYR C 161 -3.18 -22.08 34.05
CA TYR C 161 -2.62 -22.02 35.40
C TYR C 161 -3.70 -21.44 36.29
N TYR C 162 -4.25 -22.26 37.18
CA TYR C 162 -5.31 -21.81 38.07
C TYR C 162 -4.87 -21.67 39.51
N GLY C 163 -3.76 -22.26 39.90
CA GLY C 163 -3.27 -22.20 41.26
C GLY C 163 -3.24 -23.58 41.89
N GLU C 164 -2.97 -23.60 43.20
CA GLU C 164 -2.80 -24.84 43.93
C GLU C 164 -3.64 -24.85 45.20
N HIS C 165 -4.80 -24.20 45.16
CA HIS C 165 -5.66 -24.13 46.33
C HIS C 165 -7.09 -23.91 45.85
N PRO C 166 -8.10 -24.35 46.62
CA PRO C 166 -9.49 -24.21 46.16
C PRO C 166 -9.96 -22.77 46.07
N LEU C 167 -9.48 -21.88 46.96
CA LEU C 167 -9.84 -20.48 46.85
C LEU C 167 -9.23 -19.84 45.62
N SER C 168 -7.99 -20.22 45.30
CA SER C 168 -7.37 -19.78 44.05
C SER C 168 -8.14 -20.29 42.84
N PHE C 169 -8.65 -21.52 42.92
CA PHE C 169 -9.46 -22.09 41.84
C PHE C 169 -10.74 -21.30 41.62
N ALA C 170 -11.47 -21.02 42.71
CA ALA C 170 -12.74 -20.32 42.61
C ALA C 170 -12.55 -18.88 42.15
N ALA C 171 -11.62 -18.16 42.77
CA ALA C 171 -11.38 -16.78 42.41
C ALA C 171 -10.71 -16.63 41.05
N CYS C 172 -10.07 -17.68 40.55
CA CYS C 172 -9.46 -17.60 39.23
C CYS C 172 -10.46 -17.93 38.14
N VAL C 173 -11.36 -18.88 38.36
CA VAL C 173 -12.40 -19.15 37.37
C VAL C 173 -13.44 -18.06 37.38
N GLY C 174 -13.60 -17.33 38.48
CA GLY C 174 -14.44 -16.17 38.52
C GLY C 174 -15.85 -16.38 39.04
N SER C 175 -16.03 -17.27 40.00
CA SER C 175 -17.35 -17.48 40.57
C SER C 175 -17.67 -16.37 41.59
N GLU C 176 -18.92 -16.34 42.00
CA GLU C 176 -19.40 -15.28 42.87
C GLU C 176 -19.88 -15.78 44.23
N GLU C 177 -20.56 -16.92 44.27
CA GLU C 177 -21.14 -17.43 45.51
C GLU C 177 -20.37 -18.63 46.06
N ILE C 178 -19.19 -18.91 45.51
CA ILE C 178 -18.31 -19.92 46.07
C ILE C 178 -17.20 -19.29 46.91
N VAL C 179 -16.77 -18.08 46.59
CA VAL C 179 -15.68 -17.44 47.31
C VAL C 179 -16.09 -17.08 48.74
N ARG C 180 -17.33 -16.63 48.93
CA ARG C 180 -17.80 -16.37 50.29
C ARG C 180 -18.02 -17.65 51.06
N LEU C 181 -18.55 -18.68 50.38
CA LEU C 181 -18.81 -19.97 51.00
C LEU C 181 -17.52 -20.68 51.41
N LEU C 182 -16.41 -20.38 50.74
CA LEU C 182 -15.14 -20.94 51.16
C LEU C 182 -14.42 -20.08 52.19
N ILE C 183 -14.49 -18.74 52.07
CA ILE C 183 -13.77 -17.89 53.01
C ILE C 183 -14.44 -17.90 54.39
N GLU C 184 -15.76 -18.06 54.44
CA GLU C 184 -16.41 -18.13 55.75
C GLU C 184 -16.14 -19.46 56.46
N HIS C 185 -15.59 -20.45 55.76
CA HIS C 185 -15.05 -21.65 56.40
C HIS C 185 -13.55 -21.56 56.60
N GLY C 186 -12.96 -20.39 56.44
CA GLY C 186 -11.55 -20.17 56.74
C GLY C 186 -10.58 -20.78 55.76
N ALA C 187 -10.80 -20.61 54.47
CA ALA C 187 -9.98 -21.26 53.44
C ALA C 187 -8.85 -20.36 52.94
N ASP C 188 -8.08 -19.77 53.85
CA ASP C 188 -6.75 -19.19 53.58
C ASP C 188 -6.80 -18.07 52.54
N ILE C 189 -7.42 -16.96 52.94
CA ILE C 189 -7.48 -15.77 52.09
C ILE C 189 -6.08 -15.25 51.77
N ARG C 190 -5.14 -15.38 52.70
CA ARG C 190 -3.73 -15.09 52.48
C ARG C 190 -2.99 -16.43 52.48
N ALA C 191 -2.96 -17.08 51.31
CA ALA C 191 -2.39 -18.40 51.17
C ALA C 191 -1.03 -18.33 50.48
N GLN C 192 -0.36 -19.47 50.48
CA GLN C 192 0.89 -19.62 49.74
C GLN C 192 0.89 -20.98 49.04
N ASP C 193 1.66 -21.08 47.98
CA ASP C 193 1.71 -22.28 47.16
C ASP C 193 3.10 -22.40 46.54
N SER C 194 3.22 -23.23 45.52
CA SER C 194 4.47 -23.38 44.81
C SER C 194 4.81 -22.10 44.06
N LEU C 195 6.12 -21.83 43.94
CA LEU C 195 6.74 -20.60 43.44
C LEU C 195 6.38 -19.35 44.25
N GLY C 196 5.81 -19.51 45.45
CA GLY C 196 5.57 -18.41 46.36
C GLY C 196 4.46 -17.45 46.00
N ASN C 197 3.59 -17.78 45.04
CA ASN C 197 2.53 -16.85 44.62
C ASN C 197 1.42 -16.78 45.67
N THR C 198 0.39 -15.99 45.37
CA THR C 198 -0.85 -16.02 46.13
C THR C 198 -2.00 -15.74 45.17
N VAL C 199 -3.19 -15.54 45.75
CA VAL C 199 -4.40 -15.47 44.94
C VAL C 199 -4.46 -14.17 44.13
N LEU C 200 -3.80 -13.11 44.59
CA LEU C 200 -3.78 -11.88 43.79
C LEU C 200 -2.84 -12.02 42.59
N HIS C 201 -1.72 -12.71 42.75
CA HIS C 201 -0.85 -13.01 41.63
C HIS C 201 -1.54 -13.93 40.63
N ILE C 202 -2.33 -14.88 41.13
CA ILE C 202 -3.06 -15.78 40.25
C ILE C 202 -4.14 -15.03 39.48
N LEU C 203 -4.80 -14.06 40.13
CA LEU C 203 -5.80 -13.26 39.43
C LEU C 203 -5.17 -12.27 38.46
N ILE C 204 -3.93 -11.87 38.71
CA ILE C 204 -3.25 -10.99 37.77
C ILE C 204 -2.79 -11.76 36.54
N LEU C 205 -2.32 -13.00 36.70
CA LEU C 205 -1.90 -13.84 35.58
C LEU C 205 -3.10 -14.50 34.89
N GLN C 206 -4.00 -13.69 34.34
CA GLN C 206 -5.21 -14.20 33.71
C GLN C 206 -5.55 -13.37 32.48
N PRO C 207 -6.05 -13.98 31.41
CA PRO C 207 -6.36 -13.24 30.18
C PRO C 207 -7.80 -12.76 30.01
N ASN C 208 -8.65 -12.86 31.05
CA ASN C 208 -10.03 -12.39 30.91
C ASN C 208 -10.15 -10.93 31.33
N LYS C 209 -9.86 -10.65 32.61
CA LYS C 209 -9.67 -9.37 33.28
C LYS C 209 -10.95 -8.56 33.49
N THR C 210 -12.03 -8.87 32.78
CA THR C 210 -13.24 -8.08 32.95
C THR C 210 -14.18 -8.67 34.00
N PHE C 211 -14.22 -9.99 34.13
CA PHE C 211 -14.82 -10.65 35.27
C PHE C 211 -13.77 -11.04 36.30
N ALA C 212 -12.57 -10.48 36.19
CA ALA C 212 -11.52 -10.63 37.18
C ALA C 212 -11.20 -9.35 37.94
N CYS C 213 -11.50 -8.18 37.36
CA CYS C 213 -11.38 -6.93 38.10
C CYS C 213 -12.29 -6.90 39.33
N GLN C 214 -13.53 -7.36 39.19
CA GLN C 214 -14.44 -7.40 40.32
C GLN C 214 -14.02 -8.42 41.36
N MET C 215 -13.43 -9.54 40.92
CA MET C 215 -12.96 -10.56 41.86
C MET C 215 -11.78 -10.05 42.67
N TYR C 216 -10.83 -9.38 42.01
CA TYR C 216 -9.71 -8.79 42.73
C TYR C 216 -10.18 -7.71 43.69
N ASN C 217 -11.20 -6.93 43.29
CA ASN C 217 -11.73 -5.91 44.17
C ASN C 217 -12.42 -6.50 45.39
N LEU C 218 -13.15 -7.61 45.21
CA LEU C 218 -13.84 -8.24 46.33
C LEU C 218 -12.85 -8.89 47.30
N LEU C 219 -11.78 -9.50 46.77
CA LEU C 219 -10.80 -10.10 47.67
C LEU C 219 -9.97 -9.04 48.40
N LEU C 220 -9.71 -7.91 47.74
CA LEU C 220 -9.05 -6.81 48.44
C LEU C 220 -9.99 -6.15 49.44
N SER C 221 -11.30 -6.23 49.21
CA SER C 221 -12.24 -5.76 50.23
C SER C 221 -12.31 -6.71 51.40
N TYR C 222 -12.10 -8.01 51.18
CA TYR C 222 -12.07 -8.94 52.30
C TYR C 222 -10.79 -8.81 53.11
N ASP C 223 -9.66 -8.57 52.46
CA ASP C 223 -8.43 -8.28 53.22
C ASP C 223 -7.49 -7.35 52.45
N GLN C 230 1.16 -4.34 55.85
CA GLN C 230 1.59 -5.41 54.97
C GLN C 230 0.71 -6.64 55.17
N SER C 231 -0.51 -6.61 54.62
CA SER C 231 -1.44 -7.70 54.79
C SER C 231 -1.50 -8.61 53.55
N LEU C 232 -1.91 -8.06 52.41
CA LEU C 232 -2.01 -8.88 51.21
C LEU C 232 -1.49 -8.20 49.96
N GLU C 233 -1.31 -6.88 49.96
CA GLU C 233 -0.88 -6.17 48.77
C GLU C 233 0.63 -6.01 48.71
N LEU C 234 1.28 -5.79 49.84
CA LEU C 234 2.71 -5.54 49.89
C LEU C 234 3.53 -6.82 50.07
N VAL C 235 2.97 -7.98 49.72
CA VAL C 235 3.63 -9.26 49.96
C VAL C 235 4.42 -9.67 48.72
N PRO C 236 5.63 -10.19 48.87
CA PRO C 236 6.37 -10.70 47.71
C PRO C 236 6.21 -12.20 47.52
N ASN C 237 6.52 -12.64 46.31
CA ASN C 237 6.53 -14.05 45.98
C ASN C 237 7.93 -14.61 46.22
N HIS C 238 8.19 -15.83 45.74
CA HIS C 238 9.53 -16.39 45.87
C HIS C 238 10.53 -15.73 44.93
N GLN C 239 10.07 -15.24 43.78
CA GLN C 239 10.98 -14.55 42.87
C GLN C 239 11.24 -13.12 43.29
N GLY C 240 10.37 -12.54 44.13
CA GLY C 240 10.53 -11.17 44.53
C GLY C 240 9.68 -10.22 43.70
N LEU C 241 8.40 -10.53 43.56
CA LEU C 241 7.47 -9.75 42.75
C LEU C 241 6.25 -9.41 43.59
N THR C 242 6.20 -8.19 44.10
CA THR C 242 4.97 -7.61 44.62
C THR C 242 3.94 -7.56 43.48
N PRO C 243 2.64 -7.74 43.79
CA PRO C 243 1.64 -7.84 42.71
C PRO C 243 1.52 -6.61 41.82
N PHE C 244 1.92 -5.43 42.30
CA PHE C 244 2.01 -4.29 41.39
C PHE C 244 3.11 -4.49 40.35
N LYS C 245 4.28 -4.98 40.78
CA LYS C 245 5.34 -5.25 39.84
C LYS C 245 5.03 -6.45 38.96
N LEU C 246 4.18 -7.38 39.41
CA LEU C 246 3.75 -8.46 38.54
C LEU C 246 2.78 -7.95 37.48
N ALA C 247 1.90 -7.01 37.86
CA ALA C 247 1.04 -6.33 36.89
C ALA C 247 1.89 -5.61 35.84
N GLY C 248 2.97 -4.99 36.28
CA GLY C 248 3.96 -4.44 35.37
C GLY C 248 4.59 -5.44 34.43
N VAL C 249 5.23 -6.48 34.97
CA VAL C 249 5.99 -7.41 34.14
C VAL C 249 5.10 -8.31 33.28
N GLU C 250 3.81 -8.42 33.61
CA GLU C 250 2.90 -9.16 32.75
C GLU C 250 2.12 -8.27 31.80
N GLY C 251 2.07 -6.96 32.04
CA GLY C 251 1.57 -6.04 31.03
C GLY C 251 0.07 -5.92 30.92
N ASN C 252 -0.69 -6.37 31.91
CA ASN C 252 -2.14 -6.27 31.86
C ASN C 252 -2.54 -4.84 32.19
N THR C 253 -2.79 -4.06 31.13
CA THR C 253 -3.03 -2.64 31.27
C THR C 253 -4.35 -2.32 31.96
N VAL C 254 -5.37 -3.17 31.83
CA VAL C 254 -6.65 -2.84 32.45
C VAL C 254 -6.59 -3.12 33.96
N MET C 255 -5.89 -4.16 34.38
CA MET C 255 -5.69 -4.36 35.80
C MET C 255 -4.74 -3.32 36.39
N PHE C 256 -3.79 -2.83 35.59
CA PHE C 256 -2.95 -1.71 36.03
C PHE C 256 -3.78 -0.44 36.21
N GLN C 257 -4.66 -0.16 35.26
CA GLN C 257 -5.46 1.07 35.31
C GLN C 257 -6.54 1.00 36.38
N HIS C 258 -6.97 -0.19 36.78
CA HIS C 258 -7.82 -0.26 37.96
C HIS C 258 -7.01 -0.16 39.25
N LEU C 259 -5.84 -0.80 39.29
CA LEU C 259 -5.00 -0.79 40.48
C LEU C 259 -4.45 0.59 40.80
N MET C 260 -4.34 1.45 39.79
CA MET C 260 -3.91 2.83 40.05
C MET C 260 -4.98 3.62 40.81
N GLN C 261 -6.25 3.25 40.68
CA GLN C 261 -7.34 4.02 41.25
C GLN C 261 -7.63 3.68 42.70
N LYS C 262 -6.77 2.92 43.36
CA LYS C 262 -6.80 2.81 44.82
C LYS C 262 -5.71 3.64 45.48
N ARG C 263 -5.02 4.47 44.70
CA ARG C 263 -4.02 5.39 45.22
C ARG C 263 -4.22 6.81 44.73
N LYS C 264 -5.07 7.04 43.75
CA LYS C 264 -5.23 8.35 43.12
C LYS C 264 -5.96 9.30 44.06
N HIS C 265 -5.25 10.30 44.56
CA HIS C 265 -5.88 11.36 45.34
C HIS C 265 -6.45 12.39 44.37
N VAL C 266 -7.69 12.80 44.61
CA VAL C 266 -8.39 13.75 43.73
C VAL C 266 -8.46 15.09 44.45
N GLN C 267 -8.01 16.13 43.76
CA GLN C 267 -8.16 17.50 44.21
C GLN C 267 -9.46 18.08 43.63
N TRP C 268 -9.58 19.40 43.64
CA TRP C 268 -10.77 20.12 43.19
C TRP C 268 -11.09 19.86 41.72
N THR C 269 -12.28 20.28 41.32
CA THR C 269 -12.63 20.36 39.92
C THR C 269 -13.48 21.59 39.67
N CYS C 270 -13.33 22.16 38.49
CA CYS C 270 -14.13 23.30 38.05
C CYS C 270 -14.08 23.35 36.54
N GLY C 271 -15.22 23.66 35.93
CA GLY C 271 -15.36 23.65 34.50
C GLY C 271 -15.20 22.26 33.94
N PRO C 272 -14.42 22.12 32.88
CA PRO C 272 -14.13 20.79 32.36
C PRO C 272 -12.81 20.21 32.84
N LEU C 273 -12.02 20.97 33.59
CA LEU C 273 -10.68 20.51 33.95
C LEU C 273 -10.63 20.03 35.41
N THR C 274 -9.80 19.02 35.65
CA THR C 274 -9.64 18.41 36.97
C THR C 274 -8.16 18.16 37.19
N SER C 275 -7.72 18.28 38.45
CA SER C 275 -6.32 18.09 38.80
C SER C 275 -6.19 16.88 39.70
N THR C 276 -6.03 15.71 39.09
CA THR C 276 -5.78 14.50 39.85
C THR C 276 -4.35 14.49 40.38
N LEU C 277 -4.16 13.85 41.52
CA LEU C 277 -2.87 13.83 42.21
C LEU C 277 -2.50 12.37 42.49
N TYR C 278 -1.60 11.82 41.69
CA TYR C 278 -1.27 10.41 41.77
C TYR C 278 -0.20 10.17 42.82
N ASP C 279 0.17 8.91 42.99
CA ASP C 279 1.15 8.49 43.98
C ASP C 279 2.20 7.65 43.29
N LEU C 280 3.47 8.01 43.45
CA LEU C 280 4.56 7.38 42.71
C LEU C 280 5.51 6.59 43.59
N THR C 281 5.14 6.32 44.85
CA THR C 281 6.03 5.60 45.76
C THR C 281 6.20 4.14 45.40
N GLU C 282 5.38 3.59 44.50
CA GLU C 282 5.61 2.31 43.88
C GLU C 282 6.13 2.43 42.45
N ILE C 283 5.78 3.50 41.75
CA ILE C 283 6.19 3.69 40.36
C ILE C 283 7.69 3.93 40.25
N ASP C 284 8.32 4.62 41.20
CA ASP C 284 9.77 4.56 41.27
C ASP C 284 10.20 4.23 42.69
N SER C 285 11.19 3.34 42.82
CA SER C 285 11.42 2.69 44.10
C SER C 285 12.26 3.55 45.05
N TRP C 286 13.50 3.86 44.64
CA TRP C 286 14.48 4.72 45.32
C TRP C 286 15.03 4.11 46.62
N GLY C 287 14.45 3.02 47.09
CA GLY C 287 14.95 2.36 48.29
C GLY C 287 15.57 1.03 47.96
N GLU C 288 15.08 0.41 46.88
CA GLU C 288 15.64 -0.82 46.36
C GLU C 288 16.19 -0.55 44.97
N GLU C 289 17.33 -1.18 44.66
CA GLU C 289 17.95 -1.02 43.34
C GLU C 289 17.06 -1.55 42.23
N LEU C 290 16.40 -2.68 42.46
CA LEU C 290 15.41 -3.19 41.53
C LEU C 290 14.17 -2.30 41.61
N SER C 291 14.00 -1.42 40.64
CA SER C 291 12.85 -0.54 40.59
C SER C 291 11.75 -1.15 39.73
N PHE C 292 10.56 -0.58 39.84
CA PHE C 292 9.45 -1.02 39.01
C PHE C 292 9.74 -0.71 37.54
N LEU C 293 10.34 0.44 37.27
CA LEU C 293 10.56 0.85 35.89
C LEU C 293 11.68 0.07 35.24
N GLU C 294 12.75 -0.20 36.00
CA GLU C 294 13.80 -1.10 35.51
C GLU C 294 13.29 -2.52 35.37
N LEU C 295 12.32 -2.92 36.21
CA LEU C 295 11.77 -4.25 36.11
C LEU C 295 10.84 -4.40 34.93
N VAL C 296 10.19 -3.30 34.50
CA VAL C 296 9.23 -3.37 33.42
C VAL C 296 9.82 -3.02 32.06
N VAL C 297 10.95 -2.31 32.01
CA VAL C 297 11.55 -2.00 30.72
C VAL C 297 12.38 -3.16 30.18
N SER C 298 12.69 -4.15 31.00
CA SER C 298 13.51 -5.27 30.55
C SER C 298 12.75 -6.58 30.66
N SER C 299 11.51 -6.60 30.21
CA SER C 299 10.76 -7.85 30.10
C SER C 299 10.83 -8.35 28.66
N LYS C 300 10.32 -9.56 28.45
CA LYS C 300 10.43 -10.23 27.15
C LYS C 300 9.08 -10.45 26.49
N LYS C 301 8.01 -9.82 26.97
CA LYS C 301 6.70 -10.01 26.41
C LYS C 301 6.39 -8.88 25.41
N ARG C 302 5.14 -8.81 24.97
CA ARG C 302 4.71 -7.79 24.02
C ARG C 302 3.72 -6.82 24.64
N GLU C 303 3.81 -6.61 25.95
CA GLU C 303 3.01 -5.60 26.62
C GLU C 303 3.81 -4.75 27.58
N ALA C 304 5.09 -5.06 27.78
CA ALA C 304 5.98 -4.23 28.57
C ALA C 304 6.30 -2.90 27.90
N ARG C 305 6.03 -2.76 26.61
CA ARG C 305 6.14 -1.47 25.93
C ARG C 305 4.80 -0.82 25.68
N GLN C 306 3.71 -1.45 26.10
CA GLN C 306 2.40 -0.83 26.06
C GLN C 306 1.92 -0.39 27.43
N ILE C 307 2.47 -0.96 28.50
CA ILE C 307 2.14 -0.48 29.83
C ILE C 307 2.82 0.85 30.15
N LEU C 308 3.77 1.29 29.31
CA LEU C 308 4.44 2.58 29.44
C LEU C 308 3.69 3.70 28.73
N GLU C 309 2.38 3.57 28.57
CA GLU C 309 1.56 4.62 27.99
C GLU C 309 0.47 5.11 28.92
N GLN C 310 0.25 4.44 30.05
CA GLN C 310 -0.71 4.91 31.03
C GLN C 310 -0.21 6.20 31.68
N THR C 311 -1.15 6.97 32.23
CA THR C 311 -0.86 8.36 32.61
C THR C 311 0.20 8.56 33.71
N PRO C 312 0.15 7.93 34.89
CA PRO C 312 1.11 8.29 35.93
C PRO C 312 2.49 7.68 35.79
N VAL C 313 2.79 7.03 34.67
CA VAL C 313 4.15 6.61 34.37
C VAL C 313 4.63 7.36 33.13
N LYS C 314 3.69 7.68 32.22
CA LYS C 314 4.05 8.42 31.01
C LYS C 314 4.39 9.86 31.34
N GLU C 315 3.59 10.52 32.17
CA GLU C 315 3.88 11.90 32.54
C GLU C 315 5.19 12.01 33.30
N LEU C 316 5.45 11.03 34.18
CA LEU C 316 6.66 11.01 34.99
C LEU C 316 7.90 10.85 34.11
N VAL C 317 7.92 9.83 33.25
CA VAL C 317 9.11 9.64 32.44
C VAL C 317 9.23 10.67 31.33
N SER C 318 8.13 11.32 30.93
CA SER C 318 8.25 12.40 29.95
C SER C 318 8.92 13.61 30.57
N PHE C 319 8.50 13.98 31.78
CA PHE C 319 9.13 15.11 32.47
C PHE C 319 10.58 14.82 32.80
N LYS C 320 10.84 13.62 33.35
CA LYS C 320 12.21 13.28 33.75
C LYS C 320 13.13 13.14 32.54
N TRP C 321 12.63 12.62 31.43
CA TRP C 321 13.45 12.53 30.22
C TRP C 321 13.75 13.90 29.66
N LYS C 322 12.72 14.73 29.42
CA LYS C 322 12.95 16.02 28.79
C LYS C 322 13.72 17.00 29.66
N LYS C 323 13.75 16.81 30.99
CA LYS C 323 14.54 17.72 31.80
C LYS C 323 15.81 17.11 32.40
N TYR C 324 16.06 15.81 32.22
CA TYR C 324 17.26 15.23 32.80
C TYR C 324 17.98 14.21 31.94
N GLY C 325 17.49 13.88 30.75
CA GLY C 325 18.14 12.85 29.99
C GLY C 325 18.82 13.38 28.75
N ARG C 326 18.22 14.37 28.11
CA ARG C 326 18.86 15.04 26.97
C ARG C 326 20.15 15.77 27.33
N PRO C 327 20.24 16.62 28.36
CA PRO C 327 21.48 17.38 28.54
C PRO C 327 22.66 16.59 29.10
N TYR C 328 22.50 15.29 29.36
CA TYR C 328 23.66 14.45 29.65
C TYR C 328 23.95 13.47 28.54
N PHE C 329 22.93 13.00 27.83
CA PHE C 329 23.16 12.16 26.66
C PHE C 329 23.83 12.95 25.54
N CYS C 330 23.53 14.24 25.41
CA CYS C 330 24.18 15.05 24.38
C CYS C 330 25.66 15.22 24.64
N VAL C 331 26.04 15.51 25.89
CA VAL C 331 27.46 15.65 26.21
C VAL C 331 28.15 14.29 26.21
N LEU C 332 27.43 13.20 26.46
CA LEU C 332 28.04 11.87 26.35
C LEU C 332 28.32 11.52 24.90
N ALA C 333 27.40 11.86 23.99
CA ALA C 333 27.65 11.63 22.56
C ALA C 333 28.78 12.51 22.05
N SER C 334 28.87 13.75 22.53
CA SER C 334 29.97 14.62 22.10
C SER C 334 31.31 14.11 22.61
N LEU C 335 31.37 13.61 23.85
CA LEU C 335 32.61 13.07 24.36
C LEU C 335 33.01 11.77 23.67
N TYR C 336 32.04 10.93 23.29
CA TYR C 336 32.39 9.72 22.57
C TYR C 336 32.90 10.02 21.16
N ILE C 337 32.27 10.98 20.47
CA ILE C 337 32.73 11.33 19.13
C ILE C 337 34.10 12.01 19.18
N LEU C 338 34.37 12.79 20.24
CA LEU C 338 35.69 13.38 20.41
C LEU C 338 36.75 12.31 20.68
N TYR C 339 36.43 11.32 21.51
CA TYR C 339 37.39 10.25 21.78
C TYR C 339 37.63 9.41 20.53
N MET C 340 36.59 9.19 19.71
CA MET C 340 36.79 8.42 18.50
C MET C 340 37.57 9.19 17.44
N ILE C 341 37.45 10.52 17.41
CA ILE C 341 38.28 11.26 16.46
C ILE C 341 39.73 11.32 16.94
N CYS C 342 39.96 11.26 18.26
CA CYS C 342 41.32 11.12 18.76
C CYS C 342 41.91 9.77 18.37
N PHE C 343 41.10 8.71 18.43
CA PHE C 343 41.58 7.39 18.05
C PHE C 343 41.82 7.29 16.55
N THR C 344 40.99 7.94 15.74
CA THR C 344 41.17 7.91 14.29
C THR C 344 42.45 8.65 13.87
N THR C 345 42.71 9.82 14.46
CA THR C 345 43.93 10.55 14.11
C THR C 345 45.18 9.86 14.63
N CYS C 346 45.11 9.28 15.83
CA CYS C 346 46.25 8.51 16.35
C CYS C 346 46.50 7.25 15.55
N CYS C 347 45.45 6.67 14.96
CA CYS C 347 45.62 5.51 14.09
C CYS C 347 46.20 5.91 12.74
N ILE C 348 45.84 7.10 12.24
CA ILE C 348 46.40 7.57 10.97
C ILE C 348 47.89 7.85 11.12
N TYR C 349 48.29 8.60 12.15
CA TYR C 349 49.70 8.90 12.36
C TYR C 349 50.39 7.68 12.97
N ARG C 350 50.74 6.74 12.10
CA ARG C 350 51.33 5.47 12.49
C ARG C 350 52.81 5.43 12.08
N PRO C 351 53.68 4.87 12.92
CA PRO C 351 55.12 4.85 12.59
C PRO C 351 55.43 3.83 11.50
N LEU C 352 56.23 4.25 10.52
CA LEU C 352 56.56 3.42 9.37
C LEU C 352 57.99 3.69 8.92
N LYS C 353 58.72 2.62 8.60
CA LYS C 353 60.11 2.68 8.18
C LYS C 353 60.23 2.01 6.82
N LEU C 354 61.09 2.55 5.96
CA LEU C 354 61.23 2.03 4.60
C LEU C 354 61.88 0.64 4.62
N ARG C 355 61.31 -0.26 3.83
CA ARG C 355 61.74 -1.65 3.78
C ARG C 355 63.01 -1.76 2.94
N ASP C 356 64.09 -2.23 3.56
CA ASP C 356 65.40 -2.28 2.91
C ASP C 356 65.61 -3.55 2.09
N ASP C 357 64.96 -4.65 2.47
CA ASP C 357 64.97 -5.86 1.65
C ASP C 357 64.26 -5.58 0.33
N ASN C 358 64.78 -6.17 -0.75
CA ASN C 358 64.24 -5.85 -2.07
C ASN C 358 62.99 -6.67 -2.35
N ARG C 359 62.35 -6.34 -3.48
CA ARG C 359 61.03 -6.85 -3.84
C ARG C 359 61.06 -7.48 -5.24
N THR C 360 62.03 -8.36 -5.47
CA THR C 360 62.27 -8.94 -6.80
C THR C 360 61.17 -9.94 -7.13
N ASP C 361 60.02 -9.40 -7.55
CA ASP C 361 58.81 -10.14 -7.85
C ASP C 361 57.90 -9.19 -8.63
N PRO C 362 57.40 -9.57 -9.81
CA PRO C 362 56.54 -8.65 -10.59
C PRO C 362 55.17 -8.38 -9.97
N ARG C 363 54.76 -9.09 -8.93
CA ARG C 363 53.49 -8.86 -8.27
C ARG C 363 53.68 -8.69 -6.78
N ASP C 364 54.63 -7.85 -6.40
CA ASP C 364 54.88 -7.56 -4.99
C ASP C 364 55.01 -6.05 -4.83
N ILE C 365 54.20 -5.47 -3.95
CA ILE C 365 54.27 -4.06 -3.64
C ILE C 365 54.27 -3.89 -2.11
N THR C 366 55.41 -3.48 -1.57
CA THR C 366 55.50 -3.09 -0.16
C THR C 366 56.65 -2.09 -0.07
N ILE C 367 56.32 -0.81 -0.06
CA ILE C 367 57.33 0.22 -0.02
C ILE C 367 57.56 0.79 1.38
N LEU C 368 56.61 0.57 2.30
CA LEU C 368 56.79 0.93 3.70
C LEU C 368 56.58 -0.29 4.58
N GLN C 369 57.33 -0.34 5.69
CA GLN C 369 57.34 -1.47 6.61
C GLN C 369 57.07 -0.92 8.01
N GLN C 370 56.42 -1.73 8.84
CA GLN C 370 56.12 -1.34 10.22
C GLN C 370 57.42 -1.18 11.01
N LYS C 371 57.55 -0.03 11.68
CA LYS C 371 58.77 0.29 12.41
C LYS C 371 58.85 -0.48 13.71
N LEU C 372 60.08 -0.74 14.14
CA LEU C 372 60.34 -1.45 15.39
C LEU C 372 59.95 -0.56 16.57
N LEU C 373 59.64 -1.22 17.71
CA LEU C 373 59.20 -0.53 18.91
C LEU C 373 60.29 0.36 19.52
N GLN C 374 61.57 0.03 19.29
CA GLN C 374 62.65 0.79 19.89
C GLN C 374 62.84 2.16 19.26
N GLU C 375 62.21 2.42 18.11
CA GLU C 375 62.25 3.73 17.46
C GLU C 375 60.89 4.41 17.49
N ALA C 376 60.13 4.19 18.57
CA ALA C 376 58.80 4.78 18.72
C ALA C 376 58.80 6.02 19.58
N TYR C 377 59.92 6.37 20.21
CA TYR C 377 60.05 7.60 21.00
C TYR C 377 61.23 8.37 20.42
N VAL C 378 61.01 9.17 19.36
CA VAL C 378 62.12 9.85 18.70
C VAL C 378 61.95 11.37 18.72
N THR C 379 60.73 11.87 18.81
CA THR C 379 60.51 13.31 18.66
C THR C 379 59.22 13.73 19.34
N HIS C 380 58.87 15.00 19.15
CA HIS C 380 57.65 15.57 19.71
C HIS C 380 56.40 14.95 19.10
N GLN C 381 56.46 14.61 17.82
CA GLN C 381 55.32 13.97 17.16
C GLN C 381 55.10 12.56 17.71
N ASP C 382 56.18 11.85 18.02
CA ASP C 382 56.02 10.53 18.62
C ASP C 382 55.62 10.61 20.08
N ASN C 383 55.98 11.69 20.79
CA ASN C 383 55.44 11.92 22.12
C ASN C 383 53.93 12.19 22.06
N ILE C 384 53.49 12.92 21.03
CA ILE C 384 52.07 13.19 20.84
C ILE C 384 51.32 11.90 20.50
N ARG C 385 51.92 11.05 19.67
CA ARG C 385 51.34 9.74 19.38
C ARG C 385 51.29 8.84 20.62
N LEU C 386 52.27 8.97 21.51
CA LEU C 386 52.24 8.24 22.77
C LEU C 386 51.10 8.71 23.67
N VAL C 387 50.86 10.03 23.72
CA VAL C 387 49.73 10.57 24.48
C VAL C 387 48.41 10.08 23.91
N GLY C 388 48.32 10.01 22.58
CA GLY C 388 47.12 9.47 21.96
C GLY C 388 46.89 7.99 22.26
N GLU C 389 47.97 7.21 22.28
CA GLU C 389 47.83 5.79 22.62
C GLU C 389 47.41 5.61 24.07
N LEU C 390 47.92 6.45 24.98
CA LEU C 390 47.53 6.36 26.38
C LEU C 390 46.07 6.71 26.60
N VAL C 391 45.57 7.76 25.93
CA VAL C 391 44.17 8.10 26.13
C VAL C 391 43.24 7.09 25.45
N THR C 392 43.71 6.45 24.36
CA THR C 392 42.91 5.39 23.75
C THR C 392 42.80 4.16 24.66
N VAL C 393 43.92 3.77 25.30
CA VAL C 393 43.89 2.61 26.18
C VAL C 393 43.08 2.91 27.44
N THR C 394 43.16 4.14 27.95
CA THR C 394 42.34 4.53 29.09
C THR C 394 40.84 4.52 28.75
N GLY C 395 40.48 4.98 27.55
CA GLY C 395 39.09 4.90 27.13
C GLY C 395 38.61 3.47 26.97
N ALA C 396 39.48 2.58 26.46
CA ALA C 396 39.09 1.19 26.30
C ALA C 396 38.88 0.51 27.66
N VAL C 397 39.73 0.80 28.63
CA VAL C 397 39.56 0.12 29.92
C VAL C 397 38.39 0.72 30.71
N ILE C 398 38.06 2.00 30.52
CA ILE C 398 36.89 2.52 31.23
C ILE C 398 35.59 2.02 30.57
N ILE C 399 35.60 1.80 29.25
CA ILE C 399 34.46 1.19 28.58
C ILE C 399 34.23 -0.24 29.07
N LEU C 400 35.31 -1.02 29.19
CA LEU C 400 35.17 -2.41 29.64
C LEU C 400 34.75 -2.50 31.09
N LEU C 401 35.29 -1.62 31.96
CA LEU C 401 34.89 -1.65 33.36
C LEU C 401 33.54 -1.00 33.60
N LEU C 402 33.01 -0.23 32.65
CA LEU C 402 31.66 0.27 32.76
C LEU C 402 30.64 -0.67 32.15
N GLU C 403 31.09 -1.66 31.37
CA GLU C 403 30.19 -2.62 30.74
C GLU C 403 30.07 -3.94 31.50
N ILE C 404 31.18 -4.46 32.05
CA ILE C 404 31.17 -5.82 32.62
C ILE C 404 30.33 -5.98 33.89
N PRO C 405 30.45 -5.15 34.93
CA PRO C 405 29.63 -5.40 36.15
C PRO C 405 28.15 -5.16 35.96
N ASP C 406 27.73 -4.59 34.83
CA ASP C 406 26.31 -4.51 34.53
C ASP C 406 25.81 -5.77 33.84
N ILE C 407 26.67 -6.46 33.10
CA ILE C 407 26.25 -7.70 32.45
C ILE C 407 26.40 -8.90 33.38
N PHE C 408 27.14 -8.75 34.49
CA PHE C 408 27.20 -9.85 35.44
C PHE C 408 25.91 -10.04 36.24
N ARG C 409 25.03 -9.04 36.28
CA ARG C 409 23.80 -9.12 37.07
C ARG C 409 22.61 -9.54 36.21
N VAL C 410 22.26 -8.76 35.19
CA VAL C 410 21.25 -9.18 34.22
C VAL C 410 21.83 -10.32 33.40
N GLY C 411 20.99 -11.30 33.06
CA GLY C 411 21.44 -12.44 32.30
C GLY C 411 21.88 -12.05 30.90
N ALA C 412 22.69 -12.92 30.30
CA ALA C 412 23.27 -12.62 28.99
C ALA C 412 22.21 -12.63 27.90
N SER C 413 21.14 -13.42 28.06
CA SER C 413 20.09 -13.47 27.05
C SER C 413 19.30 -12.16 27.01
N ARG C 414 18.90 -11.65 28.18
CA ARG C 414 18.11 -10.43 28.24
C ARG C 414 18.93 -9.20 27.82
N TYR C 415 20.25 -9.26 27.98
CA TYR C 415 21.09 -8.10 27.68
C TYR C 415 21.65 -8.10 26.28
N PHE C 416 21.90 -9.29 25.70
CA PHE C 416 22.34 -9.36 24.31
C PHE C 416 21.20 -9.50 23.31
N GLY C 417 20.01 -9.90 23.75
CA GLY C 417 18.97 -10.21 22.80
C GLY C 417 18.11 -9.04 22.34
N GLN C 418 17.51 -8.34 23.29
CA GLN C 418 16.43 -7.40 23.00
C GLN C 418 16.94 -6.16 22.29
N THR C 419 16.01 -5.44 21.67
CA THR C 419 16.31 -4.19 21.01
C THR C 419 16.00 -3.00 21.91
N ILE C 420 15.21 -3.20 22.95
CA ILE C 420 14.92 -2.14 23.91
C ILE C 420 16.14 -1.82 24.76
N LEU C 421 17.07 -2.77 24.92
CA LEU C 421 18.19 -2.60 25.84
C LEU C 421 19.53 -2.40 25.17
N GLY C 422 19.73 -2.88 23.94
CA GLY C 422 20.96 -2.60 23.24
C GLY C 422 21.95 -3.74 23.13
N GLY C 423 21.45 -4.93 22.84
CA GLY C 423 22.25 -6.08 22.52
C GLY C 423 23.25 -5.92 21.39
N PRO C 424 22.79 -5.61 20.17
CA PRO C 424 23.71 -5.44 19.05
C PRO C 424 24.52 -4.16 19.05
N PHE C 425 24.51 -3.37 20.13
CA PHE C 425 25.53 -2.35 20.33
C PHE C 425 26.49 -2.68 21.44
N HIS C 426 26.03 -3.34 22.51
CA HIS C 426 26.96 -3.77 23.54
C HIS C 426 27.88 -4.87 23.04
N VAL C 427 27.41 -5.69 22.08
CA VAL C 427 28.27 -6.73 21.52
C VAL C 427 29.45 -6.11 20.76
N ILE C 428 29.17 -5.15 19.89
CA ILE C 428 30.25 -4.55 19.13
C ILE C 428 31.10 -3.61 19.99
N ILE C 429 30.56 -3.09 21.10
CA ILE C 429 31.40 -2.30 22.01
C ILE C 429 32.39 -3.17 22.79
N ILE C 430 31.94 -4.32 23.29
CA ILE C 430 32.88 -5.24 23.94
C ILE C 430 33.89 -5.77 22.92
N THR C 431 33.46 -5.99 21.68
CA THR C 431 34.38 -6.43 20.63
C THR C 431 35.43 -5.37 20.32
N TYR C 432 35.02 -4.10 20.28
CA TYR C 432 35.96 -3.01 20.04
C TYR C 432 36.96 -2.87 21.19
N ALA C 433 36.50 -3.02 22.43
CA ALA C 433 37.40 -2.92 23.57
C ALA C 433 38.42 -4.05 23.60
N SER C 434 37.98 -5.29 23.33
CA SER C 434 38.90 -6.40 23.32
C SER C 434 39.88 -6.32 22.14
N LEU C 435 39.44 -5.80 20.99
CA LEU C 435 40.36 -5.69 19.86
C LEU C 435 41.36 -4.57 20.04
N VAL C 436 40.98 -3.48 20.73
CA VAL C 436 41.96 -2.43 21.00
C VAL C 436 42.98 -2.89 22.04
N LEU C 437 42.54 -3.66 23.04
CA LEU C 437 43.47 -4.23 24.00
C LEU C 437 44.43 -5.23 23.33
N LEU C 438 43.90 -6.01 22.37
CA LEU C 438 44.76 -6.93 21.63
C LEU C 438 45.73 -6.18 20.73
N THR C 439 45.32 -5.03 20.18
CA THR C 439 46.22 -4.18 19.42
C THR C 439 47.35 -3.63 20.28
N MET C 440 47.04 -3.20 21.51
CA MET C 440 48.09 -2.68 22.38
C MET C 440 49.07 -3.77 22.80
N VAL C 441 48.56 -4.98 23.09
CA VAL C 441 49.44 -6.08 23.45
C VAL C 441 50.29 -6.52 22.25
N MET C 442 49.69 -6.54 21.06
CA MET C 442 50.41 -6.92 19.84
C MET C 442 51.45 -5.85 19.46
N ARG C 443 51.22 -4.60 19.84
CA ARG C 443 52.23 -3.57 19.62
C ARG C 443 53.38 -3.70 20.59
N LEU C 444 53.09 -4.01 21.86
CA LEU C 444 54.18 -4.13 22.82
C LEU C 444 55.00 -5.41 22.64
N THR C 445 54.40 -6.49 22.12
CA THR C 445 55.19 -7.70 21.96
C THR C 445 55.99 -7.71 20.66
N ASN C 446 55.96 -6.63 19.87
CA ASN C 446 56.72 -6.45 18.64
C ASN C 446 56.41 -7.55 17.61
N MET C 447 55.14 -7.57 17.19
CA MET C 447 54.66 -8.50 16.19
C MET C 447 54.25 -7.73 14.95
N ASN C 448 54.52 -8.30 13.78
CA ASN C 448 54.13 -7.68 12.54
C ASN C 448 52.64 -7.90 12.27
N GLY C 449 52.11 -7.14 11.31
CA GLY C 449 50.69 -7.23 10.98
C GLY C 449 49.80 -6.53 11.99
N GLU C 450 49.91 -5.21 12.07
CA GLU C 450 49.06 -4.43 12.97
C GLU C 450 47.74 -4.03 12.33
N VAL C 451 47.68 -4.07 10.99
CA VAL C 451 46.47 -3.67 10.28
C VAL C 451 45.35 -4.67 10.51
N VAL C 452 45.68 -5.92 10.80
CA VAL C 452 44.72 -7.03 10.93
C VAL C 452 43.80 -6.85 12.14
N PRO C 453 44.25 -6.40 13.35
CA PRO C 453 43.25 -5.97 14.33
C PRO C 453 42.93 -4.48 14.26
N LEU C 454 43.80 -3.66 13.67
CA LEU C 454 43.57 -2.22 13.70
C LEU C 454 42.39 -1.80 12.84
N SER C 455 42.24 -2.39 11.65
CA SER C 455 41.13 -2.05 10.77
C SER C 455 39.79 -2.49 11.37
N PHE C 456 39.76 -3.67 11.97
CA PHE C 456 38.54 -4.17 12.60
C PHE C 456 38.13 -3.30 13.79
N ALA C 457 39.10 -2.95 14.66
CA ALA C 457 38.79 -2.14 15.81
C ALA C 457 38.32 -0.74 15.40
N LEU C 458 38.93 -0.17 14.36
CA LEU C 458 38.53 1.16 13.91
C LEU C 458 37.15 1.16 13.26
N VAL C 459 36.86 0.16 12.41
CA VAL C 459 35.57 0.18 11.73
C VAL C 459 34.44 -0.16 12.70
N LEU C 460 34.70 -0.97 13.74
CA LEU C 460 33.65 -1.22 14.72
C LEU C 460 33.47 -0.06 15.68
N GLY C 461 34.56 0.59 16.08
CA GLY C 461 34.45 1.76 16.94
C GLY C 461 33.80 2.94 16.26
N TRP C 462 33.87 3.02 14.94
CA TRP C 462 33.16 4.07 14.23
C TRP C 462 31.75 3.67 13.81
N CYS C 463 31.46 2.39 13.62
CA CYS C 463 30.07 1.99 13.40
C CYS C 463 29.28 1.87 14.69
N SER C 464 29.91 2.02 15.86
CA SER C 464 29.21 1.99 17.13
C SER C 464 28.79 3.35 17.64
N VAL C 465 28.80 4.39 16.82
CA VAL C 465 28.28 5.68 17.28
C VAL C 465 26.76 5.69 17.25
N MET C 466 26.15 4.73 16.54
CA MET C 466 24.69 4.60 16.38
C MET C 466 23.94 4.42 17.69
N TYR C 467 24.62 4.03 18.78
CA TYR C 467 23.96 3.92 20.07
C TYR C 467 23.51 5.27 20.60
N PHE C 468 24.19 6.35 20.19
CA PHE C 468 23.79 7.69 20.59
C PHE C 468 22.76 8.31 19.64
N ALA C 469 22.01 7.48 18.93
CA ALA C 469 20.90 7.92 18.10
C ALA C 469 19.59 7.35 18.63
N ARG C 470 19.43 7.35 19.95
CA ARG C 470 18.19 6.94 20.59
C ARG C 470 17.34 8.11 21.03
N GLY C 471 17.95 9.18 21.51
CA GLY C 471 17.25 10.31 22.05
C GLY C 471 16.79 11.34 21.06
N PHE C 472 17.04 11.15 19.76
CA PHE C 472 16.68 12.12 18.74
C PHE C 472 15.61 11.53 17.85
N GLN C 473 14.48 12.22 17.72
CA GLN C 473 13.34 11.68 16.99
C GLN C 473 13.54 11.66 15.48
N MET C 474 14.60 12.30 14.97
CA MET C 474 14.96 12.13 13.57
C MET C 474 15.57 10.76 13.34
N LEU C 475 16.69 10.48 14.00
CA LEU C 475 17.41 9.22 13.85
C LEU C 475 16.87 8.13 14.76
N GLY C 476 15.68 8.31 15.30
CA GLY C 476 15.08 7.34 16.17
C GLY C 476 14.63 6.08 15.47
N PRO C 477 13.56 6.18 14.66
CA PRO C 477 13.03 4.96 14.04
C PRO C 477 13.87 4.41 12.90
N PHE C 478 14.80 5.19 12.36
CA PHE C 478 15.57 4.70 11.23
C PHE C 478 16.61 3.68 11.66
N THR C 479 17.24 3.85 12.83
CA THR C 479 18.21 2.85 13.26
C THR C 479 17.52 1.59 13.74
N ILE C 480 16.27 1.69 14.22
CA ILE C 480 15.48 0.49 14.49
C ILE C 480 15.14 -0.20 13.19
N MET C 481 14.86 0.57 12.13
CA MET C 481 14.54 -0.04 10.85
C MET C 481 15.74 -0.75 10.26
N ILE C 482 16.95 -0.19 10.42
CA ILE C 482 18.10 -0.88 9.83
C ILE C 482 18.51 -2.09 10.68
N GLN C 483 18.36 -2.02 12.01
CA GLN C 483 18.63 -3.19 12.85
C GLN C 483 17.59 -4.28 12.67
N LYS C 484 16.37 -3.91 12.27
CA LYS C 484 15.37 -4.92 11.94
C LYS C 484 15.62 -5.50 10.56
N MET C 485 16.05 -4.66 9.62
CA MET C 485 16.20 -5.06 8.24
C MET C 485 17.34 -6.03 8.05
N ILE C 486 18.44 -5.86 8.81
CA ILE C 486 19.57 -6.77 8.71
C ILE C 486 19.14 -8.19 9.08
N PHE C 487 18.73 -8.40 10.32
CA PHE C 487 18.38 -9.73 10.80
C PHE C 487 17.04 -10.23 10.27
N GLY C 488 16.27 -9.41 9.56
CA GLY C 488 15.05 -9.91 8.97
C GLY C 488 15.12 -10.26 7.50
N ASP C 489 15.84 -9.46 6.70
CA ASP C 489 15.90 -9.71 5.27
C ASP C 489 17.29 -10.08 4.77
N LEU C 490 18.37 -9.52 5.34
CA LEU C 490 19.68 -9.86 4.79
C LEU C 490 20.09 -11.27 5.19
N MET C 491 19.61 -11.74 6.35
CA MET C 491 19.80 -13.12 6.75
C MET C 491 19.04 -14.08 5.84
N ARG C 492 17.89 -13.67 5.31
CA ARG C 492 17.14 -14.51 4.38
C ARG C 492 17.73 -14.44 2.98
N PHE C 493 18.40 -13.34 2.66
CA PHE C 493 18.86 -13.10 1.31
C PHE C 493 20.28 -13.59 1.06
N CYS C 494 21.16 -13.55 2.04
CA CYS C 494 22.52 -13.98 1.74
C CYS C 494 22.66 -15.49 1.70
N TRP C 495 21.76 -16.23 2.35
CA TRP C 495 21.75 -17.68 2.20
C TRP C 495 21.28 -18.13 0.82
N LEU C 496 20.70 -17.24 0.00
CA LEU C 496 20.38 -17.54 -1.38
C LEU C 496 21.13 -16.67 -2.37
N MET C 497 22.01 -15.80 -1.89
CA MET C 497 23.03 -15.20 -2.73
C MET C 497 24.30 -16.03 -2.74
N ALA C 498 24.59 -16.71 -1.63
CA ALA C 498 25.82 -17.48 -1.53
C ALA C 498 25.83 -18.67 -2.49
N VAL C 499 24.68 -19.34 -2.66
CA VAL C 499 24.68 -20.50 -3.55
C VAL C 499 24.68 -20.06 -5.02
N VAL C 500 24.18 -18.87 -5.34
CA VAL C 500 24.21 -18.40 -6.72
C VAL C 500 25.62 -17.96 -7.11
N ILE C 501 26.30 -17.20 -6.25
CA ILE C 501 27.66 -16.82 -6.60
C ILE C 501 28.61 -18.00 -6.50
N LEU C 502 28.33 -18.96 -5.62
CA LEU C 502 29.17 -20.16 -5.52
C LEU C 502 28.90 -21.12 -6.68
N GLY C 503 27.76 -21.00 -7.34
CA GLY C 503 27.53 -21.82 -8.50
C GLY C 503 27.91 -21.16 -9.81
N PHE C 504 28.04 -19.84 -9.81
CA PHE C 504 28.44 -19.18 -11.04
C PHE C 504 29.93 -18.87 -11.11
N ALA C 505 30.61 -18.72 -9.96
CA ALA C 505 32.06 -18.47 -10.00
C ALA C 505 32.82 -19.68 -10.50
N SER C 506 32.34 -20.88 -10.19
CA SER C 506 32.99 -22.09 -10.68
C SER C 506 32.82 -22.23 -12.19
N ALA C 507 31.65 -21.86 -12.72
CA ALA C 507 31.44 -21.89 -14.16
C ALA C 507 32.30 -20.86 -14.87
N PHE C 508 32.43 -19.66 -14.28
CA PHE C 508 33.31 -18.65 -14.86
C PHE C 508 34.76 -19.07 -14.80
N HIS C 509 35.15 -19.84 -13.79
CA HIS C 509 36.54 -20.31 -13.72
C HIS C 509 36.79 -21.43 -14.72
N ILE C 510 35.81 -22.31 -14.93
CA ILE C 510 36.00 -23.42 -15.87
C ILE C 510 36.03 -22.91 -17.31
N THR C 511 35.24 -21.88 -17.61
CA THR C 511 35.31 -21.28 -18.94
C THR C 511 36.61 -20.54 -19.20
N PHE C 512 37.35 -20.15 -18.16
CA PHE C 512 38.51 -19.27 -18.32
C PHE C 512 39.77 -19.83 -17.69
N GLN C 513 39.91 -21.15 -17.61
CA GLN C 513 41.17 -21.74 -17.19
C GLN C 513 41.98 -22.27 -18.36
N THR C 514 41.50 -22.08 -19.59
CA THR C 514 42.24 -22.43 -20.80
C THR C 514 42.65 -21.18 -21.58
N GLU C 515 42.72 -20.04 -20.91
CA GLU C 515 43.06 -18.79 -21.59
C GLU C 515 44.25 -18.11 -20.92
N ASP C 516 44.53 -16.87 -21.31
CA ASP C 516 45.67 -16.15 -20.78
C ASP C 516 45.24 -15.19 -19.67
N PRO C 517 46.07 -15.04 -18.63
CA PRO C 517 45.78 -14.04 -17.59
C PRO C 517 46.36 -12.66 -17.91
N ASN C 518 46.78 -12.46 -19.17
CA ASN C 518 47.32 -11.19 -19.61
C ASN C 518 46.23 -10.24 -20.11
N ASN C 519 45.23 -10.77 -20.81
CA ASN C 519 44.14 -9.95 -21.32
C ASN C 519 43.00 -9.82 -20.32
N LEU C 520 42.63 -10.91 -19.66
CA LEU C 520 41.56 -10.92 -18.66
C LEU C 520 42.19 -11.12 -17.29
N GLY C 521 42.22 -10.05 -16.48
CA GLY C 521 42.82 -10.14 -15.17
C GLY C 521 41.99 -10.96 -14.20
N GLU C 522 40.67 -10.88 -14.32
CA GLU C 522 39.81 -11.69 -13.48
C GLU C 522 39.85 -13.15 -13.96
N PHE C 523 39.27 -14.03 -13.13
CA PHE C 523 39.11 -15.46 -13.40
C PHE C 523 40.46 -16.14 -13.68
N SER C 524 41.37 -16.00 -12.71
CA SER C 524 42.66 -16.66 -12.77
C SER C 524 42.75 -17.82 -11.80
N ASP C 525 42.53 -17.58 -10.51
CA ASP C 525 42.38 -18.66 -9.55
C ASP C 525 41.01 -18.56 -8.91
N TYR C 526 40.71 -19.54 -8.06
CA TYR C 526 39.36 -19.65 -7.49
C TYR C 526 38.95 -18.56 -6.50
N PRO C 527 39.77 -18.09 -5.53
CA PRO C 527 39.27 -17.03 -4.66
C PRO C 527 39.07 -15.69 -5.36
N THR C 528 39.94 -15.32 -6.30
CA THR C 528 39.68 -14.09 -7.05
C THR C 528 38.54 -14.27 -8.03
N ALA C 529 38.31 -15.49 -8.51
CA ALA C 529 37.11 -15.74 -9.33
C ALA C 529 35.84 -15.59 -8.52
N LEU C 530 35.85 -16.06 -7.27
CA LEU C 530 34.70 -15.93 -6.38
C LEU C 530 34.43 -14.48 -6.03
N PHE C 531 35.49 -13.73 -5.71
CA PHE C 531 35.35 -12.32 -5.38
C PHE C 531 34.85 -11.51 -6.58
N SER C 532 35.35 -11.80 -7.78
CA SER C 532 34.90 -11.06 -8.95
C SER C 532 33.49 -11.44 -9.36
N THR C 533 33.06 -12.68 -9.09
CA THR C 533 31.68 -13.05 -9.36
C THR C 533 30.73 -12.34 -8.40
N PHE C 534 31.13 -12.20 -7.14
CA PHE C 534 30.31 -11.45 -6.18
C PHE C 534 30.26 -9.95 -6.55
N GLU C 535 31.37 -9.40 -7.03
CA GLU C 535 31.37 -8.00 -7.43
C GLU C 535 30.53 -7.76 -8.68
N LEU C 536 30.55 -8.70 -9.63
CA LEU C 536 29.64 -8.59 -10.76
C LEU C 536 28.20 -8.82 -10.35
N PHE C 537 27.96 -9.54 -9.26
CA PHE C 537 26.61 -9.68 -8.74
C PHE C 537 26.07 -8.34 -8.24
N LEU C 538 26.88 -7.58 -7.50
CA LEU C 538 26.39 -6.29 -7.01
C LEU C 538 26.64 -5.13 -7.98
N THR C 539 27.18 -5.41 -9.17
CA THR C 539 27.46 -4.45 -10.25
C THR C 539 28.33 -3.27 -9.83
N ILE C 540 29.15 -3.42 -8.77
CA ILE C 540 30.01 -2.30 -8.38
C ILE C 540 31.20 -2.23 -9.33
N ILE C 541 31.59 -3.35 -9.92
CA ILE C 541 32.62 -3.40 -10.92
C ILE C 541 31.96 -3.62 -12.27
N ASP C 542 32.68 -3.26 -13.33
CA ASP C 542 32.16 -3.42 -14.68
C ASP C 542 32.31 -4.86 -15.14
N GLY C 543 31.52 -5.23 -16.14
CA GLY C 543 31.62 -6.52 -16.76
C GLY C 543 32.94 -6.65 -17.49
N PRO C 544 33.56 -7.84 -17.45
CA PRO C 544 34.87 -8.01 -18.10
C PRO C 544 34.71 -8.06 -19.62
N ALA C 545 35.40 -7.15 -20.31
CA ALA C 545 35.34 -7.07 -21.76
C ALA C 545 36.67 -6.56 -22.28
N ASN C 546 37.20 -7.25 -23.28
CA ASN C 546 38.46 -6.84 -23.91
C ASN C 546 38.43 -7.37 -25.33
N TYR C 547 38.32 -6.47 -26.31
CA TYR C 547 38.15 -6.82 -27.71
C TYR C 547 39.46 -6.83 -28.48
N SER C 548 40.58 -6.91 -27.78
CA SER C 548 41.85 -7.25 -28.41
C SER C 548 41.99 -8.76 -28.61
N VAL C 549 41.09 -9.54 -28.04
CA VAL C 549 41.08 -11.00 -28.16
C VAL C 549 39.66 -11.43 -28.48
N ASP C 550 39.42 -12.75 -28.52
CA ASP C 550 38.10 -13.29 -28.77
C ASP C 550 37.71 -14.21 -27.61
N LEU C 551 36.64 -13.83 -26.92
CA LEU C 551 36.14 -14.54 -25.75
C LEU C 551 35.33 -15.78 -26.18
N PRO C 552 35.31 -16.82 -25.35
CA PRO C 552 34.56 -18.02 -25.74
C PRO C 552 33.05 -17.86 -25.67
N PHE C 553 32.39 -18.60 -26.57
CA PHE C 553 30.94 -18.60 -26.69
C PHE C 553 30.26 -19.08 -25.42
N MET C 554 30.90 -20.00 -24.69
CA MET C 554 30.32 -20.50 -23.44
C MET C 554 30.31 -19.43 -22.36
N TYR C 555 31.39 -18.64 -22.25
CA TYR C 555 31.38 -17.50 -21.35
C TYR C 555 30.34 -16.48 -21.76
N CYS C 556 30.19 -16.24 -23.07
CA CYS C 556 29.19 -15.25 -23.52
C CYS C 556 27.76 -15.67 -23.18
N ILE C 557 27.42 -16.94 -23.39
CA ILE C 557 26.05 -17.36 -23.13
C ILE C 557 25.79 -17.49 -21.62
N THR C 558 26.78 -17.94 -20.83
CA THR C 558 26.51 -18.01 -19.40
C THR C 558 26.54 -16.64 -18.75
N TYR C 559 27.20 -15.64 -19.35
CA TYR C 559 27.09 -14.30 -18.80
C TYR C 559 25.75 -13.66 -19.18
N ALA C 560 25.27 -13.92 -20.40
CA ALA C 560 23.95 -13.42 -20.78
C ALA C 560 22.82 -14.10 -20.02
N ALA C 561 23.06 -15.28 -19.45
CA ALA C 561 22.10 -15.83 -18.51
C ALA C 561 22.28 -15.31 -17.09
N PHE C 562 23.54 -15.07 -16.68
CA PHE C 562 23.82 -14.54 -15.36
C PHE C 562 23.22 -13.16 -15.15
N ALA C 563 23.15 -12.35 -16.21
CA ALA C 563 22.55 -11.02 -16.11
C ALA C 563 21.08 -11.10 -15.70
N ILE C 564 20.24 -11.72 -16.53
CA ILE C 564 18.81 -11.70 -16.30
C ILE C 564 18.37 -12.82 -15.35
N ILE C 565 19.31 -13.51 -14.70
CA ILE C 565 18.97 -14.40 -13.61
C ILE C 565 19.40 -13.84 -12.26
N ALA C 566 20.55 -13.17 -12.19
CA ALA C 566 21.10 -12.79 -10.90
C ALA C 566 21.22 -11.29 -10.67
N THR C 567 21.00 -10.45 -11.68
CA THR C 567 21.12 -9.02 -11.47
C THR C 567 19.84 -8.25 -11.79
N LEU C 568 19.18 -8.58 -12.89
CA LEU C 568 17.91 -7.94 -13.20
C LEU C 568 16.81 -8.39 -12.25
N LEU C 569 16.83 -9.65 -11.82
CA LEU C 569 15.71 -10.20 -11.06
C LEU C 569 15.91 -10.11 -9.55
N MET C 570 16.97 -10.72 -9.02
CA MET C 570 17.05 -10.91 -7.57
C MET C 570 17.43 -9.61 -6.87
N LEU C 571 18.33 -8.85 -7.47
CA LEU C 571 18.71 -7.54 -6.94
C LEU C 571 17.56 -6.54 -7.02
N ASN C 572 16.59 -6.76 -7.90
CA ASN C 572 15.43 -5.90 -7.96
C ASN C 572 14.22 -6.49 -7.23
N LEU C 573 14.33 -7.72 -6.74
CA LEU C 573 13.33 -8.25 -5.84
C LEU C 573 13.63 -7.93 -4.39
N PHE C 574 14.92 -7.72 -4.09
CA PHE C 574 15.30 -7.30 -2.73
C PHE C 574 14.68 -5.96 -2.37
N ILE C 575 14.58 -5.05 -3.34
CA ILE C 575 14.00 -3.73 -3.08
C ILE C 575 12.52 -3.84 -2.75
N ALA C 576 11.80 -4.72 -3.45
CA ALA C 576 10.39 -4.91 -3.17
C ALA C 576 10.16 -5.59 -1.82
N MET C 577 11.03 -6.54 -1.46
CA MET C 577 10.85 -7.21 -0.17
C MET C 577 11.12 -6.26 1.00
N MET C 578 12.19 -5.48 0.93
CA MET C 578 12.41 -4.50 1.99
C MET C 578 11.54 -3.26 1.84
N GLY C 579 10.75 -3.16 0.78
CA GLY C 579 9.67 -2.19 0.75
C GLY C 579 8.46 -2.67 1.52
N ASP C 580 8.10 -3.95 1.36
CA ASP C 580 6.92 -4.44 2.07
C ASP C 580 7.18 -4.68 3.56
N THR C 581 8.41 -5.03 3.95
CA THR C 581 8.72 -5.08 5.37
C THR C 581 8.63 -3.68 6.00
N HIS C 582 9.08 -2.66 5.27
CA HIS C 582 8.96 -1.29 5.74
C HIS C 582 7.52 -0.81 5.78
N TRP C 583 6.67 -1.35 4.91
CA TRP C 583 5.25 -1.00 4.98
C TRP C 583 4.57 -1.67 6.17
N ARG C 584 4.98 -2.91 6.52
CA ARG C 584 4.27 -3.66 7.55
C ARG C 584 4.79 -3.43 8.96
N VAL C 585 6.01 -2.93 9.13
CA VAL C 585 6.62 -2.80 10.45
C VAL C 585 6.75 -1.28 10.66
N ALA C 586 5.74 -0.55 10.19
CA ALA C 586 5.70 0.89 10.33
C ALA C 586 5.02 1.35 11.60
N GLN C 587 4.74 0.45 12.53
CA GLN C 587 4.24 0.82 13.84
C GLN C 587 4.97 0.15 14.99
N GLU C 588 5.69 -0.94 14.73
CA GLU C 588 6.54 -1.51 15.76
C GLU C 588 7.72 -0.60 16.10
N ARG C 589 8.23 0.14 15.12
CA ARG C 589 9.29 1.10 15.42
C ARG C 589 8.78 2.28 16.26
N ASP C 590 7.57 2.76 15.95
CA ASP C 590 6.99 3.86 16.72
C ASP C 590 6.41 3.41 18.05
N GLU C 591 6.25 2.11 18.28
CA GLU C 591 5.86 1.58 19.57
C GLU C 591 7.04 1.03 20.36
N LEU C 592 8.21 0.93 19.74
CA LEU C 592 9.42 0.48 20.39
C LEU C 592 10.39 1.61 20.73
N TRP C 593 10.30 2.73 20.02
CA TRP C 593 11.22 3.84 20.28
C TRP C 593 10.98 4.46 21.65
N ARG C 594 9.72 4.55 22.08
CA ARG C 594 9.44 5.09 23.41
C ARG C 594 9.95 4.17 24.50
N ALA C 595 9.85 2.86 24.28
CA ALA C 595 10.37 1.92 25.26
C ALA C 595 11.88 2.00 25.37
N GLN C 596 12.58 2.18 24.24
CA GLN C 596 14.03 2.28 24.39
C GLN C 596 14.48 3.64 24.92
N VAL C 597 13.68 4.71 24.75
CA VAL C 597 14.11 5.96 25.39
C VAL C 597 13.83 5.93 26.89
N VAL C 598 12.79 5.20 27.35
CA VAL C 598 12.62 5.01 28.79
C VAL C 598 13.72 4.10 29.35
N ALA C 599 14.21 3.16 28.53
CA ALA C 599 15.35 2.33 28.94
C ALA C 599 16.61 3.16 29.17
N THR C 600 16.91 4.10 28.27
CA THR C 600 18.08 4.96 28.51
C THR C 600 17.88 5.91 29.68
N THR C 601 16.66 6.40 29.92
CA THR C 601 16.42 7.24 31.09
C THR C 601 16.65 6.48 32.40
N VAL C 602 16.15 5.25 32.48
CA VAL C 602 16.34 4.42 33.68
C VAL C 602 17.80 4.06 33.88
N MET C 603 18.52 3.75 32.79
CA MET C 603 19.93 3.42 32.90
C MET C 603 20.76 4.60 33.40
N LEU C 604 20.52 5.81 32.87
CA LEU C 604 21.28 6.96 33.37
C LEU C 604 20.88 7.34 34.79
N GLU C 605 19.60 7.18 35.16
CA GLU C 605 19.16 7.45 36.53
C GLU C 605 19.79 6.49 37.52
N ARG C 606 20.01 5.24 37.12
CA ARG C 606 20.73 4.32 37.99
C ARG C 606 22.23 4.58 38.02
N LYS C 607 22.82 5.03 36.89
CA LYS C 607 24.26 5.10 36.81
C LYS C 607 24.83 6.37 37.43
N MET C 608 24.33 7.54 37.00
CA MET C 608 24.95 8.79 37.41
C MET C 608 24.57 9.12 38.86
N PRO C 609 25.44 9.83 39.58
CA PRO C 609 25.23 10.02 41.02
C PRO C 609 24.00 10.86 41.36
N ARG C 610 23.56 10.68 42.60
CA ARG C 610 22.28 11.22 43.06
C ARG C 610 22.42 12.58 43.71
N PHE C 611 23.61 13.17 43.70
CA PHE C 611 23.70 14.61 43.95
C PHE C 611 23.43 15.40 42.69
N LEU C 612 23.46 14.74 41.53
CA LEU C 612 23.16 15.33 40.24
C LEU C 612 21.86 14.80 39.65
N TRP C 613 21.34 13.68 40.18
CA TRP C 613 20.04 13.14 39.80
C TRP C 613 19.09 13.15 40.99
N PRO C 614 18.41 14.27 41.24
CA PRO C 614 17.47 14.34 42.36
C PRO C 614 16.16 13.59 42.10
N ARG C 615 15.21 13.73 43.01
CA ARG C 615 13.94 12.99 42.94
C ARG C 615 13.05 13.52 41.83
N SER C 616 11.86 12.95 41.74
CA SER C 616 10.83 13.41 40.81
C SER C 616 9.54 13.65 41.57
N GLY C 617 8.81 14.67 41.15
CA GLY C 617 7.57 15.03 41.79
C GLY C 617 7.78 15.81 43.07
N ILE C 618 6.67 16.32 43.59
CA ILE C 618 6.66 17.15 44.80
C ILE C 618 6.95 16.30 46.02
N CYS C 619 7.25 16.95 47.15
CA CYS C 619 7.43 16.23 48.39
C CYS C 619 6.12 16.19 49.16
N GLY C 620 6.15 15.57 50.34
CA GLY C 620 4.95 15.47 51.15
C GLY C 620 5.26 15.69 52.62
N TYR C 621 6.51 16.03 52.92
CA TYR C 621 6.89 16.27 54.31
C TYR C 621 6.59 17.70 54.74
N GLU C 622 6.70 18.66 53.84
CA GLU C 622 6.42 20.06 54.14
C GLU C 622 5.01 20.47 53.77
N TYR C 623 4.11 19.51 53.57
CA TYR C 623 2.74 19.80 53.17
C TYR C 623 1.73 18.99 53.99
N GLY C 624 2.15 18.47 55.14
CA GLY C 624 1.23 17.78 56.02
C GLY C 624 0.84 16.38 55.59
N LEU C 625 1.69 15.71 54.80
CA LEU C 625 1.42 14.32 54.40
C LEU C 625 2.45 13.36 54.97
N GLY C 626 3.74 13.57 54.70
CA GLY C 626 4.78 12.82 55.36
C GLY C 626 5.39 11.67 54.58
N ASP C 627 6.56 11.93 53.96
CA ASP C 627 7.44 10.93 53.38
C ASP C 627 6.77 10.12 52.27
N ARG C 628 5.99 10.79 51.44
CA ARG C 628 5.36 10.15 50.29
C ARG C 628 5.43 11.15 49.14
N TRP C 629 6.35 10.91 48.22
CA TRP C 629 6.51 11.82 47.09
C TRP C 629 5.34 11.64 46.12
N PHE C 630 4.70 12.75 45.78
CA PHE C 630 3.49 12.74 44.95
C PHE C 630 3.80 13.28 43.56
N LEU C 631 2.75 13.32 42.75
CA LEU C 631 2.77 13.92 41.43
C LEU C 631 1.42 14.61 41.24
N ARG C 632 1.41 15.66 40.42
CA ARG C 632 0.17 16.43 40.24
C ARG C 632 0.01 16.70 38.75
N VAL C 633 -0.68 15.80 38.07
CA VAL C 633 -0.90 15.91 36.62
C VAL C 633 -2.24 16.60 36.38
N GLU C 634 -2.20 17.71 35.66
CA GLU C 634 -3.42 18.43 35.31
C GLU C 634 -4.10 17.70 34.14
N ASN C 635 -5.43 17.72 34.13
CA ASN C 635 -6.19 16.94 33.17
C ASN C 635 -7.29 17.82 32.58
N HIS C 636 -7.88 17.34 31.49
CA HIS C 636 -8.97 18.07 30.84
C HIS C 636 -9.81 17.09 30.04
N HIS C 637 -11.08 16.97 30.38
CA HIS C 637 -12.03 16.16 29.64
C HIS C 637 -13.13 17.06 29.07
N ASP C 638 -14.17 16.42 28.53
CA ASP C 638 -15.27 17.07 27.79
C ASP C 638 -14.76 17.92 26.64
N TRP D 29 7.26 28.47 36.41
CA TRP D 29 6.97 28.36 34.99
C TRP D 29 6.01 27.19 34.78
N GLU D 30 6.43 26.00 35.20
CA GLU D 30 5.58 24.83 35.29
C GLU D 30 5.53 24.27 36.69
N GLN D 31 6.69 24.09 37.33
CA GLN D 31 6.74 23.56 38.70
C GLN D 31 6.24 24.57 39.72
N TYR D 32 6.25 25.86 39.36
CA TYR D 32 5.68 26.89 40.23
C TYR D 32 4.17 26.72 40.39
N ARG D 33 3.49 26.16 39.39
CA ARG D 33 2.07 25.88 39.50
C ARG D 33 1.80 24.81 40.55
N ASP D 34 2.60 23.74 40.56
CA ASP D 34 2.45 22.72 41.59
C ASP D 34 2.82 23.28 42.96
N ARG D 35 3.84 24.13 43.01
CA ARG D 35 4.27 24.76 44.25
C ARG D 35 3.19 25.66 44.84
N VAL D 36 2.38 26.30 44.00
CA VAL D 36 1.31 27.13 44.55
C VAL D 36 0.03 26.33 44.82
N ASN D 37 -0.24 25.26 44.05
CA ASN D 37 -1.46 24.51 44.28
C ASN D 37 -1.36 23.64 45.52
N MET D 38 -0.17 23.08 45.77
CA MET D 38 0.01 22.34 47.02
C MET D 38 -0.05 23.26 48.22
N LEU D 39 0.43 24.50 48.09
CA LEU D 39 0.36 25.43 49.20
C LEU D 39 -1.09 25.82 49.50
N GLN D 40 -1.88 26.04 48.44
CA GLN D 40 -3.30 26.35 48.63
C GLN D 40 -4.06 25.19 49.26
N GLN D 41 -3.77 23.96 48.82
CA GLN D 41 -4.45 22.80 49.38
C GLN D 41 -4.00 22.52 50.81
N GLU D 42 -2.74 22.81 51.14
CA GLU D 42 -2.27 22.64 52.51
C GLU D 42 -2.90 23.66 53.44
N ARG D 43 -3.07 24.90 52.97
CA ARG D 43 -3.74 25.90 53.79
C ARG D 43 -5.21 25.58 53.99
N ILE D 44 -5.86 25.02 52.97
CA ILE D 44 -7.25 24.59 53.09
C ILE D 44 -7.37 23.44 54.08
N ARG D 45 -6.44 22.49 54.03
CA ARG D 45 -6.42 21.37 54.97
C ARG D 45 -6.14 21.84 56.39
N ASP D 46 -5.35 22.90 56.55
CA ASP D 46 -4.97 23.34 57.89
C ASP D 46 -6.04 24.20 58.55
N SER D 47 -6.68 25.09 57.79
CA SER D 47 -7.62 26.02 58.43
C SER D 47 -8.94 25.34 58.71
N PRO D 48 -9.50 25.47 59.93
CA PRO D 48 -10.66 24.66 60.30
C PRO D 48 -11.97 25.09 59.66
N LEU D 49 -12.19 26.41 59.53
CA LEU D 49 -13.41 26.91 58.90
C LEU D 49 -13.45 26.56 57.42
N LEU D 50 -12.32 26.72 56.73
CA LEU D 50 -12.24 26.33 55.33
C LEU D 50 -12.33 24.82 55.16
N GLN D 51 -11.83 24.05 56.12
CA GLN D 51 -11.97 22.60 56.05
C GLN D 51 -13.43 22.17 56.24
N ALA D 52 -14.15 22.86 57.14
CA ALA D 52 -15.57 22.58 57.31
C ALA D 52 -16.37 22.97 56.08
N ALA D 53 -16.01 24.09 55.45
CA ALA D 53 -16.66 24.50 54.21
C ALA D 53 -16.33 23.57 53.06
N LYS D 54 -15.17 22.92 53.11
CA LYS D 54 -14.84 21.90 52.10
C LYS D 54 -15.65 20.62 52.35
N GLU D 55 -15.78 20.21 53.60
CA GLU D 55 -16.45 18.96 53.93
C GLU D 55 -17.96 19.06 53.95
N ASN D 56 -18.51 20.28 53.88
CA ASN D 56 -19.96 20.56 53.87
C ASN D 56 -20.60 20.06 55.16
N ASP D 57 -20.15 20.63 56.27
CA ASP D 57 -20.73 20.39 57.57
C ASP D 57 -21.90 21.35 57.79
N LEU D 58 -22.69 21.09 58.82
CA LEU D 58 -23.73 22.03 59.22
C LEU D 58 -23.56 22.53 60.64
N ARG D 59 -23.27 21.64 61.59
CA ARG D 59 -23.14 22.07 62.98
C ARG D 59 -21.86 22.86 63.21
N LEU D 60 -20.81 22.56 62.45
CA LEU D 60 -19.56 23.29 62.61
C LEU D 60 -19.68 24.71 62.07
N LEU D 61 -20.36 24.89 60.93
CA LEU D 61 -20.61 26.24 60.45
C LEU D 61 -21.59 26.98 61.35
N LYS D 62 -22.54 26.26 61.97
CA LYS D 62 -23.46 26.91 62.90
C LYS D 62 -22.74 27.40 64.15
N ILE D 63 -21.81 26.60 64.71
CA ILE D 63 -21.13 27.05 65.91
C ILE D 63 -20.08 28.11 65.57
N LEU D 64 -19.46 28.04 64.39
CA LEU D 64 -18.51 29.08 64.01
C LEU D 64 -19.18 30.37 63.60
N LEU D 65 -20.47 30.32 63.22
CA LEU D 65 -21.22 31.55 62.99
C LEU D 65 -21.82 32.10 64.27
N LEU D 66 -22.18 31.23 65.22
CA LEU D 66 -22.73 31.71 66.48
C LEU D 66 -21.64 32.33 67.35
N ASN D 67 -20.48 31.69 67.44
CA ASN D 67 -19.34 32.26 68.15
C ASN D 67 -18.76 33.38 67.29
N GLN D 68 -19.18 34.61 67.58
CA GLN D 68 -18.84 35.76 66.75
C GLN D 68 -17.40 36.23 66.92
N SER D 69 -16.62 35.63 67.82
CA SER D 69 -15.23 36.03 67.99
C SER D 69 -14.35 35.56 66.84
N CYS D 70 -14.77 34.52 66.11
CA CYS D 70 -13.98 34.02 65.00
C CYS D 70 -14.08 34.97 63.82
N ASP D 71 -12.95 35.15 63.13
CA ASP D 71 -12.89 36.03 61.98
C ASP D 71 -13.35 35.29 60.72
N PHE D 72 -14.08 36.00 59.86
CA PHE D 72 -14.64 35.43 58.66
C PHE D 72 -13.99 35.94 57.38
N GLN D 73 -13.21 37.01 57.45
CA GLN D 73 -12.52 37.55 56.29
C GLN D 73 -11.10 37.02 56.15
N GLN D 74 -10.78 35.90 56.81
CA GLN D 74 -9.42 35.38 56.82
C GLN D 74 -9.04 34.81 55.46
N ARG D 75 -7.80 35.04 55.06
CA ARG D 75 -7.30 34.67 53.75
C ARG D 75 -6.43 33.43 53.83
N GLY D 76 -6.50 32.60 52.79
CA GLY D 76 -5.67 31.41 52.71
C GLY D 76 -4.33 31.69 52.06
N ALA D 77 -3.90 30.80 51.16
CA ALA D 77 -2.61 30.98 50.50
C ALA D 77 -2.73 31.97 49.35
N VAL D 78 -3.50 31.62 48.32
CA VAL D 78 -3.72 32.53 47.20
C VAL D 78 -5.13 33.11 47.32
N GLY D 79 -5.22 34.25 48.00
CA GLY D 79 -6.44 35.02 48.24
C GLY D 79 -7.69 34.25 48.64
N GLU D 80 -7.50 33.15 49.36
CA GLU D 80 -8.53 32.12 49.47
C GLU D 80 -9.58 32.56 50.48
N THR D 81 -10.72 33.01 49.96
CA THR D 81 -11.86 33.37 50.77
C THR D 81 -12.71 32.13 51.00
N ALA D 82 -13.46 32.14 52.11
CA ALA D 82 -14.34 31.01 52.43
C ALA D 82 -15.44 30.85 51.40
N LEU D 83 -15.92 31.95 50.81
CA LEU D 83 -16.88 31.84 49.72
C LEU D 83 -16.24 31.24 48.48
N HIS D 84 -14.95 31.52 48.24
CA HIS D 84 -14.25 30.91 47.13
C HIS D 84 -14.10 29.40 47.31
N VAL D 85 -13.73 28.96 48.52
CA VAL D 85 -13.55 27.52 48.72
C VAL D 85 -14.90 26.81 48.84
N ALA D 86 -15.98 27.53 49.15
CA ALA D 86 -17.30 26.93 49.06
C ALA D 86 -17.72 26.74 47.60
N ALA D 87 -17.50 27.77 46.77
CA ALA D 87 -17.95 27.69 45.39
C ALA D 87 -17.07 26.77 44.55
N LEU D 88 -15.82 26.54 44.97
CA LEU D 88 -14.94 25.67 44.19
C LEU D 88 -15.32 24.20 44.34
N TYR D 89 -15.82 23.80 45.51
CA TYR D 89 -16.28 22.44 45.74
C TYR D 89 -17.80 22.33 45.78
N ASP D 90 -18.50 23.40 45.41
CA ASP D 90 -19.95 23.39 45.13
C ASP D 90 -20.76 23.02 46.38
N ASN D 91 -20.65 23.88 47.38
CA ASN D 91 -21.37 23.72 48.65
C ASN D 91 -22.39 24.84 48.74
N LEU D 92 -23.60 24.55 48.23
CA LEU D 92 -24.66 25.55 48.16
C LEU D 92 -25.15 25.96 49.55
N GLU D 93 -25.35 24.98 50.44
CA GLU D 93 -25.81 25.29 51.80
C GLU D 93 -24.79 26.09 52.57
N ALA D 94 -23.51 25.74 52.44
CA ALA D 94 -22.45 26.49 53.11
C ALA D 94 -22.34 27.91 52.56
N ALA D 95 -22.50 28.07 51.24
CA ALA D 95 -22.41 29.40 50.66
C ALA D 95 -23.59 30.29 51.08
N THR D 96 -24.80 29.73 51.11
CA THR D 96 -25.96 30.51 51.56
C THR D 96 -25.86 30.86 53.04
N LEU D 97 -25.40 29.91 53.88
CA LEU D 97 -25.23 30.23 55.30
C LEU D 97 -24.13 31.24 55.51
N LEU D 98 -23.10 31.23 54.66
CA LEU D 98 -22.01 32.18 54.77
C LEU D 98 -22.47 33.59 54.39
N MET D 99 -23.27 33.72 53.33
CA MET D 99 -23.74 35.05 52.95
C MET D 99 -24.83 35.57 53.89
N GLU D 100 -25.64 34.69 54.49
CA GLU D 100 -26.57 35.17 55.51
C GLU D 100 -25.89 35.38 56.86
N ALA D 101 -24.67 34.87 57.07
CA ALA D 101 -23.94 35.22 58.28
C ALA D 101 -23.18 36.53 58.12
N ALA D 102 -22.46 36.69 57.01
CA ALA D 102 -21.73 37.92 56.73
C ALA D 102 -21.68 38.11 55.22
N PRO D 103 -22.47 39.03 54.67
CA PRO D 103 -22.56 39.19 53.21
C PRO D 103 -21.51 40.11 52.59
N GLU D 104 -20.44 40.43 53.31
CA GLU D 104 -19.43 41.36 52.84
C GLU D 104 -18.20 40.64 52.27
N LEU D 105 -18.40 39.50 51.61
CA LEU D 105 -17.32 38.66 51.13
C LEU D 105 -17.38 38.40 49.64
N ALA D 106 -18.31 39.05 48.92
CA ALA D 106 -18.49 38.82 47.49
C ALA D 106 -17.77 39.83 46.62
N LYS D 107 -17.57 41.04 47.11
CA LYS D 107 -16.96 42.11 46.32
C LYS D 107 -15.45 42.22 46.54
N GLU D 108 -14.83 41.23 47.18
CA GLU D 108 -13.41 41.27 47.46
C GLU D 108 -12.70 40.17 46.67
N PRO D 109 -11.85 40.51 45.72
CA PRO D 109 -11.13 39.47 44.96
C PRO D 109 -9.88 38.99 45.66
N ALA D 110 -9.13 38.11 44.99
CA ALA D 110 -7.86 37.63 45.51
C ALA D 110 -6.78 38.67 45.23
N LEU D 111 -5.55 38.38 45.69
CA LEU D 111 -4.45 39.32 45.48
C LEU D 111 -3.11 38.67 45.16
N CYS D 112 -3.00 37.35 45.14
CA CYS D 112 -1.71 36.70 44.91
C CYS D 112 -1.52 36.40 43.42
N GLU D 113 -0.43 35.71 43.09
CA GLU D 113 0.11 35.76 41.73
C GLU D 113 -0.64 34.94 40.66
N PRO D 114 -0.93 33.63 40.83
CA PRO D 114 -1.51 32.90 39.68
C PRO D 114 -2.98 33.19 39.45
N PHE D 115 -3.71 33.64 40.48
CA PHE D 115 -5.15 33.88 40.40
C PHE D 115 -5.38 35.27 40.99
N VAL D 116 -5.26 36.30 40.16
CA VAL D 116 -5.24 37.66 40.67
C VAL D 116 -6.66 38.15 40.94
N GLY D 117 -7.48 38.26 39.90
CA GLY D 117 -8.77 38.89 40.06
C GLY D 117 -9.92 37.92 40.07
N GLN D 118 -9.72 36.74 40.62
CA GLN D 118 -10.76 35.73 40.66
C GLN D 118 -11.84 36.10 41.67
N THR D 119 -13.08 35.75 41.35
CA THR D 119 -14.21 36.01 42.22
C THR D 119 -15.05 34.76 42.39
N ALA D 120 -15.89 34.79 43.43
CA ALA D 120 -16.86 33.73 43.65
C ALA D 120 -17.85 33.64 42.50
N LEU D 121 -18.17 34.78 41.89
CA LEU D 121 -19.02 34.81 40.71
C LEU D 121 -18.34 34.14 39.52
N HIS D 122 -17.02 34.37 39.38
CA HIS D 122 -16.24 33.74 38.31
C HIS D 122 -16.23 32.22 38.44
N ILE D 123 -15.90 31.72 39.62
CA ILE D 123 -15.86 30.26 39.76
C ILE D 123 -17.25 29.64 39.78
N ALA D 124 -18.27 30.40 40.19
CA ALA D 124 -19.63 29.88 40.13
C ALA D 124 -20.12 29.76 38.68
N VAL D 125 -19.86 30.77 37.85
CA VAL D 125 -20.32 30.70 36.48
C VAL D 125 -19.46 29.72 35.68
N MET D 126 -18.23 29.45 36.12
CA MET D 126 -17.50 28.35 35.49
C MET D 126 -18.04 26.99 35.94
N ASN D 127 -18.42 26.85 37.21
CA ASN D 127 -18.90 25.58 37.73
C ASN D 127 -20.34 25.28 37.31
N GLN D 128 -21.05 26.27 36.77
CA GLN D 128 -22.35 26.10 36.10
C GLN D 128 -23.43 25.58 37.05
N ASN D 129 -23.77 26.42 38.02
CA ASN D 129 -24.97 26.23 38.83
C ASN D 129 -25.74 27.54 38.87
N LEU D 130 -27.02 27.49 38.49
CA LEU D 130 -27.82 28.71 38.38
C LEU D 130 -28.18 29.29 39.73
N ASN D 131 -28.38 28.44 40.74
CA ASN D 131 -28.89 28.90 42.02
C ASN D 131 -27.85 29.72 42.78
N LEU D 132 -26.59 29.30 42.73
CA LEU D 132 -25.54 30.04 43.42
C LEU D 132 -25.27 31.37 42.75
N VAL D 133 -25.38 31.42 41.42
CA VAL D 133 -25.20 32.67 40.69
C VAL D 133 -26.36 33.63 40.99
N ARG D 134 -27.57 33.08 41.10
CA ARG D 134 -28.73 33.89 41.49
C ARG D 134 -28.58 34.42 42.92
N ALA D 135 -28.05 33.59 43.81
CA ALA D 135 -27.83 34.03 45.19
C ALA D 135 -26.75 35.10 45.29
N LEU D 136 -25.67 34.96 44.50
CA LEU D 136 -24.61 35.96 44.50
C LEU D 136 -25.09 37.27 43.88
N LEU D 137 -25.90 37.21 42.83
CA LEU D 137 -26.44 38.44 42.25
C LEU D 137 -27.51 39.07 43.12
N ALA D 138 -28.19 38.28 43.95
CA ALA D 138 -29.11 38.88 44.92
C ALA D 138 -28.36 39.47 46.11
N ARG D 139 -27.17 38.95 46.43
CA ARG D 139 -26.38 39.44 47.54
C ARG D 139 -25.44 40.58 47.15
N GLY D 140 -25.67 41.20 46.01
CA GLY D 140 -24.90 42.37 45.62
C GLY D 140 -23.47 42.07 45.20
N ALA D 141 -23.29 41.36 44.09
CA ALA D 141 -21.98 41.06 43.55
C ALA D 141 -21.83 41.76 42.20
N SER D 142 -20.70 42.44 42.02
CA SER D 142 -20.46 43.15 40.78
C SER D 142 -20.12 42.17 39.66
N VAL D 143 -20.44 42.56 38.43
CA VAL D 143 -20.29 41.69 37.27
C VAL D 143 -19.21 42.15 36.32
N SER D 144 -18.47 43.20 36.67
CA SER D 144 -17.39 43.70 35.84
C SER D 144 -16.04 43.59 36.55
N ALA D 145 -15.89 42.59 37.42
CA ALA D 145 -14.62 42.36 38.06
C ALA D 145 -13.69 41.64 37.10
N ARG D 146 -12.50 42.19 36.91
CA ARG D 146 -11.56 41.66 35.93
C ARG D 146 -10.57 40.73 36.61
N ALA D 147 -10.11 39.73 35.84
CA ALA D 147 -9.18 38.71 36.32
C ALA D 147 -7.97 38.70 35.40
N THR D 148 -6.84 39.24 35.88
CA THR D 148 -5.63 39.36 35.08
C THR D 148 -4.43 38.74 35.80
N GLY D 149 -4.25 37.44 35.60
CA GLY D 149 -3.14 36.72 36.17
C GLY D 149 -2.51 35.80 35.14
N ALA D 150 -2.01 34.66 35.63
CA ALA D 150 -1.46 33.65 34.74
C ALA D 150 -2.43 32.51 34.49
N ALA D 151 -3.57 32.48 35.18
CA ALA D 151 -4.57 31.45 34.95
C ALA D 151 -5.37 31.74 33.69
N PHE D 152 -6.03 32.90 33.64
CA PHE D 152 -6.92 33.26 32.54
C PHE D 152 -6.16 34.17 31.58
N ARG D 153 -5.28 33.55 30.80
CA ARG D 153 -4.43 34.30 29.88
C ARG D 153 -4.03 33.38 28.73
N ARG D 154 -4.10 33.90 27.51
CA ARG D 154 -3.79 33.13 26.30
C ARG D 154 -2.32 32.75 26.30
N SER D 155 -2.05 31.47 26.56
CA SER D 155 -0.69 30.95 26.61
C SER D 155 -0.76 29.45 26.40
N PRO D 156 0.26 28.83 25.80
CA PRO D 156 0.21 27.38 25.56
C PRO D 156 0.37 26.52 26.80
N HIS D 157 0.77 27.09 27.95
CA HIS D 157 0.90 26.28 29.15
C HIS D 157 -0.45 26.02 29.80
N ASN D 158 -1.31 27.04 29.87
CA ASN D 158 -2.66 26.83 30.37
C ASN D 158 -3.49 26.07 29.34
N LEU D 159 -4.38 25.21 29.82
CA LEU D 159 -5.13 24.34 28.93
C LEU D 159 -6.23 25.09 28.19
N ILE D 160 -6.96 25.97 28.88
CA ILE D 160 -8.11 26.63 28.30
C ILE D 160 -7.92 28.14 28.36
N TYR D 161 -8.56 28.82 27.42
CA TYR D 161 -8.69 30.28 27.41
C TYR D 161 -10.18 30.58 27.38
N TYR D 162 -10.70 31.12 28.49
CA TYR D 162 -12.11 31.44 28.59
C TYR D 162 -12.41 32.93 28.56
N GLY D 163 -11.42 33.78 28.79
CA GLY D 163 -11.61 35.20 28.83
C GLY D 163 -11.34 35.77 30.20
N GLU D 164 -11.65 37.05 30.36
CA GLU D 164 -11.34 37.79 31.58
C GLU D 164 -12.56 38.53 32.09
N HIS D 165 -13.75 37.98 31.87
CA HIS D 165 -14.99 38.63 32.30
C HIS D 165 -16.05 37.55 32.49
N PRO D 166 -17.03 37.79 33.37
CA PRO D 166 -18.04 36.74 33.62
C PRO D 166 -18.93 36.46 32.43
N LEU D 167 -19.25 37.46 31.61
CA LEU D 167 -20.04 37.22 30.42
C LEU D 167 -19.25 36.40 29.40
N SER D 168 -17.95 36.66 29.29
CA SER D 168 -17.09 35.84 28.44
C SER D 168 -17.03 34.42 28.96
N PHE D 169 -17.00 34.25 30.29
CA PHE D 169 -17.00 32.92 30.90
C PHE D 169 -18.27 32.15 30.56
N ALA D 170 -19.43 32.78 30.74
CA ALA D 170 -20.71 32.12 30.50
C ALA D 170 -20.91 31.80 29.02
N ALA D 171 -20.67 32.79 28.15
CA ALA D 171 -20.85 32.57 26.72
C ALA D 171 -19.78 31.67 26.14
N CYS D 172 -18.64 31.50 26.80
CA CYS D 172 -17.62 30.61 26.29
C CYS D 172 -17.87 29.18 26.74
N VAL D 173 -18.34 28.97 27.96
CA VAL D 173 -18.67 27.61 28.39
C VAL D 173 -19.96 27.14 27.73
N GLY D 174 -20.82 28.06 27.29
CA GLY D 174 -21.98 27.71 26.52
C GLY D 174 -23.27 27.54 27.28
N SER D 175 -23.50 28.31 28.33
CA SER D 175 -24.74 28.23 29.06
C SER D 175 -25.84 28.98 28.32
N GLU D 176 -27.06 28.78 28.78
CA GLU D 176 -28.23 29.35 28.12
C GLU D 176 -29.00 30.34 28.97
N GLU D 177 -29.15 30.07 30.27
CA GLU D 177 -29.95 30.91 31.16
C GLU D 177 -29.09 31.74 32.11
N ILE D 178 -27.78 31.78 31.86
CA ILE D 178 -26.90 32.68 32.60
C ILE D 178 -26.58 33.93 31.80
N VAL D 179 -26.56 33.84 30.48
CA VAL D 179 -26.19 34.98 29.65
C VAL D 179 -27.26 36.07 29.70
N ARG D 180 -28.54 35.69 29.74
CA ARG D 180 -29.60 36.69 29.89
C ARG D 180 -29.62 37.26 31.28
N LEU D 181 -29.38 36.41 32.29
CA LEU D 181 -29.37 36.84 33.68
C LEU D 181 -28.21 37.79 33.98
N LEU D 182 -27.13 37.70 33.21
CA LEU D 182 -26.02 38.64 33.38
C LEU D 182 -26.19 39.88 32.51
N ILE D 183 -26.72 39.76 31.28
CA ILE D 183 -26.84 40.93 30.41
C ILE D 183 -27.96 41.85 30.88
N GLU D 184 -29.02 41.31 31.49
CA GLU D 184 -30.07 42.18 32.00
C GLU D 184 -29.64 42.92 33.27
N HIS D 185 -28.52 42.55 33.88
CA HIS D 185 -27.89 43.35 34.92
C HIS D 185 -26.77 44.23 34.37
N GLY D 186 -26.66 44.34 33.05
CA GLY D 186 -25.71 45.25 32.43
C GLY D 186 -24.25 44.82 32.50
N ALA D 187 -23.97 43.57 32.20
CA ALA D 187 -22.61 43.03 32.33
C ALA D 187 -21.81 43.09 31.03
N ASP D 188 -21.77 44.26 30.39
CA ASP D 188 -20.79 44.62 29.36
C ASP D 188 -20.81 43.67 28.17
N ILE D 189 -21.92 43.75 27.41
CA ILE D 189 -22.05 42.98 26.18
C ILE D 189 -20.97 43.32 25.17
N ARG D 190 -20.53 44.59 25.14
CA ARG D 190 -19.38 45.02 24.36
C ARG D 190 -18.27 45.35 25.35
N ALA D 191 -17.51 44.33 25.73
CA ALA D 191 -16.48 44.45 26.74
C ALA D 191 -15.10 44.45 26.10
N GLN D 192 -14.10 44.75 26.93
CA GLN D 192 -12.71 44.66 26.52
C GLN D 192 -11.91 44.03 27.65
N ASP D 193 -10.78 43.43 27.30
CA ASP D 193 -9.94 42.72 28.26
C ASP D 193 -8.50 42.81 27.79
N SER D 194 -7.65 41.94 28.34
CA SER D 194 -6.27 41.87 27.92
C SER D 194 -6.16 41.37 26.50
N LEU D 195 -5.13 41.85 25.79
CA LEU D 195 -4.87 41.69 24.35
C LEU D 195 -5.98 42.26 23.47
N GLY D 196 -6.89 43.06 24.02
CA GLY D 196 -7.89 43.76 23.24
C GLY D 196 -9.02 42.95 22.65
N ASN D 197 -9.22 41.70 23.08
CA ASN D 197 -10.26 40.86 22.50
C ASN D 197 -11.64 41.27 22.99
N THR D 198 -12.67 40.55 22.56
CA THR D 198 -14.00 40.67 23.14
C THR D 198 -14.66 39.30 23.10
N VAL D 199 -15.95 39.26 23.42
CA VAL D 199 -16.64 38.00 23.62
C VAL D 199 -16.84 37.25 22.30
N LEU D 200 -16.90 37.96 21.17
CA LEU D 200 -17.00 37.28 19.89
C LEU D 200 -15.68 36.62 19.49
N HIS D 201 -14.55 37.29 19.79
CA HIS D 201 -13.25 36.66 19.56
C HIS D 201 -13.05 35.46 20.47
N ILE D 202 -13.56 35.54 21.70
CA ILE D 202 -13.45 34.42 22.63
C ILE D 202 -14.31 33.25 22.16
N LEU D 203 -15.49 33.53 21.61
CA LEU D 203 -16.33 32.46 21.07
C LEU D 203 -15.77 31.88 19.78
N ILE D 204 -15.01 32.68 19.03
CA ILE D 204 -14.38 32.15 17.82
C ILE D 204 -13.20 31.25 18.17
N LEU D 205 -12.40 31.61 19.19
CA LEU D 205 -11.28 30.79 19.62
C LEU D 205 -11.73 29.63 20.53
N GLN D 206 -12.55 28.74 19.98
CA GLN D 206 -13.09 27.63 20.75
C GLN D 206 -13.16 26.39 19.88
N PRO D 207 -12.90 25.20 20.43
CA PRO D 207 -12.93 23.96 19.62
C PRO D 207 -14.23 23.17 19.64
N ASN D 208 -15.32 23.70 20.19
CA ASN D 208 -16.58 22.95 20.20
C ASN D 208 -17.42 23.27 18.96
N LYS D 209 -17.81 24.55 18.83
CA LYS D 209 -18.42 25.23 17.70
C LYS D 209 -19.88 24.85 17.41
N THR D 210 -20.35 23.73 17.95
CA THR D 210 -21.72 23.33 17.65
C THR D 210 -22.71 23.85 18.69
N PHE D 211 -22.30 23.93 19.95
CA PHE D 211 -23.03 24.67 20.96
C PHE D 211 -22.45 26.06 21.15
N ALA D 212 -21.61 26.51 20.20
CA ALA D 212 -21.10 27.87 20.17
C ALA D 212 -21.64 28.70 19.01
N CYS D 213 -22.09 28.05 17.93
CA CYS D 213 -22.78 28.77 16.86
C CYS D 213 -24.04 29.46 17.36
N GLN D 214 -24.84 28.76 18.18
CA GLN D 214 -26.05 29.36 18.71
C GLN D 214 -25.75 30.48 19.70
N MET D 215 -24.66 30.35 20.46
CA MET D 215 -24.28 31.39 21.41
C MET D 215 -23.82 32.65 20.69
N TYR D 216 -23.02 32.49 19.63
CA TYR D 216 -22.62 33.64 18.82
C TYR D 216 -23.82 34.29 18.15
N ASN D 217 -24.79 33.48 17.71
CA ASN D 217 -26.00 34.02 17.09
C ASN D 217 -26.84 34.79 18.09
N LEU D 218 -26.95 34.30 19.33
CA LEU D 218 -27.75 34.99 20.34
C LEU D 218 -27.09 36.29 20.77
N LEU D 219 -25.76 36.31 20.89
CA LEU D 219 -25.10 37.55 21.28
C LEU D 219 -25.12 38.58 20.15
N LEU D 220 -25.05 38.12 18.90
CA LEU D 220 -25.22 39.05 17.78
C LEU D 220 -26.67 39.51 17.66
N SER D 221 -27.62 38.71 18.13
CA SER D 221 -29.00 39.19 18.19
C SER D 221 -29.20 40.21 19.30
N TYR D 222 -28.44 40.09 20.39
CA TYR D 222 -28.52 41.10 21.44
C TYR D 222 -27.86 42.41 21.03
N ASP D 223 -26.74 42.35 20.30
CA ASP D 223 -26.16 43.57 19.76
C ASP D 223 -25.41 43.32 18.46
N GLN D 230 -20.83 50.29 13.36
CA GLN D 230 -19.70 49.69 14.06
C GLN D 230 -20.04 49.47 15.52
N SER D 231 -20.84 48.43 15.80
CA SER D 231 -21.25 48.14 17.16
C SER D 231 -20.44 47.01 17.80
N LEU D 232 -20.52 45.81 17.24
CA LEU D 232 -19.78 44.69 17.81
C LEU D 232 -19.09 43.81 16.78
N GLU D 233 -19.45 43.90 15.51
CA GLU D 233 -18.86 43.04 14.50
C GLU D 233 -17.64 43.67 13.83
N LEU D 234 -17.67 44.99 13.61
CA LEU D 234 -16.60 45.68 12.91
C LEU D 234 -15.52 46.20 13.85
N VAL D 235 -15.40 45.62 15.05
CA VAL D 235 -14.47 46.15 16.05
C VAL D 235 -13.14 45.39 15.95
N PRO D 236 -12.00 46.07 16.05
CA PRO D 236 -10.71 45.37 16.07
C PRO D 236 -10.21 45.12 17.48
N ASN D 237 -9.27 44.18 17.57
CA ASN D 237 -8.60 43.89 18.82
C ASN D 237 -7.32 44.73 18.90
N HIS D 238 -6.44 44.41 19.85
CA HIS D 238 -5.18 45.14 19.95
C HIS D 238 -4.21 44.76 18.84
N GLN D 239 -4.30 43.53 18.34
CA GLN D 239 -3.43 43.12 17.25
C GLN D 239 -3.94 43.62 15.89
N GLY D 240 -5.21 43.98 15.80
CA GLY D 240 -5.78 44.43 14.55
C GLY D 240 -6.48 43.30 13.82
N LEU D 241 -7.37 42.60 14.51
CA LEU D 241 -8.09 41.45 13.95
C LEU D 241 -9.58 41.64 14.20
N THR D 242 -10.29 42.09 13.17
CA THR D 242 -11.75 41.99 13.13
C THR D 242 -12.14 40.51 13.25
N PRO D 243 -13.27 40.19 13.89
CA PRO D 243 -13.61 38.77 14.13
C PRO D 243 -13.80 37.94 12.88
N PHE D 244 -14.11 38.54 11.73
CA PHE D 244 -14.10 37.79 10.49
C PHE D 244 -12.68 37.35 10.13
N LYS D 245 -11.71 38.27 10.26
CA LYS D 245 -10.33 37.91 9.99
C LYS D 245 -9.77 36.98 11.05
N LEU D 246 -10.31 37.00 12.28
CA LEU D 246 -9.89 36.02 13.27
C LEU D 246 -10.45 34.64 12.94
N ALA D 247 -11.68 34.58 12.43
CA ALA D 247 -12.23 33.33 11.92
C ALA D 247 -11.38 32.79 10.79
N GLY D 248 -10.90 33.67 9.92
CA GLY D 248 -9.91 33.32 8.93
C GLY D 248 -8.62 32.75 9.48
N VAL D 249 -7.92 33.52 10.32
CA VAL D 249 -6.59 33.13 10.78
C VAL D 249 -6.64 31.95 11.76
N GLU D 250 -7.78 31.64 12.35
CA GLU D 250 -7.90 30.46 13.19
C GLU D 250 -8.49 29.27 12.46
N GLY D 251 -9.13 29.47 11.31
CA GLY D 251 -9.46 28.36 10.45
C GLY D 251 -10.69 27.57 10.81
N ASN D 252 -11.56 28.11 11.66
CA ASN D 252 -12.79 27.40 12.05
C ASN D 252 -13.79 27.52 10.92
N THR D 253 -13.85 26.47 10.10
CA THR D 253 -14.64 26.49 8.89
C THR D 253 -16.14 26.50 9.15
N VAL D 254 -16.61 25.92 10.26
CA VAL D 254 -18.04 25.90 10.49
C VAL D 254 -18.53 27.26 11.01
N MET D 255 -17.73 27.95 11.81
CA MET D 255 -18.08 29.32 12.17
C MET D 255 -17.94 30.26 10.99
N PHE D 256 -17.00 29.99 10.08
CA PHE D 256 -16.92 30.77 8.84
C PHE D 256 -18.16 30.55 7.97
N GLN D 257 -18.61 29.31 7.83
CA GLN D 257 -19.75 28.99 6.99
C GLN D 257 -21.06 29.46 7.59
N HIS D 258 -21.13 29.63 8.91
CA HIS D 258 -22.31 30.28 9.47
C HIS D 258 -22.21 31.80 9.32
N LEU D 259 -21.02 32.37 9.53
CA LEU D 259 -20.83 33.81 9.45
C LEU D 259 -21.01 34.35 8.05
N MET D 260 -20.85 33.50 7.03
CA MET D 260 -21.12 33.93 5.66
C MET D 260 -22.61 34.14 5.43
N GLN D 261 -23.47 33.43 6.17
CA GLN D 261 -24.91 33.45 5.92
C GLN D 261 -25.63 34.62 6.58
N LYS D 262 -24.90 35.60 7.11
CA LYS D 262 -25.50 36.87 7.49
C LYS D 262 -25.19 37.95 6.46
N ARG D 263 -24.60 37.59 5.33
CA ARG D 263 -24.34 38.50 4.23
C ARG D 263 -24.85 37.99 2.89
N LYS D 264 -25.21 36.72 2.80
CA LYS D 264 -25.58 36.10 1.54
C LYS D 264 -26.94 36.60 1.07
N HIS D 265 -26.94 37.38 0.00
CA HIS D 265 -28.19 37.78 -0.64
C HIS D 265 -28.65 36.68 -1.58
N VAL D 266 -29.93 36.32 -1.50
CA VAL D 266 -30.50 35.23 -2.29
C VAL D 266 -31.36 35.84 -3.39
N GLN D 267 -31.09 35.43 -4.62
CA GLN D 267 -31.92 35.77 -5.76
C GLN D 267 -32.97 34.67 -5.95
N TRP D 268 -33.58 34.62 -7.14
CA TRP D 268 -34.63 33.70 -7.48
C TRP D 268 -34.19 32.23 -7.39
N THR D 269 -35.17 31.34 -7.46
CA THR D 269 -34.90 29.93 -7.65
C THR D 269 -35.97 29.33 -8.55
N CYS D 270 -35.57 28.34 -9.34
CA CYS D 270 -36.47 27.60 -10.20
C CYS D 270 -35.82 26.27 -10.53
N GLY D 271 -36.63 25.22 -10.55
CA GLY D 271 -36.13 23.87 -10.73
C GLY D 271 -35.24 23.45 -9.60
N PRO D 272 -34.10 22.85 -9.92
CA PRO D 272 -33.13 22.51 -8.87
C PRO D 272 -32.03 23.54 -8.69
N LEU D 273 -31.97 24.57 -9.53
CA LEU D 273 -30.85 25.51 -9.49
C LEU D 273 -31.24 26.82 -8.82
N THR D 274 -30.28 27.40 -8.12
CA THR D 274 -30.46 28.64 -7.37
C THR D 274 -29.24 29.52 -7.61
N SER D 275 -29.44 30.83 -7.64
CA SER D 275 -28.36 31.80 -7.88
C SER D 275 -28.17 32.65 -6.63
N THR D 276 -27.35 32.17 -5.71
CA THR D 276 -27.00 32.96 -4.54
C THR D 276 -26.04 34.07 -4.93
N LEU D 277 -26.11 35.17 -4.19
CA LEU D 277 -25.33 36.38 -4.49
C LEU D 277 -24.60 36.79 -3.21
N TYR D 278 -23.31 36.47 -3.15
CA TYR D 278 -22.54 36.70 -1.95
C TYR D 278 -22.00 38.11 -1.90
N ASP D 279 -21.28 38.43 -0.83
CA ASP D 279 -20.73 39.75 -0.59
C ASP D 279 -19.26 39.61 -0.29
N LEU D 280 -18.42 40.34 -1.02
CA LEU D 280 -16.97 40.16 -0.94
C LEU D 280 -16.25 41.38 -0.36
N THR D 281 -16.97 42.33 0.22
CA THR D 281 -16.35 43.54 0.75
C THR D 281 -15.50 43.29 1.99
N GLU D 282 -15.61 42.11 2.61
CA GLU D 282 -14.66 41.66 3.61
C GLU D 282 -13.68 40.63 3.08
N ILE D 283 -14.10 39.85 2.08
CA ILE D 283 -13.24 38.81 1.53
C ILE D 283 -12.04 39.38 0.77
N ASP D 284 -12.19 40.52 0.10
CA ASP D 284 -10.99 41.23 -0.32
C ASP D 284 -11.11 42.69 0.09
N SER D 285 -10.02 43.25 0.59
CA SER D 285 -10.10 44.50 1.35
C SER D 285 -10.14 45.72 0.43
N TRP D 286 -9.06 45.94 -0.34
CA TRP D 286 -8.86 46.99 -1.35
C TRP D 286 -8.72 48.39 -0.74
N GLY D 287 -8.98 48.54 0.55
CA GLY D 287 -8.83 49.82 1.21
C GLY D 287 -7.67 49.81 2.18
N GLU D 288 -7.38 48.63 2.71
CA GLU D 288 -6.24 48.41 3.58
C GLU D 288 -5.30 47.42 2.89
N GLU D 289 -4.00 47.65 3.04
CA GLU D 289 -2.99 46.77 2.45
C GLU D 289 -3.06 45.38 3.05
N LEU D 290 -3.27 45.27 4.36
CA LEU D 290 -3.52 43.99 4.99
C LEU D 290 -4.90 43.50 4.61
N SER D 291 -4.97 42.57 3.69
CA SER D 291 -6.24 42.01 3.24
C SER D 291 -6.55 40.75 4.03
N PHE D 292 -7.79 40.30 3.91
CA PHE D 292 -8.19 39.04 4.54
C PHE D 292 -7.47 37.87 3.91
N LEU D 293 -7.29 37.91 2.59
CA LEU D 293 -6.69 36.77 1.90
C LEU D 293 -5.18 36.71 2.13
N GLU D 294 -4.52 37.87 2.15
CA GLU D 294 -3.12 37.91 2.55
C GLU D 294 -2.94 37.54 4.01
N LEU D 295 -3.93 37.86 4.85
CA LEU D 295 -3.84 37.50 6.26
C LEU D 295 -4.07 36.02 6.49
N VAL D 296 -4.83 35.37 5.63
CA VAL D 296 -5.15 33.97 5.83
C VAL D 296 -4.23 33.02 5.06
N VAL D 297 -3.54 33.50 4.02
CA VAL D 297 -2.63 32.61 3.30
C VAL D 297 -1.28 32.50 4.00
N SER D 298 -0.99 33.37 4.96
CA SER D 298 0.31 33.34 5.64
C SER D 298 0.13 33.09 7.12
N SER D 299 -0.70 32.12 7.49
CA SER D 299 -0.80 31.67 8.87
C SER D 299 0.05 30.43 9.06
N LYS D 300 0.17 30.00 10.31
CA LYS D 300 1.06 28.89 10.67
C LYS D 300 0.31 27.69 11.22
N LYS D 301 -1.01 27.64 11.08
CA LYS D 301 -1.80 26.53 11.59
C LYS D 301 -2.05 25.52 10.48
N ARG D 302 -2.93 24.55 10.75
CA ARG D 302 -3.27 23.52 9.79
C ARG D 302 -4.72 23.63 9.33
N GLU D 303 -5.27 24.83 9.34
CA GLU D 303 -6.59 25.07 8.79
C GLU D 303 -6.65 26.30 7.90
N ALA D 304 -5.56 27.05 7.79
CA ALA D 304 -5.48 28.16 6.86
C ALA D 304 -5.44 27.72 5.41
N ARG D 305 -5.17 26.44 5.14
CA ARG D 305 -5.28 25.90 3.79
C ARG D 305 -6.53 25.07 3.60
N GLN D 306 -7.37 24.95 4.61
CA GLN D 306 -8.67 24.31 4.48
C GLN D 306 -9.80 25.32 4.47
N ILE D 307 -9.58 26.52 5.00
CA ILE D 307 -10.59 27.57 4.90
C ILE D 307 -10.67 28.15 3.50
N LEU D 308 -9.71 27.83 2.62
CA LEU D 308 -9.69 28.27 1.23
C LEU D 308 -10.43 27.30 0.31
N GLU D 309 -11.41 26.55 0.86
CA GLU D 309 -12.23 25.68 0.05
C GLU D 309 -13.71 26.00 0.14
N GLN D 310 -14.11 26.92 1.02
CA GLN D 310 -15.50 27.36 1.08
C GLN D 310 -15.84 28.16 -0.17
N THR D 311 -17.14 28.23 -0.47
CA THR D 311 -17.59 28.71 -1.78
C THR D 311 -17.24 30.17 -2.13
N PRO D 312 -17.53 31.20 -1.33
CA PRO D 312 -17.32 32.56 -1.81
C PRO D 312 -15.89 33.05 -1.73
N VAL D 313 -14.92 32.19 -1.42
CA VAL D 313 -13.51 32.55 -1.55
C VAL D 313 -12.89 31.66 -2.61
N LYS D 314 -13.40 30.43 -2.75
CA LYS D 314 -12.88 29.51 -3.77
C LYS D 314 -13.28 29.96 -5.16
N GLU D 315 -14.54 30.35 -5.35
CA GLU D 315 -14.98 30.81 -6.68
C GLU D 315 -14.27 32.09 -7.07
N LEU D 316 -14.05 32.98 -6.11
CA LEU D 316 -13.37 34.25 -6.35
C LEU D 316 -11.93 34.03 -6.77
N VAL D 317 -11.17 33.27 -5.98
CA VAL D 317 -9.76 33.09 -6.35
C VAL D 317 -9.59 32.15 -7.54
N SER D 318 -10.57 31.30 -7.84
CA SER D 318 -10.47 30.49 -9.05
C SER D 318 -10.64 31.35 -10.29
N PHE D 319 -11.64 32.24 -10.28
CA PHE D 319 -11.84 33.14 -11.42
C PHE D 319 -10.67 34.10 -11.57
N LYS D 320 -10.22 34.70 -10.47
CA LYS D 320 -9.14 35.67 -10.53
C LYS D 320 -7.82 35.02 -10.92
N TRP D 321 -7.57 33.78 -10.47
CA TRP D 321 -6.35 33.09 -10.87
C TRP D 321 -6.38 32.73 -12.34
N LYS D 322 -7.44 32.06 -12.80
CA LYS D 322 -7.49 31.59 -14.17
C LYS D 322 -7.58 32.74 -15.20
N LYS D 323 -8.04 33.92 -14.81
CA LYS D 323 -8.08 35.02 -15.77
C LYS D 323 -7.05 36.12 -15.52
N TYR D 324 -6.28 36.07 -14.44
CA TYR D 324 -5.31 37.13 -14.20
C TYR D 324 -3.96 36.68 -13.65
N GLY D 325 -3.75 35.39 -13.39
CA GLY D 325 -2.50 35.01 -12.78
C GLY D 325 -1.62 34.22 -13.73
N ARG D 326 -2.23 33.37 -14.54
CA ARG D 326 -1.47 32.66 -15.57
C ARG D 326 -0.83 33.56 -16.62
N PRO D 327 -1.51 34.52 -17.27
CA PRO D 327 -0.86 35.25 -18.36
C PRO D 327 0.18 36.28 -17.92
N TYR D 328 0.43 36.44 -16.62
CA TYR D 328 1.59 37.22 -16.18
C TYR D 328 2.67 36.36 -15.56
N PHE D 329 2.30 35.26 -14.90
CA PHE D 329 3.30 34.32 -14.42
C PHE D 329 4.02 33.63 -15.57
N CYS D 330 3.33 33.38 -16.68
CA CYS D 330 3.99 32.76 -17.83
C CYS D 330 5.06 33.67 -18.44
N VAL D 331 4.73 34.95 -18.62
CA VAL D 331 5.72 35.88 -19.17
C VAL D 331 6.80 36.20 -18.15
N LEU D 332 6.51 36.09 -16.84
CA LEU D 332 7.56 36.25 -15.84
C LEU D 332 8.54 35.09 -15.86
N ALA D 333 8.04 33.87 -16.03
CA ALA D 333 8.92 32.70 -16.15
C ALA D 333 9.74 32.77 -17.43
N SER D 334 9.14 33.23 -18.52
CA SER D 334 9.89 33.35 -19.78
C SER D 334 10.98 34.41 -19.66
N LEU D 335 10.70 35.54 -19.00
CA LEU D 335 11.72 36.56 -18.83
C LEU D 335 12.82 36.12 -17.87
N TYR D 336 12.49 35.34 -16.85
CA TYR D 336 13.56 34.85 -15.97
C TYR D 336 14.44 33.83 -16.67
N ILE D 337 13.85 32.93 -17.47
CA ILE D 337 14.66 31.95 -18.17
C ILE D 337 15.51 32.62 -19.26
N LEU D 338 15.00 33.68 -19.89
CA LEU D 338 15.79 34.44 -20.85
C LEU D 338 16.96 35.16 -20.17
N TYR D 339 16.72 35.75 -18.99
CA TYR D 339 17.81 36.41 -18.28
C TYR D 339 18.85 35.40 -17.80
N MET D 340 18.41 34.21 -17.40
CA MET D 340 19.38 33.22 -16.95
C MET D 340 20.17 32.64 -18.12
N ILE D 341 19.59 32.55 -19.31
CA ILE D 341 20.39 32.08 -20.45
C ILE D 341 21.36 33.16 -20.90
N CYS D 342 21.02 34.44 -20.69
CA CYS D 342 21.99 35.52 -20.93
C CYS D 342 23.15 35.42 -19.95
N PHE D 343 22.86 35.11 -18.68
CA PHE D 343 23.91 34.99 -17.70
C PHE D 343 24.78 33.75 -17.94
N THR D 344 24.18 32.65 -18.41
CA THR D 344 24.97 31.44 -18.70
C THR D 344 25.90 31.65 -19.88
N THR D 345 25.42 32.31 -20.95
CA THR D 345 26.31 32.54 -22.09
C THR D 345 27.38 33.58 -21.78
N CYS D 346 27.04 34.62 -21.02
CA CYS D 346 28.05 35.59 -20.60
C CYS D 346 29.07 34.99 -19.65
N CYS D 347 28.67 33.99 -18.86
CA CYS D 347 29.62 33.29 -18.00
C CYS D 347 30.51 32.33 -18.79
N ILE D 348 29.98 31.74 -19.86
CA ILE D 348 30.78 30.87 -20.72
C ILE D 348 31.85 31.68 -21.45
N TYR D 349 31.46 32.77 -22.10
CA TYR D 349 32.43 33.61 -22.82
C TYR D 349 33.21 34.45 -21.81
N ARG D 350 34.21 33.83 -21.21
CA ARG D 350 35.02 34.44 -20.17
C ARG D 350 36.42 34.76 -20.69
N PRO D 351 37.00 35.89 -20.32
CA PRO D 351 38.33 36.25 -20.85
C PRO D 351 39.44 35.42 -20.20
N LEU D 352 40.35 34.91 -21.03
CA LEU D 352 41.42 34.03 -20.56
C LEU D 352 42.68 34.28 -21.38
N LYS D 353 43.81 34.32 -20.69
CA LYS D 353 45.13 34.58 -21.28
C LYS D 353 46.04 33.41 -20.94
N LEU D 354 46.91 33.05 -21.89
CA LEU D 354 47.80 31.90 -21.69
C LEU D 354 48.84 32.19 -20.62
N ARG D 355 49.04 31.23 -19.72
CA ARG D 355 49.95 31.38 -18.60
C ARG D 355 51.39 31.21 -19.07
N ASP D 356 52.20 32.25 -18.89
CA ASP D 356 53.57 32.25 -19.39
C ASP D 356 54.57 31.62 -18.43
N ASP D 357 54.29 31.65 -17.14
CA ASP D 357 55.10 30.92 -16.17
C ASP D 357 54.97 29.43 -16.41
N ASN D 358 56.06 28.70 -16.22
CA ASN D 358 56.05 27.29 -16.57
C ASN D 358 55.44 26.45 -15.45
N ARG D 359 55.27 25.17 -15.73
CA ARG D 359 54.53 24.24 -14.88
C ARG D 359 55.37 23.01 -14.56
N THR D 360 56.61 23.24 -14.10
CA THR D 360 57.57 22.17 -13.88
C THR D 360 57.18 21.36 -12.65
N ASP D 361 56.21 20.47 -12.84
CA ASP D 361 55.62 19.65 -11.79
C ASP D 361 54.83 18.55 -12.50
N PRO D 362 55.05 17.27 -12.19
CA PRO D 362 54.32 16.19 -12.88
C PRO D 362 52.83 16.11 -12.57
N ARG D 363 52.33 16.86 -11.59
CA ARG D 363 50.90 16.86 -11.26
C ARG D 363 50.38 18.28 -11.23
N ASP D 364 50.69 19.07 -12.25
CA ASP D 364 50.19 20.42 -12.36
C ASP D 364 49.67 20.62 -13.77
N ILE D 365 48.42 21.06 -13.88
CA ILE D 365 47.79 21.37 -15.16
C ILE D 365 47.09 22.72 -15.04
N THR D 366 47.65 23.73 -15.71
CA THR D 366 46.99 25.03 -15.85
C THR D 366 47.53 25.64 -17.15
N ILE D 367 46.76 25.50 -18.22
CA ILE D 367 47.20 26.00 -19.52
C ILE D 367 46.58 27.35 -19.87
N LEU D 368 45.49 27.74 -19.19
CA LEU D 368 44.92 29.08 -19.34
C LEU D 368 44.85 29.75 -17.98
N GLN D 369 45.01 31.08 -18.00
CA GLN D 369 45.05 31.90 -16.80
C GLN D 369 44.05 33.03 -16.96
N GLN D 370 43.47 33.47 -15.84
CA GLN D 370 42.50 34.56 -15.87
C GLN D 370 43.17 35.86 -16.32
N LYS D 371 42.57 36.52 -17.31
CA LYS D 371 43.15 37.73 -17.89
C LYS D 371 42.96 38.93 -16.96
N LEU D 372 43.90 39.86 -17.06
CA LEU D 372 43.85 41.09 -16.29
C LEU D 372 42.70 41.97 -16.76
N LEU D 373 42.23 42.84 -15.86
CA LEU D 373 41.09 43.72 -16.14
C LEU D 373 41.41 44.75 -17.21
N GLN D 374 42.68 45.13 -17.38
CA GLN D 374 43.04 46.16 -18.34
C GLN D 374 42.94 45.69 -19.79
N GLU D 375 42.80 44.38 -20.02
CA GLU D 375 42.61 43.82 -21.35
C GLU D 375 41.22 43.23 -21.51
N ALA D 376 40.22 43.85 -20.87
CA ALA D 376 38.84 43.38 -20.94
C ALA D 376 38.00 44.16 -21.94
N TYR D 377 38.53 45.23 -22.53
CA TYR D 377 37.85 45.99 -23.58
C TYR D 377 38.78 46.02 -24.79
N VAL D 378 38.73 44.98 -25.62
CA VAL D 378 39.66 44.89 -26.75
C VAL D 378 38.94 44.83 -28.10
N THR D 379 37.69 44.37 -28.14
CA THR D 379 37.05 44.14 -29.43
C THR D 379 35.52 44.17 -29.26
N HIS D 380 34.84 43.83 -30.35
CA HIS D 380 33.38 43.80 -30.37
C HIS D 380 32.85 42.67 -29.48
N GLN D 381 33.56 41.55 -29.42
CA GLN D 381 33.14 40.45 -28.55
C GLN D 381 33.27 40.83 -27.08
N ASP D 382 34.29 41.59 -26.73
CA ASP D 382 34.40 42.05 -25.35
C ASP D 382 33.42 43.18 -25.03
N ASN D 383 33.03 43.97 -26.04
CA ASN D 383 31.93 44.91 -25.82
C ASN D 383 30.62 44.18 -25.58
N ILE D 384 30.40 43.07 -26.29
CA ILE D 384 29.21 42.25 -26.09
C ILE D 384 29.21 41.61 -24.70
N ARG D 385 30.38 41.13 -24.27
CA ARG D 385 30.52 40.60 -22.91
C ARG D 385 30.30 41.68 -21.85
N LEU D 386 30.69 42.92 -22.15
CA LEU D 386 30.41 44.03 -21.23
C LEU D 386 28.91 44.31 -21.14
N VAL D 387 28.20 44.25 -22.27
CA VAL D 387 26.75 44.42 -22.25
C VAL D 387 26.07 43.32 -21.45
N GLY D 388 26.58 42.09 -21.58
CA GLY D 388 26.06 40.98 -20.79
C GLY D 388 26.30 41.15 -19.30
N GLU D 389 27.48 41.65 -18.92
CA GLU D 389 27.76 41.89 -17.51
C GLU D 389 26.88 42.99 -16.95
N LEU D 390 26.60 44.03 -17.74
CA LEU D 390 25.73 45.11 -17.27
C LEU D 390 24.30 44.63 -17.08
N VAL D 391 23.77 43.82 -18.00
CA VAL D 391 22.39 43.36 -17.80
C VAL D 391 22.30 42.33 -16.68
N THR D 392 23.38 41.57 -16.42
CA THR D 392 23.38 40.66 -15.28
C THR D 392 23.38 41.42 -13.96
N VAL D 393 24.18 42.48 -13.86
CA VAL D 393 24.23 43.26 -12.61
C VAL D 393 22.93 44.02 -12.40
N THR D 394 22.31 44.51 -13.48
CA THR D 394 21.00 45.16 -13.37
C THR D 394 19.92 44.18 -12.92
N GLY D 395 19.95 42.94 -13.43
CA GLY D 395 19.00 41.94 -12.96
C GLY D 395 19.21 41.57 -11.51
N ALA D 396 20.47 41.51 -11.06
CA ALA D 396 20.76 41.19 -9.67
C ALA D 396 20.26 42.29 -8.73
N VAL D 397 20.45 43.55 -9.12
CA VAL D 397 20.03 44.62 -8.21
C VAL D 397 18.50 44.79 -8.23
N ILE D 398 17.82 44.47 -9.34
CA ILE D 398 16.36 44.59 -9.29
C ILE D 398 15.77 43.41 -8.53
N ILE D 399 16.42 42.23 -8.55
CA ILE D 399 15.97 41.10 -7.71
C ILE D 399 16.12 41.45 -6.23
N LEU D 400 17.27 42.03 -5.86
CA LEU D 400 17.49 42.36 -4.45
C LEU D 400 16.55 43.47 -3.96
N LEU D 401 16.31 44.49 -4.79
CA LEU D 401 15.40 45.55 -4.41
C LEU D 401 13.94 45.17 -4.50
N LEU D 402 13.62 44.08 -5.20
CA LEU D 402 12.26 43.56 -5.19
C LEU D 402 12.03 42.55 -4.08
N GLU D 403 13.10 42.06 -3.46
CA GLU D 403 13.01 41.09 -2.38
C GLU D 403 13.07 41.71 -0.99
N ILE D 404 13.96 42.70 -0.78
CA ILE D 404 14.23 43.19 0.58
C ILE D 404 13.06 43.94 1.24
N PRO D 405 12.41 44.94 0.60
CA PRO D 405 11.33 45.64 1.33
C PRO D 405 10.08 44.80 1.56
N ASP D 406 9.99 43.61 0.99
CA ASP D 406 8.92 42.70 1.34
C ASP D 406 9.26 41.84 2.55
N ILE D 407 10.55 41.57 2.77
CA ILE D 407 10.95 40.80 3.94
C ILE D 407 11.14 41.70 5.16
N PHE D 408 11.22 43.02 4.97
CA PHE D 408 11.29 43.89 6.14
C PHE D 408 9.96 44.01 6.89
N ARG D 409 8.84 43.66 6.26
CA ARG D 409 7.54 43.80 6.89
C ARG D 409 7.07 42.50 7.53
N VAL D 410 6.91 41.43 6.74
CA VAL D 410 6.64 40.11 7.31
C VAL D 410 7.89 39.63 8.02
N GLY D 411 7.71 38.95 9.15
CA GLY D 411 8.84 38.46 9.92
C GLY D 411 9.64 37.42 9.17
N ALA D 412 10.88 37.24 9.60
CA ALA D 412 11.79 36.35 8.89
C ALA D 412 11.39 34.89 9.07
N SER D 413 10.74 34.55 10.18
CA SER D 413 10.31 33.17 10.41
C SER D 413 9.18 32.79 9.45
N ARG D 414 8.17 33.64 9.32
CA ARG D 414 7.03 33.35 8.46
C ARG D 414 7.41 33.35 6.98
N TYR D 415 8.46 34.09 6.62
CA TYR D 415 8.83 34.21 5.22
C TYR D 415 9.90 33.21 4.78
N PHE D 416 10.78 32.80 5.69
CA PHE D 416 11.75 31.77 5.37
C PHE D 416 11.28 30.36 5.70
N GLY D 417 10.26 30.21 6.55
CA GLY D 417 9.93 28.89 7.02
C GLY D 417 8.97 28.10 6.15
N GLN D 418 7.81 28.68 5.87
CA GLN D 418 6.69 27.93 5.31
C GLN D 418 6.93 27.54 3.86
N THR D 419 6.15 26.56 3.41
CA THR D 419 6.20 26.11 2.03
C THR D 419 5.12 26.77 1.18
N ILE D 420 4.10 27.35 1.83
CA ILE D 420 3.07 28.07 1.11
C ILE D 420 3.59 29.39 0.56
N LEU D 421 4.65 29.95 1.15
CA LEU D 421 5.12 31.27 0.77
C LEU D 421 6.45 31.28 0.02
N GLY D 422 7.30 30.28 0.19
CA GLY D 422 8.50 30.22 -0.62
C GLY D 422 9.80 30.55 0.09
N GLY D 423 9.95 30.07 1.31
CA GLY D 423 11.18 30.15 2.05
C GLY D 423 12.43 29.59 1.36
N PRO D 424 12.43 28.30 1.02
CA PRO D 424 13.61 27.72 0.35
C PRO D 424 13.78 28.09 -1.10
N PHE D 425 13.02 29.05 -1.64
CA PHE D 425 13.40 29.69 -2.89
C PHE D 425 13.86 31.12 -2.71
N HIS D 426 13.27 31.86 -1.76
CA HIS D 426 13.78 33.20 -1.50
C HIS D 426 15.16 33.17 -0.86
N VAL D 427 15.49 32.10 -0.12
CA VAL D 427 16.82 31.98 0.45
C VAL D 427 17.88 31.84 -0.65
N ILE D 428 17.64 30.94 -1.60
CA ILE D 428 18.63 30.76 -2.66
C ILE D 428 18.62 31.91 -3.66
N ILE D 429 17.51 32.66 -3.76
CA ILE D 429 17.52 33.85 -4.61
C ILE D 429 18.35 34.98 -4.01
N ILE D 430 18.20 35.23 -2.69
CA ILE D 430 19.05 36.24 -2.06
C ILE D 430 20.51 35.80 -2.06
N THR D 431 20.76 34.48 -1.94
CA THR D 431 22.12 33.96 -2.03
C THR D 431 22.72 34.17 -3.42
N TYR D 432 21.92 33.95 -4.46
CA TYR D 432 22.38 34.17 -5.84
C TYR D 432 22.67 35.65 -6.10
N ALA D 433 21.83 36.54 -5.57
CA ALA D 433 22.06 37.97 -5.78
C ALA D 433 23.31 38.45 -5.06
N SER D 434 23.52 38.01 -3.83
CA SER D 434 24.72 38.41 -3.10
C SER D 434 25.99 37.81 -3.71
N LEU D 435 25.91 36.59 -4.25
CA LEU D 435 27.10 35.99 -4.85
C LEU D 435 27.42 36.61 -6.21
N VAL D 436 26.42 37.05 -6.97
CA VAL D 436 26.70 37.75 -8.22
C VAL D 436 27.29 39.14 -7.95
N LEU D 437 26.79 39.83 -6.92
CA LEU D 437 27.40 41.10 -6.53
C LEU D 437 28.83 40.93 -6.05
N LEU D 438 29.11 39.84 -5.31
CA LEU D 438 30.47 39.57 -4.88
C LEU D 438 31.36 39.20 -6.05
N THR D 439 30.81 38.54 -7.08
CA THR D 439 31.55 38.27 -8.31
C THR D 439 31.91 39.55 -9.04
N MET D 440 30.99 40.50 -9.13
CA MET D 440 31.28 41.76 -9.81
C MET D 440 32.34 42.56 -9.04
N VAL D 441 32.25 42.59 -7.71
CA VAL D 441 33.25 43.31 -6.91
C VAL D 441 34.60 42.62 -7.01
N MET D 442 34.62 41.28 -6.99
CA MET D 442 35.87 40.54 -7.11
C MET D 442 36.48 40.66 -8.50
N ARG D 443 35.66 40.91 -9.52
CA ARG D 443 36.19 41.16 -10.85
C ARG D 443 36.80 42.55 -10.95
N LEU D 444 36.14 43.55 -10.34
CA LEU D 444 36.67 44.91 -10.43
C LEU D 444 37.91 45.11 -9.56
N THR D 445 38.05 44.38 -8.44
CA THR D 445 39.23 44.57 -7.61
C THR D 445 40.44 43.80 -8.10
N ASN D 446 40.32 43.08 -9.22
CA ASN D 446 41.40 42.32 -9.86
C ASN D 446 41.99 41.26 -8.92
N MET D 447 41.14 40.31 -8.56
CA MET D 447 41.51 39.19 -7.70
C MET D 447 41.39 37.91 -8.50
N ASN D 448 42.32 36.98 -8.27
CA ASN D 448 42.27 35.70 -8.93
C ASN D 448 41.24 34.79 -8.28
N GLY D 449 40.92 33.69 -8.96
CA GLY D 449 39.92 32.76 -8.47
C GLY D 449 38.50 33.26 -8.63
N GLU D 450 38.06 33.39 -9.89
CA GLU D 450 36.69 33.81 -10.15
C GLU D 450 35.72 32.63 -10.20
N VAL D 451 36.24 31.41 -10.38
CA VAL D 451 35.39 30.24 -10.46
C VAL D 451 34.74 29.92 -9.12
N VAL D 452 35.38 30.32 -8.01
CA VAL D 452 34.95 30.01 -6.66
C VAL D 452 33.61 30.67 -6.29
N PRO D 453 33.31 31.95 -6.65
CA PRO D 453 31.91 32.36 -6.54
C PRO D 453 31.11 32.17 -7.82
N LEU D 454 31.76 32.03 -8.98
CA LEU D 454 31.02 31.97 -10.23
C LEU D 454 30.24 30.67 -10.37
N SER D 455 30.85 29.54 -9.98
CA SER D 455 30.16 28.26 -10.08
C SER D 455 28.98 28.17 -9.12
N PHE D 456 29.14 28.70 -7.90
CA PHE D 456 28.06 28.70 -6.93
C PHE D 456 26.90 29.58 -7.37
N ALA D 457 27.20 30.78 -7.88
CA ALA D 457 26.15 31.68 -8.34
C ALA D 457 25.41 31.12 -9.54
N LEU D 458 26.14 30.46 -10.46
CA LEU D 458 25.50 29.89 -11.62
C LEU D 458 24.62 28.69 -11.28
N VAL D 459 25.11 27.79 -10.41
CA VAL D 459 24.33 26.60 -10.11
C VAL D 459 23.11 26.95 -9.24
N LEU D 460 23.21 27.98 -8.41
CA LEU D 460 22.02 28.38 -7.64
C LEU D 460 21.03 29.16 -8.50
N GLY D 461 21.52 30.02 -9.40
CA GLY D 461 20.62 30.73 -10.28
C GLY D 461 19.92 29.84 -11.27
N TRP D 462 20.51 28.69 -11.60
CA TRP D 462 19.81 27.75 -12.45
C TRP D 462 18.98 26.72 -11.70
N CYS D 463 19.30 26.43 -10.44
CA CYS D 463 18.40 25.61 -9.65
C CYS D 463 17.25 26.40 -9.05
N SER D 464 17.23 27.72 -9.19
CA SER D 464 16.13 28.54 -8.70
C SER D 464 15.04 28.80 -9.72
N VAL D 465 15.02 28.08 -10.84
CA VAL D 465 13.91 28.25 -11.78
C VAL D 465 12.66 27.53 -11.28
N MET D 466 12.81 26.62 -10.31
CA MET D 466 11.72 25.82 -9.74
C MET D 466 10.63 26.65 -9.08
N TYR D 467 10.88 27.93 -8.76
CA TYR D 467 9.84 28.78 -8.21
C TYR D 467 8.73 29.05 -9.22
N PHE D 468 9.05 29.00 -10.51
CA PHE D 468 8.05 29.18 -11.55
C PHE D 468 7.37 27.87 -11.94
N ALA D 469 7.35 26.89 -11.05
CA ALA D 469 6.61 25.65 -11.23
C ALA D 469 5.53 25.52 -10.17
N ARG D 470 4.85 26.63 -9.88
CA ARG D 470 3.72 26.63 -8.97
C ARG D 470 2.38 26.63 -9.70
N GLY D 471 2.29 27.36 -10.81
CA GLY D 471 1.04 27.52 -11.52
C GLY D 471 0.70 26.43 -12.50
N PHE D 472 1.51 25.39 -12.63
CA PHE D 472 1.28 24.33 -13.59
C PHE D 472 0.99 23.04 -12.83
N GLN D 473 -0.16 22.41 -13.12
CA GLN D 473 -0.58 21.24 -12.37
C GLN D 473 0.24 20.00 -12.68
N MET D 474 1.07 20.02 -13.71
CA MET D 474 2.02 18.93 -13.92
C MET D 474 3.14 19.00 -12.90
N LEU D 475 3.90 20.09 -12.91
CA LEU D 475 5.03 20.29 -12.01
C LEU D 475 4.62 20.84 -10.65
N GLY D 476 3.34 20.78 -10.33
CA GLY D 476 2.85 21.29 -9.07
C GLY D 476 3.24 20.45 -7.87
N PRO D 477 2.66 19.25 -7.75
CA PRO D 477 2.94 18.44 -6.56
C PRO D 477 4.32 17.81 -6.54
N PHE D 478 5.02 17.76 -7.67
CA PHE D 478 6.31 17.10 -7.67
C PHE D 478 7.38 17.94 -6.98
N THR D 479 7.35 19.27 -7.16
CA THR D 479 8.35 20.10 -6.48
C THR D 479 8.06 20.20 -4.99
N ILE D 480 6.79 20.07 -4.58
CA ILE D 480 6.47 19.94 -3.17
C ILE D 480 6.99 18.63 -2.63
N MET D 481 6.91 17.55 -3.44
CA MET D 481 7.42 16.27 -3.00
C MET D 481 8.94 16.28 -2.85
N ILE D 482 9.66 16.98 -3.73
CA ILE D 482 11.10 16.97 -3.59
C ILE D 482 11.55 17.91 -2.46
N GLN D 483 10.84 19.03 -2.24
CA GLN D 483 11.15 19.89 -1.11
C GLN D 483 10.78 19.26 0.22
N LYS D 484 9.80 18.35 0.23
CA LYS D 484 9.50 17.60 1.43
C LYS D 484 10.50 16.48 1.65
N MET D 485 10.92 15.84 0.55
CA MET D 485 11.78 14.67 0.64
C MET D 485 13.17 15.02 1.11
N ILE D 486 13.69 16.20 0.72
CA ILE D 486 15.02 16.62 1.18
C ILE D 486 15.05 16.74 2.70
N PHE D 487 14.27 17.67 3.24
CA PHE D 487 14.27 17.93 4.68
C PHE D 487 13.59 16.85 5.50
N GLY D 488 12.94 15.87 4.87
CA GLY D 488 12.35 14.79 5.64
C GLY D 488 13.17 13.52 5.68
N ASP D 489 13.79 13.14 4.56
CA ASP D 489 14.54 11.89 4.52
C ASP D 489 16.03 12.06 4.31
N LEU D 490 16.48 13.06 3.54
CA LEU D 490 17.91 13.17 3.31
C LEU D 490 18.62 13.71 4.55
N MET D 491 17.92 14.52 5.34
CA MET D 491 18.43 14.95 6.63
C MET D 491 18.56 13.80 7.62
N ARG D 492 17.67 12.81 7.53
CA ARG D 492 17.75 11.63 8.38
C ARG D 492 18.79 10.65 7.88
N PHE D 493 19.06 10.67 6.58
CA PHE D 493 19.92 9.68 5.97
C PHE D 493 21.39 10.09 5.90
N CYS D 494 21.70 11.37 5.74
CA CYS D 494 23.10 11.73 5.63
C CYS D 494 23.80 11.74 6.98
N TRP D 495 23.06 11.91 8.08
CA TRP D 495 23.66 11.76 9.40
C TRP D 495 24.03 10.33 9.74
N LEU D 496 23.57 9.33 8.96
CA LEU D 496 23.98 7.94 9.11
C LEU D 496 24.70 7.42 7.87
N MET D 497 24.89 8.24 6.86
CA MET D 497 25.85 7.96 5.81
C MET D 497 27.22 8.52 6.14
N ALA D 498 27.26 9.64 6.87
CA ALA D 498 28.52 10.29 7.19
C ALA D 498 29.38 9.43 8.12
N VAL D 499 28.76 8.76 9.09
CA VAL D 499 29.56 7.96 10.01
C VAL D 499 30.02 6.66 9.35
N VAL D 500 29.29 6.13 8.37
CA VAL D 500 29.71 4.93 7.68
C VAL D 500 30.87 5.21 6.73
N ILE D 501 30.77 6.30 5.95
CA ILE D 501 31.91 6.60 5.06
C ILE D 501 33.10 7.13 5.87
N LEU D 502 32.87 7.78 7.00
CA LEU D 502 33.96 8.23 7.85
C LEU D 502 34.59 7.09 8.63
N GLY D 503 33.88 5.98 8.79
CA GLY D 503 34.49 4.83 9.41
C GLY D 503 35.10 3.84 8.45
N PHE D 504 34.71 3.90 7.18
CA PHE D 504 35.31 2.99 6.21
C PHE D 504 36.44 3.61 5.41
N ALA D 505 36.47 4.94 5.25
CA ALA D 505 37.58 5.56 4.53
C ALA D 505 38.88 5.46 5.30
N SER D 506 38.81 5.52 6.63
CA SER D 506 40.01 5.37 7.45
C SER D 506 40.55 3.94 7.37
N ALA D 507 39.67 2.95 7.32
CA ALA D 507 40.11 1.56 7.18
C ALA D 507 40.73 1.32 5.80
N PHE D 508 40.13 1.91 4.76
CA PHE D 508 40.71 1.80 3.42
C PHE D 508 42.06 2.51 3.33
N HIS D 509 42.25 3.59 4.09
CA HIS D 509 43.54 4.27 4.08
C HIS D 509 44.59 3.50 4.85
N ILE D 510 44.21 2.85 5.96
CA ILE D 510 45.17 2.10 6.76
C ILE D 510 45.60 0.84 6.03
N THR D 511 44.69 0.21 5.28
CA THR D 511 45.08 -0.94 4.47
C THR D 511 45.98 -0.58 3.30
N PHE D 512 46.01 0.69 2.87
CA PHE D 512 46.69 1.08 1.65
C PHE D 512 47.68 2.21 1.85
N GLN D 513 48.27 2.33 3.04
CA GLN D 513 49.35 3.28 3.23
C GLN D 513 50.72 2.60 3.25
N THR D 514 50.76 1.29 3.02
CA THR D 514 52.01 0.55 2.88
C THR D 514 52.21 0.03 1.46
N GLU D 515 51.54 0.67 0.48
CA GLU D 515 51.64 0.22 -0.91
C GLU D 515 52.09 1.36 -1.82
N ASP D 516 52.01 1.14 -3.12
CA ASP D 516 52.45 2.15 -4.08
C ASP D 516 51.27 2.94 -4.63
N PRO D 517 51.46 4.25 -4.87
CA PRO D 517 50.40 5.04 -5.51
C PRO D 517 50.50 5.02 -7.03
N ASN D 518 51.30 4.09 -7.58
CA ASN D 518 51.44 3.95 -9.02
C ASN D 518 50.40 3.02 -9.62
N ASN D 519 50.07 1.94 -8.92
CA ASN D 519 49.07 0.99 -9.39
C ASN D 519 47.66 1.36 -8.96
N LEU D 520 47.49 1.78 -7.71
CA LEU D 520 46.20 2.20 -7.17
C LEU D 520 46.22 3.70 -6.96
N GLY D 521 45.50 4.43 -7.81
CA GLY D 521 45.48 5.88 -7.70
C GLY D 521 44.70 6.35 -6.50
N GLU D 522 43.63 5.66 -6.15
CA GLU D 522 42.89 6.00 -4.95
C GLU D 522 43.66 5.59 -3.71
N PHE D 523 43.17 6.06 -2.56
CA PHE D 523 43.70 5.74 -1.22
C PHE D 523 45.17 6.10 -1.09
N SER D 524 45.46 7.38 -1.35
CA SER D 524 46.81 7.92 -1.19
C SER D 524 46.92 8.82 0.03
N ASP D 525 46.10 9.86 0.10
CA ASP D 525 46.00 10.65 1.31
C ASP D 525 44.55 10.60 1.81
N TYR D 526 44.32 11.21 2.95
CA TYR D 526 43.02 11.12 3.60
C TYR D 526 41.85 11.81 2.90
N PRO D 527 41.94 13.05 2.38
CA PRO D 527 40.76 13.60 1.70
C PRO D 527 40.38 12.89 0.41
N THR D 528 41.35 12.46 -0.39
CA THR D 528 40.98 11.68 -1.57
C THR D 528 40.52 10.27 -1.19
N ALA D 529 40.99 9.74 -0.06
CA ALA D 529 40.45 8.46 0.43
C ALA D 529 39.00 8.61 0.85
N LEU D 530 38.66 9.73 1.51
CA LEU D 530 37.29 10.00 1.92
C LEU D 530 36.37 10.19 0.73
N PHE D 531 36.84 10.97 -0.26
CA PHE D 531 36.04 11.19 -1.47
C PHE D 531 35.82 9.91 -2.26
N SER D 532 36.85 9.06 -2.36
CA SER D 532 36.69 7.82 -3.11
C SER D 532 35.84 6.81 -2.34
N THR D 533 35.85 6.85 -1.01
CA THR D 533 34.96 5.98 -0.26
C THR D 533 33.50 6.40 -0.42
N PHE D 534 33.25 7.72 -0.46
CA PHE D 534 31.89 8.20 -0.72
C PHE D 534 31.42 7.86 -2.14
N GLU D 535 32.34 7.93 -3.11
CA GLU D 535 31.98 7.59 -4.48
C GLU D 535 31.72 6.09 -4.64
N LEU D 536 32.48 5.25 -3.94
CA LEU D 536 32.17 3.83 -3.93
C LEU D 536 30.89 3.54 -3.17
N PHE D 537 30.51 4.40 -2.23
CA PHE D 537 29.23 4.25 -1.56
C PHE D 537 28.07 4.46 -2.52
N LEU D 538 28.15 5.48 -3.37
CA LEU D 538 27.05 5.70 -4.32
C LEU D 538 27.21 4.97 -5.64
N THR D 539 28.27 4.14 -5.78
CA THR D 539 28.58 3.31 -6.95
C THR D 539 28.69 4.09 -8.26
N ILE D 540 28.98 5.40 -8.21
CA ILE D 540 29.10 6.14 -9.46
C ILE D 540 30.45 5.84 -10.10
N ILE D 541 31.43 5.49 -9.29
CA ILE D 541 32.73 5.06 -9.78
C ILE D 541 32.83 3.56 -9.58
N ASP D 542 33.73 2.93 -10.34
CA ASP D 542 33.93 1.49 -10.25
C ASP D 542 34.79 1.15 -9.05
N GLY D 543 34.70 -0.11 -8.61
CA GLY D 543 35.53 -0.62 -7.56
C GLY D 543 36.98 -0.67 -8.02
N PRO D 544 37.91 -0.35 -7.13
CA PRO D 544 39.33 -0.34 -7.52
C PRO D 544 39.86 -1.76 -7.68
N ALA D 545 40.38 -2.06 -8.87
CA ALA D 545 40.89 -3.38 -9.18
C ALA D 545 42.02 -3.23 -10.19
N ASN D 546 43.15 -3.88 -9.90
CA ASN D 546 44.28 -3.89 -10.82
C ASN D 546 45.07 -5.16 -10.57
N TYR D 547 45.04 -6.08 -11.54
CA TYR D 547 45.62 -7.41 -11.40
C TYR D 547 47.03 -7.50 -11.97
N SER D 548 47.69 -6.37 -12.15
CA SER D 548 49.12 -6.35 -12.37
C SER D 548 49.89 -6.47 -11.06
N VAL D 549 49.21 -6.38 -9.93
CA VAL D 549 49.80 -6.50 -8.60
C VAL D 549 48.94 -7.43 -7.78
N ASP D 550 49.25 -7.58 -6.48
CA ASP D 550 48.47 -8.40 -5.58
C ASP D 550 48.01 -7.55 -4.40
N LEU D 551 46.70 -7.41 -4.26
CA LEU D 551 46.06 -6.61 -3.23
C LEU D 551 46.04 -7.36 -1.90
N PRO D 552 46.07 -6.64 -0.78
CA PRO D 552 46.07 -7.32 0.51
C PRO D 552 44.73 -7.95 0.89
N PHE D 553 44.85 -9.05 1.64
CA PHE D 553 43.70 -9.82 2.10
C PHE D 553 42.78 -8.99 2.99
N MET D 554 43.35 -8.05 3.76
CA MET D 554 42.55 -7.21 4.64
C MET D 554 41.68 -6.25 3.84
N TYR D 555 42.23 -5.66 2.77
CA TYR D 555 41.42 -4.85 1.87
C TYR D 555 40.33 -5.68 1.21
N CYS D 556 40.66 -6.92 0.81
CA CYS D 556 39.67 -7.77 0.14
C CYS D 556 38.50 -8.11 1.07
N ILE D 557 38.79 -8.47 2.33
CA ILE D 557 37.70 -8.86 3.23
C ILE D 557 36.90 -7.63 3.69
N THR D 558 37.56 -6.48 3.91
CA THR D 558 36.77 -5.33 4.32
C THR D 558 36.00 -4.72 3.16
N TYR D 559 36.41 -4.95 1.91
CA TYR D 559 35.59 -4.52 0.80
C TYR D 559 34.40 -5.46 0.59
N ALA D 560 34.61 -6.77 0.78
CA ALA D 560 33.49 -7.70 0.68
C ALA D 560 32.50 -7.54 1.83
N ALA D 561 32.90 -6.93 2.95
CA ALA D 561 31.92 -6.53 3.95
C ALA D 561 31.28 -5.18 3.64
N PHE D 562 32.06 -4.24 3.08
CA PHE D 562 31.54 -2.92 2.72
C PHE D 562 30.44 -3.01 1.68
N ALA D 563 30.52 -3.99 0.77
CA ALA D 563 29.48 -4.17 -0.25
C ALA D 563 28.12 -4.46 0.39
N ILE D 564 28.01 -5.59 1.09
CA ILE D 564 26.72 -6.03 1.62
C ILE D 564 26.38 -5.40 2.96
N ILE D 565 27.15 -4.40 3.39
CA ILE D 565 26.75 -3.57 4.52
C ILE D 565 26.33 -2.18 4.09
N ALA D 566 27.00 -1.58 3.11
CA ALA D 566 26.77 -0.19 2.79
C ALA D 566 26.21 0.07 1.41
N THR D 567 26.13 -0.92 0.52
CA THR D 567 25.59 -0.67 -0.80
C THR D 567 24.39 -1.53 -1.14
N LEU D 568 24.42 -2.82 -0.81
CA LEU D 568 23.26 -3.67 -1.03
C LEU D 568 22.13 -3.31 -0.07
N LEU D 569 22.43 -2.93 1.17
CA LEU D 569 21.41 -2.76 2.18
C LEU D 569 20.90 -1.33 2.30
N MET D 570 21.78 -0.38 2.60
CA MET D 570 21.32 0.95 3.00
C MET D 570 20.84 1.76 1.79
N LEU D 571 21.55 1.64 0.67
CA LEU D 571 21.15 2.28 -0.56
C LEU D 571 19.86 1.69 -1.13
N ASN D 572 19.51 0.46 -0.76
CA ASN D 572 18.24 -0.11 -1.17
C ASN D 572 17.17 -0.01 -0.09
N LEU D 573 17.51 0.47 1.11
CA LEU D 573 16.51 0.81 2.09
C LEU D 573 16.04 2.25 1.94
N PHE D 574 16.89 3.11 1.37
CA PHE D 574 16.48 4.48 1.09
C PHE D 574 15.31 4.53 0.12
N ILE D 575 15.28 3.62 -0.85
CA ILE D 575 14.20 3.60 -1.84
C ILE D 575 12.88 3.22 -1.18
N ALA D 576 12.92 2.26 -0.25
CA ALA D 576 11.70 1.88 0.46
C ALA D 576 11.21 2.97 1.40
N MET D 577 12.12 3.68 2.05
CA MET D 577 11.70 4.76 2.96
C MET D 577 11.07 5.92 2.19
N MET D 578 11.69 6.34 1.09
CA MET D 578 11.06 7.39 0.30
C MET D 578 9.93 6.86 -0.58
N GLY D 579 9.68 5.56 -0.60
CA GLY D 579 8.43 5.05 -1.13
C GLY D 579 7.29 5.18 -0.14
N ASP D 580 7.55 4.87 1.13
CA ASP D 580 6.47 4.98 2.10
C ASP D 580 6.16 6.42 2.49
N THR D 581 7.14 7.32 2.47
CA THR D 581 6.82 8.73 2.66
C THR D 581 5.95 9.25 1.52
N HIS D 582 6.24 8.81 0.29
CA HIS D 582 5.42 9.18 -0.86
C HIS D 582 4.04 8.57 -0.81
N TRP D 583 3.91 7.41 -0.17
CA TRP D 583 2.57 6.83 -0.01
C TRP D 583 1.77 7.57 1.05
N ARG D 584 2.42 8.05 2.10
CA ARG D 584 1.69 8.66 3.22
C ARG D 584 1.44 10.15 3.08
N VAL D 585 2.19 10.86 2.23
CA VAL D 585 2.10 12.31 2.15
C VAL D 585 1.54 12.56 0.74
N ALA D 586 0.63 11.68 0.32
CA ALA D 586 -0.01 11.80 -0.98
C ALA D 586 -1.28 12.63 -0.96
N GLN D 587 -1.55 13.32 0.14
CA GLN D 587 -2.67 14.26 0.19
C GLN D 587 -2.28 15.62 0.77
N GLU D 588 -1.16 15.72 1.49
CA GLU D 588 -0.67 17.01 1.92
C GLU D 588 -0.21 17.85 0.73
N ARG D 589 0.36 17.22 -0.30
CA ARG D 589 0.75 17.97 -1.50
C ARG D 589 -0.48 18.48 -2.26
N ASP D 590 -1.54 17.67 -2.36
CA ASP D 590 -2.75 18.09 -3.04
C ASP D 590 -3.62 19.02 -2.19
N GLU D 591 -3.34 19.14 -0.90
CA GLU D 591 -4.01 20.11 -0.05
C GLU D 591 -3.15 21.34 0.21
N LEU D 592 -1.90 21.33 -0.21
CA LEU D 592 -1.00 22.46 -0.09
C LEU D 592 -0.77 23.20 -1.39
N TRP D 593 -0.97 22.53 -2.53
CA TRP D 593 -0.74 23.19 -3.81
C TRP D 593 -1.74 24.31 -4.07
N ARG D 594 -3.00 24.11 -3.66
CA ARG D 594 -4.00 25.16 -3.83
C ARG D 594 -3.68 26.36 -2.97
N ALA D 595 -3.17 26.13 -1.76
CA ALA D 595 -2.80 27.23 -0.89
C ALA D 595 -1.63 28.02 -1.44
N GLN D 596 -0.65 27.33 -2.05
CA GLN D 596 0.45 28.11 -2.61
C GLN D 596 0.08 28.79 -3.93
N VAL D 597 -0.91 28.29 -4.67
CA VAL D 597 -1.29 29.05 -5.85
C VAL D 597 -2.15 30.27 -5.47
N VAL D 598 -2.91 30.20 -4.37
CA VAL D 598 -3.59 31.41 -3.88
C VAL D 598 -2.57 32.40 -3.32
N ALA D 599 -1.47 31.89 -2.75
CA ALA D 599 -0.39 32.77 -2.30
C ALA D 599 0.24 33.55 -3.44
N THR D 600 0.51 32.88 -4.58
CA THR D 600 1.05 33.63 -5.71
C THR D 600 0.05 34.59 -6.32
N THR D 601 -1.25 34.25 -6.33
CA THR D 601 -2.26 35.19 -6.82
C THR D 601 -2.32 36.45 -5.97
N VAL D 602 -2.31 36.29 -4.64
CA VAL D 602 -2.34 37.45 -3.73
C VAL D 602 -1.07 38.28 -3.85
N MET D 603 0.09 37.64 -4.00
CA MET D 603 1.34 38.38 -4.15
C MET D 603 1.36 39.21 -5.43
N LEU D 604 0.92 38.63 -6.56
CA LEU D 604 0.90 39.42 -7.79
C LEU D 604 -0.16 40.52 -7.75
N GLU D 605 -1.31 40.26 -7.11
CA GLU D 605 -2.35 41.28 -6.98
C GLU D 605 -1.89 42.45 -6.13
N ARG D 606 -1.06 42.19 -5.12
CA ARG D 606 -0.48 43.28 -4.36
C ARG D 606 0.65 43.99 -5.11
N LYS D 607 1.43 43.25 -5.90
CA LYS D 607 2.64 43.84 -6.47
C LYS D 607 2.36 44.65 -7.73
N MET D 608 1.70 44.04 -8.72
CA MET D 608 1.55 44.69 -10.01
C MET D 608 0.51 45.82 -9.93
N PRO D 609 0.65 46.86 -10.75
CA PRO D 609 -0.20 48.05 -10.61
C PRO D 609 -1.67 47.80 -10.92
N ARG D 610 -2.49 48.70 -10.39
CA ARG D 610 -3.93 48.53 -10.38
C ARG D 610 -4.62 49.17 -11.57
N PHE D 611 -3.85 49.71 -12.52
CA PHE D 611 -4.41 49.98 -13.83
C PHE D 611 -4.42 48.73 -14.70
N LEU D 612 -3.66 47.72 -14.29
CA LEU D 612 -3.58 46.43 -14.96
C LEU D 612 -4.21 45.31 -14.15
N TRP D 613 -4.44 45.54 -12.85
CA TRP D 613 -5.15 44.62 -11.96
C TRP D 613 -6.44 45.26 -11.45
N PRO D 614 -7.53 45.16 -12.22
CA PRO D 614 -8.80 45.73 -11.77
C PRO D 614 -9.48 44.90 -10.68
N ARG D 615 -10.71 45.29 -10.33
CA ARG D 615 -11.44 44.65 -9.24
C ARG D 615 -11.91 43.25 -9.63
N SER D 616 -12.65 42.64 -8.71
CA SER D 616 -13.27 41.34 -8.95
C SER D 616 -14.74 41.43 -8.60
N GLY D 617 -15.56 40.74 -9.38
CA GLY D 617 -16.99 40.75 -9.18
C GLY D 617 -17.65 41.99 -9.75
N ILE D 618 -18.98 41.95 -9.76
CA ILE D 618 -19.81 43.02 -10.31
C ILE D 618 -19.75 44.24 -9.41
N CYS D 619 -20.23 45.38 -9.91
CA CYS D 619 -20.33 46.58 -9.10
C CYS D 619 -21.71 46.65 -8.47
N GLY D 620 -21.95 47.71 -7.71
CA GLY D 620 -23.23 47.90 -7.08
C GLY D 620 -23.68 49.35 -7.13
N TYR D 621 -22.91 50.19 -7.81
CA TYR D 621 -23.26 51.59 -7.91
C TYR D 621 -24.24 51.86 -9.05
N GLU D 622 -24.14 51.10 -10.14
CA GLU D 622 -25.01 51.24 -11.30
C GLU D 622 -26.18 50.28 -11.27
N TYR D 623 -26.48 49.69 -10.10
CA TYR D 623 -27.55 48.71 -9.98
C TYR D 623 -28.41 48.99 -8.75
N GLY D 624 -28.35 50.19 -8.21
CA GLY D 624 -29.22 50.55 -7.11
C GLY D 624 -28.83 49.99 -5.76
N LEU D 625 -27.55 49.67 -5.55
CA LEU D 625 -27.08 49.19 -4.26
C LEU D 625 -26.10 50.16 -3.61
N GLY D 626 -25.00 50.50 -4.29
CA GLY D 626 -24.14 51.56 -3.83
C GLY D 626 -22.87 51.13 -3.10
N ASP D 627 -21.75 51.11 -3.85
CA ASP D 627 -20.39 50.99 -3.31
C ASP D 627 -20.18 49.70 -2.53
N ARG D 628 -20.74 48.61 -3.04
CA ARG D 628 -20.53 47.29 -2.43
C ARG D 628 -20.36 46.30 -3.58
N TRP D 629 -19.13 45.90 -3.84
CA TRP D 629 -18.87 44.97 -4.93
C TRP D 629 -19.36 43.58 -4.54
N PHE D 630 -20.17 42.99 -5.41
CA PHE D 630 -20.81 41.70 -5.14
C PHE D 630 -20.19 40.60 -5.98
N LEU D 631 -20.72 39.40 -5.81
CA LEU D 631 -20.39 38.23 -6.61
C LEU D 631 -21.67 37.45 -6.82
N ARG D 632 -21.75 36.74 -7.94
CA ARG D 632 -22.98 36.01 -8.26
C ARG D 632 -22.60 34.60 -8.72
N VAL D 633 -22.53 33.67 -7.77
CA VAL D 633 -22.15 32.30 -8.07
C VAL D 633 -23.41 31.48 -8.28
N GLU D 634 -23.52 30.85 -9.46
CA GLU D 634 -24.64 29.99 -9.76
C GLU D 634 -24.43 28.65 -9.08
N ASN D 635 -25.54 28.04 -8.65
CA ASN D 635 -25.47 26.83 -7.85
C ASN D 635 -26.46 25.81 -8.38
N HIS D 636 -26.31 24.56 -7.93
CA HIS D 636 -27.21 23.49 -8.35
C HIS D 636 -27.20 22.40 -7.30
N HIS D 637 -28.35 22.12 -6.71
CA HIS D 637 -28.51 21.02 -5.77
C HIS D 637 -29.52 20.03 -6.33
N ASP D 638 -29.91 19.06 -5.49
CA ASP D 638 -30.76 17.91 -5.85
C ASP D 638 -30.17 17.12 -7.02
C02 O6S E . 12.66 -37.84 -4.09
C03 O6S E . 13.26 -36.56 -4.60
C04 O6S E . 14.50 -36.71 -5.52
C06 O6S E . 16.76 -36.74 -4.44
C08 O6S E . 18.01 -35.98 -3.99
C10 O6S E . 16.89 -34.03 -4.46
C11 O6S E . 17.13 -32.67 -4.55
C12 O6S E . 16.36 -31.93 -5.43
C13 O6S E . 15.39 -32.55 -6.17
C14 O6S E . 15.15 -33.90 -6.08
C15 O6S E . 15.93 -34.67 -5.21
C17 O6S E . 11.01 -37.91 -5.88
C18 O6S E . 9.81 -37.11 -5.32
C20 O6S E . 8.68 -35.34 -4.37
C22 O6S E . 6.78 -34.02 -3.48
C23 O6S E . 6.34 -35.22 -3.92
C24 O6S E . 4.98 -35.71 -3.91
C25 O6S E . 4.41 -36.27 -2.77
C26 O6S E . 3.12 -36.76 -2.79
C27 O6S E . 2.35 -36.69 -3.94
C28 O6S E . 2.91 -36.15 -5.08
C29 O6S E . 4.20 -35.67 -5.07
C30 O6S E . 7.46 -35.98 -4.45
C31 O6S E . 7.40 -37.30 -5.01
N05 O6S E . 15.71 -36.06 -5.07
N19 O6S E . 9.91 -35.88 -4.80
N33 O6S E . 8.65 -37.79 -5.43
O01 O6S E . 12.95 -38.32 -2.98
O07 O6S E . 16.67 -37.97 -4.27
O09 O6S E . 17.70 -34.70 -3.57
O16 O6S E . 11.76 -38.54 -4.86
O32 O6S E . 6.43 -38.02 -5.16
S21 O6S E . 8.48 -33.80 -3.65
C02 O6S F . 12.21 -15.48 -22.66
C03 O6S F . 11.24 -15.62 -23.80
C04 O6S F . 11.44 -16.89 -24.72
C06 O6S F . 12.15 -19.10 -23.68
C08 O6S F . 11.77 -20.45 -23.08
C10 O6S F . 9.60 -20.11 -23.79
C11 O6S F . 8.35 -20.69 -23.67
C12 O6S F . 7.24 -19.87 -23.78
C13 O6S F . 7.40 -18.53 -23.99
C14 O6S F . 8.65 -17.95 -24.11
C15 O6S F . 9.79 -18.75 -24.00
C17 O6S F . 11.38 -14.96 -20.37
C18 O6S F . 12.04 -16.18 -19.75
C20 O6S F . 12.20 -18.21 -18.68
C22 O6S F . 13.26 -20.23 -17.69
C23 O6S F . 14.22 -19.41 -18.20
C24 O6S F . 15.65 -19.60 -18.24
C25 O6S F . 16.51 -18.97 -17.34
C26 O6S F . 17.87 -19.18 -17.44
C27 O6S F . 18.40 -19.99 -18.44
C28 O6S F . 17.55 -20.62 -19.34
C29 O6S F . 16.18 -20.41 -19.24
C30 O6S F . 13.58 -18.23 -18.78
C31 O6S F . 14.26 -17.13 -19.43
N05 O6S F . 11.13 -18.22 -24.12
N19 O6S F . 11.39 -17.18 -19.16
N33 O6S F . 13.40 -16.14 -19.87
O01 O6S F . 13.26 -16.14 -22.60
O07 O6S F . 13.33 -18.74 -23.77
O09 O6S F . 10.65 -21.00 -23.68
O16 O6S F . 11.97 -14.60 -21.64
O32 O6S F . 15.45 -16.96 -19.61
S21 O6S F . 11.66 -19.63 -17.89
C02 O6S G . -5.38 -1.09 -39.77
C03 O6S G . -4.14 -0.84 -38.95
C04 O6S G . -2.87 -0.47 -39.78
C06 O6S G . -1.37 -2.34 -40.57
C08 O6S G . -0.16 -3.21 -40.32
C10 O6S G . -0.03 -2.35 -38.20
C11 O6S G . 0.80 -2.36 -37.10
C12 O6S G . 0.80 -1.25 -36.28
C13 O6S G . -0.04 -0.19 -36.54
C14 O6S G . -0.87 -0.19 -37.65
C15 O6S G . -0.88 -1.29 -38.50
C17 O6S G . -6.18 1.20 -39.45
C18 O6S G . -6.97 1.13 -38.14
C20 O6S G . -7.43 0.68 -35.92
C22 O6S G . -8.71 0.59 -33.80
C23 O6S G . -9.47 1.18 -34.76
C24 O6S G . -10.82 1.68 -34.63
C25 O6S G . -11.92 0.84 -34.69
C26 O6S G . -13.20 1.35 -34.58
C27 O6S G . -13.42 2.70 -34.41
C28 O6S G . -12.33 3.55 -34.34
C29 O6S G . -11.04 3.05 -34.46
C30 O6S G . -8.70 1.22 -35.99
C31 O6S G . -9.16 1.76 -37.25
N05 O6S G . -1.72 -1.34 -39.63
N19 O6S G . -6.52 0.62 -36.99
N33 O6S G . -8.22 1.68 -38.28
O01 O6S G . -5.74 -2.22 -40.12
O07 O6S G . -2.08 -2.46 -41.58
O09 O6S G . 0.02 -3.48 -38.96
O16 O6S G . -6.18 -0.04 -40.15
O32 O6S G . -10.24 2.28 -37.51
S21 O6S G . -7.15 0.11 -34.34
C02 O6S H . 10.66 16.31 -22.90
C03 O6S H . 10.18 17.73 -22.80
C04 O6S H . 10.08 18.50 -24.17
C06 O6S H . 9.32 17.27 -26.26
C08 O6S H . 8.19 16.86 -27.20
C10 O6S H . 6.79 18.34 -26.12
C11 O6S H . 5.45 18.71 -26.10
C12 O6S H . 4.94 19.23 -24.92
C13 O6S H . 5.76 19.37 -23.82
C14 O6S H . 7.09 19.01 -23.85
C15 O6S H . 7.63 18.46 -25.03
C17 O6S H . 9.44 14.51 -21.67
C18 O6S H . 9.22 13.68 -22.93
C20 O6S H . 8.07 12.63 -24.62
C22 O6S H . 7.69 11.31 -26.69
C23 O6S H . 9.02 11.42 -26.44
C24 O6S H . 10.13 10.90 -27.22
C25 O6S H . 10.83 9.75 -26.86
C26 O6S H . 11.89 9.32 -27.63
C27 O6S H . 12.29 10.04 -28.75
C28 O6S H . 11.61 11.19 -29.10
C29 O6S H . 10.54 11.62 -28.34
C30 O6S H . 9.22 12.20 -25.23
C31 O6S H . 10.50 12.53 -24.64
N05 O6S H . 9.03 18.07 -25.13
N19 O6S H . 8.03 13.39 -23.44
N33 O6S H . 10.40 13.28 -23.49
O01 O6S H . 11.21 15.85 -23.90
O07 O6S H . 10.49 16.90 -26.44
O09 O6S H . 7.22 17.83 -27.32
O16 O6S H . 10.51 15.47 -21.82
O32 O6S H . 11.63 12.26 -25.03
S21 O6S H . 6.71 12.10 -25.51
C02 O6S I . 26.40 2.06 30.10
C03 O6S I . 26.62 1.88 28.61
C04 O6S I . 28.09 1.64 28.18
C06 O6S I . 29.51 3.65 27.63
C08 O6S I . 30.05 4.60 26.58
C10 O6S I . 28.59 3.68 25.07
C11 O6S I . 28.31 3.71 23.72
C12 O6S I . 27.77 2.57 23.14
C13 O6S I . 27.51 1.46 23.91
C14 O6S I . 27.80 1.43 25.26
C15 O6S I . 28.36 2.57 25.86
C17 O6S I . 25.83 -0.29 30.41
C18 O6S I . 24.31 -0.34 30.16
C20 O6S I . 22.29 -0.01 29.07
C22 O6S I . 19.85 -0.07 28.64
C23 O6S I . 20.13 -0.68 29.83
C24 O6S I . 19.19 -1.30 30.75
C25 O6S I . 18.47 -0.54 31.65
C26 O6S I . 17.58 -1.15 32.54
C27 O6S I . 17.42 -2.53 32.53
C28 O6S I . 18.15 -3.28 31.64
C29 O6S I . 19.03 -2.68 30.76
C30 O6S I . 21.56 -0.63 30.06
C31 O6S I . 22.25 -1.16 31.20
N05 O6S I . 28.65 2.59 27.24
N19 O6S I . 23.69 0.16 29.09
N33 O6S I . 23.65 -0.97 31.16
O01 O6S I . 26.34 3.18 30.63
O07 O6S I . 29.81 3.74 28.83
O09 O6S I . 29.13 4.84 25.57
O16 O6S I . 26.25 0.97 30.91
O32 O6S I . 21.79 -1.74 32.17
S21 O6S I . 21.24 0.54 27.84
C02 O6S J . 25.41 -14.63 6.32
C03 O6S J . 25.15 -16.10 6.57
C04 O6S J . 26.18 -16.82 7.52
C06 O6S J . 27.16 -15.57 9.51
C08 O6S J . 27.11 -15.22 10.99
C10 O6S J . 25.50 -16.84 11.29
C11 O6S J . 24.63 -17.31 12.27
C12 O6S J . 23.45 -17.90 11.87
C13 O6S J . 23.16 -18.03 10.53
C14 O6S J . 24.03 -17.56 9.56
C15 O6S J . 25.22 -16.94 9.93
C17 O6S J . 23.55 -12.98 6.52
C18 O6S J . 24.30 -12.13 7.53
C20 O6S J . 24.75 -11.11 9.54
C22 O6S J . 25.97 -9.75 11.22
C23 O6S J . 26.65 -9.76 10.05
C24 O6S J . 27.92 -9.14 9.75
C25 O6S J . 28.01 -7.95 9.02
C26 O6S J . 29.25 -7.40 8.73
C27 O6S J . 30.42 -8.04 9.14
C28 O6S J . 30.33 -9.24 9.84
C29 O6S J . 29.09 -9.78 10.13
C30 O6S J . 25.94 -10.56 9.08
C31 O6S J . 26.34 -10.83 7.72
N05 O6S J . 26.18 -16.44 8.96
N19 O6S J . 23.89 -11.90 8.78
N33 O6S J . 25.45 -11.62 7.01
O01 O6S J . 26.50 -14.10 6.58
O07 O6S J . 28.03 -15.10 8.75
O09 O6S J . 26.64 -16.26 11.77
O16 O6S J . 24.44 -13.85 5.76
O32 O6S J . 27.35 -10.45 7.12
S21 O6S J . 24.50 -10.65 11.18
C02 O6S K . 8.36 38.81 -5.56
C03 O6S K . 9.22 37.59 -5.72
C04 O6S K . 10.71 37.87 -6.07
C06 O6S K . 11.36 38.03 -8.49
C08 O6S K . 11.88 37.34 -9.75
C10 O6S K . 11.65 35.33 -8.67
C11 O6S K . 11.98 34.00 -8.84
C12 O6S K . 12.21 33.24 -7.70
C13 O6S K . 12.09 33.80 -6.46
C14 O6S K . 11.77 35.14 -6.29
C15 O6S K . 11.55 35.93 -7.42
C17 O6S K . 8.64 38.82 -3.13
C18 O6S K . 7.51 37.91 -2.62
C20 O6S K . 6.18 36.03 -2.45
C22 O6S K . 4.37 34.54 -1.63
C23 O6S K . 4.34 35.72 -0.95
C24 O6S K . 3.41 36.11 0.09
C25 O6S K . 2.14 36.59 -0.21
C26 O6S K . 1.28 36.97 0.80
C27 O6S K . 1.67 36.89 2.13
C28 O6S K . 2.93 36.42 2.44
C29 O6S K . 3.80 36.04 1.43
C30 O6S K . 5.40 36.57 -1.45
C31 O6S K . 5.70 37.90 -0.98
N05 O6S K . 11.22 37.29 -7.31
N19 O6S K . 7.27 36.67 -3.07
N33 O6S K . 6.78 38.50 -1.63
O01 O6S K . 7.66 39.27 -6.48
O07 O6S K . 11.07 39.23 -8.48
O09 O6S K . 11.45 36.02 -9.83
O16 O6S K . 8.31 39.46 -4.35
O32 O6S K . 5.13 38.55 -0.12
S21 O6S K . 5.62 34.45 -2.81
C02 O6S L . 23.81 17.11 6.07
C03 O6S L . 24.04 17.21 7.56
C04 O6S L . 24.77 18.52 8.04
C06 O6S L . 24.28 20.74 6.91
C08 O6S L . 23.48 22.03 6.85
C10 O6S L . 22.64 21.56 8.95
C11 O6S L . 21.70 22.05 9.85
C12 O6S L . 21.12 21.15 10.73
C13 O6S L . 21.49 19.82 10.70
C14 O6S L . 22.43 19.35 9.81
C15 O6S L . 23.03 20.23 8.90
C17 O6S L . 21.57 16.44 5.19
C18 O6S L . 21.44 17.70 4.33
C20 O6S L . 20.59 19.69 3.59
C22 O6S L . 20.38 21.75 2.22
C23 O6S L . 21.44 21.02 1.79
C24 O6S L . 22.37 21.32 0.74
C25 O6S L . 22.30 20.72 -0.52
C26 O6S L . 23.24 21.03 -1.49
C27 O6S L . 24.28 21.92 -1.22
C28 O6S L . 24.36 22.51 0.03
C29 O6S L . 23.42 22.20 1.01
C30 O6S L . 21.55 19.82 2.61
C31 O6S L . 22.56 18.79 2.47
N05 O6S L . 24.03 19.81 7.94
N19 O6S L . 20.51 18.63 4.48
N33 O6S L . 22.42 17.76 3.38
O01 O6S L . 24.40 17.83 5.25
O07 O6S L . 25.14 20.46 6.05
O09 O6S L . 23.17 22.52 8.11
O16 O6S L . 22.96 16.18 5.57
O32 O6S L . 23.49 18.72 1.68
S21 O6S L . 19.53 21.04 3.54
#